data_1GL5
#
_entry.id   1GL5
#
_cell.length_a   1.000
_cell.length_b   1.000
_cell.length_c   1.000
_cell.angle_alpha   90.00
_cell.angle_beta   90.00
_cell.angle_gamma   90.00
#
_symmetry.space_group_name_H-M   'P 1'
#
_entity_poly.entity_id   1
_entity_poly.type   'polypeptide(L)'
_entity_poly.pdbx_seq_one_letter_code
;GSEIVVAMYDFQATEAHDLRLERGQEYIILEKNDLHWWRARDKYGSEGYIPSNYVTGKKSNNLDQYD
;
_entity_poly.pdbx_strand_id   A
#
# COMPACT_ATOMS: atom_id res chain seq x y z
N GLY A 1 -14.00 -1.17 -3.38
CA GLY A 1 -13.23 -1.96 -2.38
C GLY A 1 -12.11 -1.15 -1.76
N SER A 2 -11.76 -1.45 -0.51
CA SER A 2 -10.69 -0.73 0.16
C SER A 2 -9.85 -1.68 1.02
N GLU A 3 -8.82 -1.12 1.65
CA GLU A 3 -7.92 -1.89 2.52
C GLU A 3 -7.27 -3.04 1.79
N ILE A 4 -6.92 -2.82 0.53
CA ILE A 4 -6.29 -3.86 -0.27
C ILE A 4 -5.06 -3.34 -1.02
N VAL A 5 -4.23 -2.57 -0.33
CA VAL A 5 -3.03 -2.05 -0.95
C VAL A 5 -1.89 -3.05 -0.79
N VAL A 6 -1.81 -3.98 -1.72
CA VAL A 6 -0.79 -5.03 -1.69
C VAL A 6 0.57 -4.48 -2.14
N ALA A 7 1.52 -4.45 -1.23
CA ALA A 7 2.86 -3.95 -1.53
C ALA A 7 3.67 -4.97 -2.31
N MET A 8 4.06 -4.59 -3.53
CA MET A 8 4.85 -5.48 -4.38
C MET A 8 6.29 -5.02 -4.44
N TYR A 9 6.51 -3.72 -4.40
CA TYR A 9 7.85 -3.17 -4.46
C TYR A 9 8.36 -2.87 -3.05
N ASP A 10 9.67 -2.76 -2.91
CA ASP A 10 10.29 -2.48 -1.62
C ASP A 10 10.65 -1.01 -1.49
N PHE A 11 10.46 -0.46 -0.30
CA PHE A 11 10.81 0.93 -0.01
C PHE A 11 11.28 1.04 1.42
N GLN A 12 12.18 1.98 1.69
CA GLN A 12 12.73 2.16 3.04
C GLN A 12 12.34 3.49 3.65
N ALA A 13 11.76 3.42 4.84
CA ALA A 13 11.37 4.62 5.56
C ALA A 13 12.44 4.97 6.58
N THR A 14 13.07 6.11 6.41
CA THR A 14 14.12 6.53 7.32
C THR A 14 13.68 7.72 8.16
N GLU A 15 12.56 8.33 7.81
CA GLU A 15 12.06 9.47 8.57
C GLU A 15 10.95 9.04 9.53
N ALA A 16 9.69 9.21 9.11
CA ALA A 16 8.53 8.85 9.93
C ALA A 16 7.23 9.15 9.20
N HIS A 17 7.22 10.26 8.47
CA HIS A 17 6.03 10.66 7.72
C HIS A 17 5.72 9.65 6.64
N ASP A 18 6.76 9.25 5.91
CA ASP A 18 6.61 8.27 4.84
C ASP A 18 6.79 6.87 5.41
N LEU A 19 5.96 5.94 4.96
CA LEU A 19 6.06 4.57 5.43
C LEU A 19 6.82 3.72 4.42
N ARG A 20 7.36 2.60 4.87
CA ARG A 20 8.12 1.75 3.99
C ARG A 20 7.23 0.77 3.24
N LEU A 21 7.79 0.13 2.22
CA LEU A 21 7.06 -0.85 1.43
C LEU A 21 7.65 -2.24 1.65
N GLU A 22 6.84 -3.15 2.15
CA GLU A 22 7.28 -4.52 2.40
C GLU A 22 6.63 -5.45 1.40
N ARG A 23 7.45 -6.05 0.53
CA ARG A 23 6.96 -6.97 -0.49
C ARG A 23 6.29 -8.18 0.13
N GLY A 24 4.98 -8.26 -0.03
CA GLY A 24 4.25 -9.39 0.51
C GLY A 24 3.16 -8.97 1.48
N GLN A 25 3.39 -7.87 2.19
CA GLN A 25 2.41 -7.36 3.16
C GLN A 25 1.26 -6.64 2.48
N GLU A 26 0.05 -7.06 2.79
CA GLU A 26 -1.14 -6.42 2.25
C GLU A 26 -1.54 -5.28 3.18
N TYR A 27 -1.27 -4.07 2.73
CA TYR A 27 -1.54 -2.89 3.53
C TYR A 27 -3.00 -2.48 3.48
N ILE A 28 -3.32 -1.52 4.33
CA ILE A 28 -4.67 -0.99 4.43
C ILE A 28 -4.67 0.49 4.01
N ILE A 29 -5.30 0.80 2.88
CA ILE A 29 -5.32 2.16 2.42
C ILE A 29 -6.20 3.04 3.32
N LEU A 30 -5.63 4.14 3.78
CA LEU A 30 -6.34 5.07 4.66
C LEU A 30 -6.71 6.33 3.90
N GLU A 31 -5.71 6.97 3.30
CA GLU A 31 -5.92 8.21 2.55
C GLU A 31 -5.45 8.02 1.11
N LYS A 32 -5.98 8.83 0.19
CA LYS A 32 -5.60 8.74 -1.22
C LYS A 32 -4.62 9.84 -1.62
N ASN A 33 -5.15 10.88 -2.31
CA ASN A 33 -4.34 12.01 -2.81
C ASN A 33 -3.60 11.60 -4.08
N ASP A 34 -4.27 11.75 -5.23
CA ASP A 34 -3.71 11.39 -6.54
C ASP A 34 -3.45 9.88 -6.61
N LEU A 35 -2.69 9.45 -7.60
CA LEU A 35 -2.38 8.02 -7.76
C LEU A 35 -1.04 7.63 -7.14
N HIS A 36 -0.19 8.61 -6.90
CA HIS A 36 1.16 8.33 -6.39
C HIS A 36 1.23 8.20 -4.87
N TRP A 37 1.40 9.31 -4.17
CA TRP A 37 1.57 9.29 -2.72
C TRP A 37 0.26 9.20 -1.95
N TRP A 38 -0.09 7.99 -1.54
CA TRP A 38 -1.27 7.74 -0.72
C TRP A 38 -0.83 7.63 0.73
N ARG A 39 -1.74 7.27 1.60
CA ARG A 39 -1.42 7.08 3.00
C ARG A 39 -2.06 5.79 3.45
N ALA A 40 -1.25 4.77 3.70
CA ALA A 40 -1.79 3.47 4.10
C ALA A 40 -1.24 3.02 5.43
N ARG A 41 -1.78 1.92 5.91
CA ARG A 41 -1.37 1.35 7.18
C ARG A 41 -0.53 0.09 6.93
N ASP A 42 0.50 -0.07 7.75
CA ASP A 42 1.40 -1.21 7.64
C ASP A 42 0.76 -2.44 8.25
N LYS A 43 1.13 -2.75 9.48
CA LYS A 43 0.56 -3.90 10.17
C LYS A 43 -0.65 -3.50 11.00
N TYR A 44 -0.46 -3.35 12.30
CA TYR A 44 -1.56 -2.99 13.20
C TYR A 44 -1.25 -1.73 14.01
N GLY A 45 -1.00 -0.63 13.32
CA GLY A 45 -0.71 0.61 14.01
C GLY A 45 0.15 1.56 13.21
N SER A 46 1.19 1.04 12.60
CA SER A 46 2.09 1.86 11.80
C SER A 46 1.41 2.32 10.50
N GLU A 47 1.55 3.60 10.18
CA GLU A 47 0.95 4.14 8.97
C GLU A 47 1.83 5.25 8.39
N GLY A 48 1.39 5.86 7.31
CA GLY A 48 2.18 6.92 6.71
C GLY A 48 2.03 6.99 5.20
N TYR A 49 2.79 7.90 4.60
CA TYR A 49 2.78 8.08 3.15
C TYR A 49 3.33 6.86 2.44
N ILE A 50 2.51 6.26 1.59
CA ILE A 50 2.92 5.09 0.85
C ILE A 50 2.63 5.27 -0.62
N PRO A 51 3.67 5.24 -1.47
CA PRO A 51 3.49 5.37 -2.91
C PRO A 51 2.74 4.18 -3.47
N SER A 52 1.44 4.33 -3.67
CA SER A 52 0.62 3.25 -4.20
C SER A 52 1.07 2.82 -5.59
N ASN A 53 2.02 3.54 -6.16
CA ASN A 53 2.57 3.18 -7.46
C ASN A 53 3.47 1.95 -7.27
N TYR A 54 3.83 1.70 -6.01
CA TYR A 54 4.63 0.54 -5.63
C TYR A 54 3.73 -0.59 -5.16
N VAL A 55 2.46 -0.28 -4.90
CA VAL A 55 1.51 -1.28 -4.44
C VAL A 55 0.55 -1.66 -5.58
N THR A 56 -0.33 -2.62 -5.31
CA THR A 56 -1.30 -3.09 -6.27
C THR A 56 -2.50 -3.67 -5.54
N GLY A 57 -3.70 -3.46 -6.05
CA GLY A 57 -4.88 -3.99 -5.40
C GLY A 57 -5.11 -5.43 -5.78
N LYS A 58 -6.32 -5.74 -6.23
CA LYS A 58 -6.65 -7.08 -6.66
C LYS A 58 -6.19 -7.31 -8.11
N LYS A 59 -5.03 -6.73 -8.46
CA LYS A 59 -4.43 -6.82 -9.80
C LYS A 59 -5.49 -6.76 -10.91
N SER A 60 -6.19 -5.63 -10.98
CA SER A 60 -7.23 -5.41 -11.98
C SER A 60 -8.33 -6.47 -11.82
N ASN A 61 -8.69 -7.12 -12.92
CA ASN A 61 -9.70 -8.16 -12.88
C ASN A 61 -9.10 -9.47 -13.35
N ASN A 62 -7.92 -9.78 -12.84
CA ASN A 62 -7.21 -11.00 -13.20
C ASN A 62 -7.86 -12.22 -12.56
N LEU A 63 -8.06 -12.17 -11.25
CA LEU A 63 -8.64 -13.30 -10.52
C LEU A 63 -10.16 -13.27 -10.50
N ASP A 64 -10.80 -13.06 -11.65
CA ASP A 64 -12.26 -13.08 -11.69
C ASP A 64 -12.74 -14.50 -11.47
N GLN A 65 -12.20 -15.41 -12.26
CA GLN A 65 -12.53 -16.82 -12.13
C GLN A 65 -11.46 -17.51 -11.29
N TYR A 66 -10.41 -16.75 -10.96
CA TYR A 66 -9.26 -17.21 -10.16
C TYR A 66 -8.34 -18.14 -10.94
N ASP A 67 -8.89 -19.24 -11.44
CA ASP A 67 -8.11 -20.22 -12.20
C ASP A 67 -8.84 -20.60 -13.48
N GLY A 1 -13.89 -3.24 5.68
CA GLY A 1 -13.79 -1.76 5.69
C GLY A 1 -12.61 -1.25 4.89
N SER A 2 -12.88 -0.28 4.01
CA SER A 2 -11.85 0.32 3.16
C SER A 2 -11.24 -0.70 2.19
N GLU A 3 -10.29 -0.25 1.38
CA GLU A 3 -9.62 -1.11 0.42
C GLU A 3 -8.21 -1.45 0.88
N ILE A 4 -7.69 -2.56 0.38
CA ILE A 4 -6.36 -3.00 0.75
C ILE A 4 -5.29 -2.48 -0.21
N VAL A 5 -4.06 -2.47 0.25
CA VAL A 5 -2.92 -2.01 -0.52
C VAL A 5 -1.73 -2.92 -0.27
N VAL A 6 -1.61 -3.96 -1.09
CA VAL A 6 -0.52 -4.90 -0.96
C VAL A 6 0.74 -4.34 -1.60
N ALA A 7 1.72 -4.00 -0.78
CA ALA A 7 2.98 -3.45 -1.26
C ALA A 7 3.64 -4.42 -2.24
N MET A 8 4.12 -3.89 -3.36
CA MET A 8 4.77 -4.70 -4.37
C MET A 8 6.28 -4.52 -4.32
N TYR A 9 6.73 -3.27 -4.48
CA TYR A 9 8.16 -2.98 -4.45
C TYR A 9 8.58 -2.41 -3.10
N ASP A 10 9.83 -2.63 -2.74
CA ASP A 10 10.40 -2.16 -1.48
C ASP A 10 10.43 -0.63 -1.41
N PHE A 11 10.42 -0.12 -0.19
CA PHE A 11 10.48 1.32 0.05
C PHE A 11 11.19 1.56 1.39
N GLN A 12 12.04 2.57 1.44
CA GLN A 12 12.77 2.87 2.66
C GLN A 12 12.17 4.03 3.43
N ALA A 13 11.84 3.79 4.69
CA ALA A 13 11.30 4.81 5.56
C ALA A 13 12.42 5.34 6.44
N THR A 14 13.02 6.42 6.01
CA THR A 14 14.14 7.01 6.73
C THR A 14 13.65 7.83 7.93
N GLU A 15 12.38 8.25 7.88
CA GLU A 15 11.83 9.03 8.99
C GLU A 15 10.71 8.27 9.70
N ALA A 16 9.46 8.59 9.37
CA ALA A 16 8.31 7.95 9.99
C ALA A 16 7.02 8.27 9.25
N HIS A 17 7.02 9.39 8.51
CA HIS A 17 5.84 9.77 7.73
C HIS A 17 5.71 8.85 6.54
N ASP A 18 6.82 8.23 6.19
CA ASP A 18 6.88 7.28 5.09
C ASP A 18 6.76 5.87 5.65
N LEU A 19 6.06 5.00 4.94
CA LEU A 19 5.91 3.63 5.40
C LEU A 19 6.71 2.70 4.51
N ARG A 20 7.70 2.04 5.11
CA ARG A 20 8.56 1.13 4.37
C ARG A 20 7.74 0.04 3.71
N LEU A 21 8.10 -0.29 2.49
CA LEU A 21 7.40 -1.30 1.73
C LEU A 21 8.23 -2.57 1.62
N GLU A 22 7.53 -3.69 1.57
CA GLU A 22 8.17 -4.98 1.43
C GLU A 22 7.59 -5.67 0.19
N ARG A 23 8.09 -6.85 -0.14
CA ARG A 23 7.60 -7.58 -1.30
C ARG A 23 6.38 -8.41 -0.91
N GLY A 24 5.32 -7.73 -0.46
CA GLY A 24 4.10 -8.41 -0.06
C GLY A 24 3.60 -7.99 1.32
N GLN A 25 3.01 -6.80 1.40
CA GLN A 25 2.49 -6.28 2.66
C GLN A 25 1.05 -5.82 2.49
N GLU A 26 0.12 -6.49 3.16
CA GLU A 26 -1.28 -6.09 3.07
C GLU A 26 -1.54 -4.90 3.98
N TYR A 27 -1.51 -3.71 3.38
CA TYR A 27 -1.71 -2.47 4.10
C TYR A 27 -3.15 -1.99 3.95
N ILE A 28 -3.56 -0.98 4.74
CA ILE A 28 -4.91 -0.45 4.64
C ILE A 28 -4.82 1.03 4.33
N ILE A 29 -5.14 1.39 3.10
CA ILE A 29 -5.05 2.76 2.65
C ILE A 29 -6.13 3.66 3.28
N LEU A 30 -5.70 4.79 3.81
CA LEU A 30 -6.59 5.73 4.45
C LEU A 30 -6.73 6.97 3.57
N GLU A 31 -5.60 7.52 3.13
CA GLU A 31 -5.59 8.71 2.28
C GLU A 31 -5.12 8.34 0.88
N LYS A 32 -6.05 8.30 -0.06
CA LYS A 32 -5.72 7.96 -1.44
C LYS A 32 -5.10 9.16 -2.17
N ASN A 33 -5.82 10.29 -2.18
CA ASN A 33 -5.35 11.51 -2.85
C ASN A 33 -5.21 11.29 -4.34
N ASP A 34 -3.96 11.13 -4.80
CA ASP A 34 -3.69 10.89 -6.21
C ASP A 34 -3.20 9.46 -6.42
N LEU A 35 -2.39 9.24 -7.43
CA LEU A 35 -1.89 7.90 -7.73
C LEU A 35 -0.54 7.58 -7.07
N HIS A 36 0.22 8.62 -6.73
CA HIS A 36 1.54 8.38 -6.16
C HIS A 36 1.63 8.57 -4.65
N TRP A 37 0.55 8.96 -3.99
CA TRP A 37 0.61 9.15 -2.54
C TRP A 37 -0.58 8.57 -1.79
N TRP A 38 -0.54 7.26 -1.55
CA TRP A 38 -1.59 6.57 -0.81
C TRP A 38 -1.10 6.28 0.61
N ARG A 39 -1.63 6.98 1.59
CA ARG A 39 -1.22 6.75 2.96
C ARG A 39 -1.93 5.52 3.48
N ALA A 40 -1.19 4.42 3.62
CA ALA A 40 -1.76 3.16 4.08
C ALA A 40 -1.20 2.78 5.44
N ARG A 41 -1.73 1.72 6.03
CA ARG A 41 -1.28 1.30 7.36
C ARG A 41 -1.18 -0.20 7.51
N ASP A 42 -0.53 -0.63 8.59
CA ASP A 42 -0.34 -2.05 8.86
C ASP A 42 -1.07 -2.48 10.13
N LYS A 43 -0.82 -1.77 11.22
CA LYS A 43 -1.43 -2.10 12.51
C LYS A 43 -2.86 -1.60 12.64
N TYR A 44 -3.19 -1.12 13.83
CA TYR A 44 -4.52 -0.62 14.14
C TYR A 44 -4.72 0.80 13.61
N GLY A 45 -3.62 1.49 13.35
CA GLY A 45 -3.70 2.86 12.87
C GLY A 45 -2.35 3.43 12.50
N SER A 46 -1.31 2.61 12.61
CA SER A 46 0.04 3.05 12.25
C SER A 46 0.15 3.13 10.74
N GLU A 47 -0.09 4.33 10.20
CA GLU A 47 -0.06 4.55 8.76
C GLU A 47 1.14 5.37 8.30
N GLY A 48 1.29 5.48 6.97
CA GLY A 48 2.38 6.22 6.39
C GLY A 48 2.14 6.44 4.90
N TYR A 49 2.73 7.48 4.34
CA TYR A 49 2.57 7.79 2.92
C TYR A 49 3.29 6.75 2.06
N ILE A 50 2.56 6.18 1.12
CA ILE A 50 3.08 5.14 0.25
C ILE A 50 2.77 5.40 -1.22
N PRO A 51 3.78 5.36 -2.08
CA PRO A 51 3.57 5.54 -3.50
C PRO A 51 2.81 4.35 -4.10
N SER A 52 1.51 4.52 -4.32
CA SER A 52 0.66 3.45 -4.86
C SER A 52 1.26 2.84 -6.13
N ASN A 53 2.18 3.56 -6.78
CA ASN A 53 2.84 3.05 -7.98
C ASN A 53 3.62 1.77 -7.65
N TYR A 54 4.06 1.66 -6.39
CA TYR A 54 4.78 0.47 -5.91
C TYR A 54 3.83 -0.45 -5.17
N VAL A 55 2.53 -0.25 -5.35
CA VAL A 55 1.53 -1.04 -4.64
C VAL A 55 0.61 -1.78 -5.61
N THR A 56 0.00 -2.85 -5.11
CA THR A 56 -0.94 -3.66 -5.87
C THR A 56 -2.00 -4.18 -4.92
N GLY A 57 -2.77 -5.16 -5.35
CA GLY A 57 -3.80 -5.72 -4.51
C GLY A 57 -3.99 -7.18 -4.81
N LYS A 58 -5.19 -7.54 -5.22
CA LYS A 58 -5.47 -8.92 -5.60
C LYS A 58 -5.40 -9.04 -7.11
N LYS A 59 -4.36 -8.44 -7.71
CA LYS A 59 -4.18 -8.46 -9.16
C LYS A 59 -4.03 -9.89 -9.69
N SER A 60 -3.63 -10.82 -8.83
CA SER A 60 -3.45 -12.22 -9.22
C SER A 60 -4.78 -12.97 -9.12
N ASN A 61 -5.86 -12.28 -9.45
CA ASN A 61 -7.18 -12.89 -9.40
C ASN A 61 -7.43 -13.73 -10.64
N ASN A 62 -7.27 -15.04 -10.49
CA ASN A 62 -7.50 -15.98 -11.58
C ASN A 62 -8.80 -16.72 -11.35
N LEU A 63 -9.63 -16.13 -10.49
CA LEU A 63 -10.92 -16.70 -10.13
C LEU A 63 -11.80 -15.59 -9.52
N ASP A 64 -12.18 -15.78 -8.27
CA ASP A 64 -13.00 -14.82 -7.53
C ASP A 64 -13.05 -15.26 -6.07
N GLN A 65 -14.19 -15.81 -5.67
CA GLN A 65 -14.33 -16.32 -4.32
C GLN A 65 -14.35 -17.84 -4.39
N TYR A 66 -13.32 -18.47 -3.82
CA TYR A 66 -13.20 -19.92 -3.86
C TYR A 66 -14.37 -20.59 -3.12
N ASP A 67 -15.27 -21.20 -3.90
CA ASP A 67 -16.45 -21.89 -3.36
C ASP A 67 -17.38 -20.93 -2.64
N GLY A 1 -15.89 0.08 2.93
CA GLY A 1 -15.16 -0.03 1.65
C GLY A 1 -13.69 0.29 1.79
N SER A 2 -13.01 -0.49 2.63
CA SER A 2 -11.57 -0.30 2.87
C SER A 2 -10.77 -0.86 1.71
N GLU A 3 -10.13 0.03 0.96
CA GLU A 3 -9.31 -0.39 -0.18
C GLU A 3 -7.97 -0.92 0.31
N ILE A 4 -7.79 -2.22 0.21
CA ILE A 4 -6.56 -2.86 0.61
C ILE A 4 -5.52 -2.73 -0.48
N VAL A 5 -4.28 -2.47 -0.10
CA VAL A 5 -3.21 -2.33 -1.08
C VAL A 5 -2.08 -3.33 -0.82
N VAL A 6 -1.74 -4.09 -1.84
CA VAL A 6 -0.71 -5.10 -1.75
C VAL A 6 0.64 -4.55 -2.23
N ALA A 7 1.57 -4.35 -1.31
CA ALA A 7 2.90 -3.85 -1.63
C ALA A 7 3.65 -4.87 -2.46
N MET A 8 4.18 -4.45 -3.60
CA MET A 8 4.91 -5.35 -4.48
C MET A 8 6.41 -5.16 -4.34
N TYR A 9 6.86 -3.92 -4.44
CA TYR A 9 8.29 -3.63 -4.34
C TYR A 9 8.65 -3.13 -2.95
N ASP A 10 9.88 -3.41 -2.55
CA ASP A 10 10.38 -2.98 -1.25
C ASP A 10 10.82 -1.53 -1.32
N PHE A 11 10.47 -0.77 -0.30
CA PHE A 11 10.84 0.64 -0.24
C PHE A 11 11.18 1.03 1.19
N GLN A 12 12.32 1.68 1.38
CA GLN A 12 12.75 2.10 2.71
C GLN A 12 12.52 3.59 2.90
N ALA A 13 11.72 3.93 3.90
CA ALA A 13 11.45 5.32 4.23
C ALA A 13 12.68 5.96 4.82
N THR A 14 13.25 6.92 4.12
CA THR A 14 14.44 7.61 4.61
C THR A 14 14.04 8.66 5.64
N GLU A 15 12.74 8.87 5.76
CA GLU A 15 12.20 9.82 6.73
C GLU A 15 11.18 9.14 7.64
N ALA A 16 10.03 9.76 7.83
CA ALA A 16 8.99 9.20 8.69
C ALA A 16 7.60 9.44 8.11
N HIS A 17 7.52 10.38 7.17
CA HIS A 17 6.25 10.71 6.54
C HIS A 17 5.81 9.54 5.68
N ASP A 18 6.79 8.88 5.07
CA ASP A 18 6.55 7.72 4.24
C ASP A 18 6.54 6.47 5.10
N LEU A 19 5.93 5.41 4.61
CA LEU A 19 5.87 4.17 5.36
C LEU A 19 6.72 3.09 4.69
N ARG A 20 7.11 2.09 5.47
CA ARG A 20 7.91 0.98 4.96
C ARG A 20 7.11 0.08 4.06
N LEU A 21 7.64 -0.16 2.89
CA LEU A 21 7.00 -1.03 1.92
C LEU A 21 7.69 -2.39 1.92
N GLU A 22 6.92 -3.44 2.15
CA GLU A 22 7.46 -4.79 2.19
C GLU A 22 6.90 -5.62 1.04
N ARG A 23 7.73 -6.47 0.45
CA ARG A 23 7.30 -7.30 -0.67
C ARG A 23 6.25 -8.33 -0.23
N GLY A 24 5.01 -8.11 -0.65
CA GLY A 24 3.93 -9.02 -0.30
C GLY A 24 3.14 -8.56 0.90
N GLN A 25 3.44 -7.36 1.40
CA GLN A 25 2.74 -6.82 2.55
C GLN A 25 1.44 -6.16 2.12
N GLU A 26 0.32 -6.65 2.65
CA GLU A 26 -0.99 -6.10 2.31
C GLU A 26 -1.39 -5.05 3.34
N TYR A 27 -1.63 -3.84 2.86
CA TYR A 27 -2.00 -2.72 3.72
C TYR A 27 -3.46 -2.36 3.58
N ILE A 28 -3.86 -1.41 4.41
CA ILE A 28 -5.23 -0.91 4.42
C ILE A 28 -5.15 0.61 4.36
N ILE A 29 -5.46 1.22 3.21
CA ILE A 29 -5.34 2.66 3.10
C ILE A 29 -6.34 3.40 4.00
N LEU A 30 -5.83 4.45 4.59
CA LEU A 30 -6.59 5.31 5.49
C LEU A 30 -7.18 6.45 4.68
N GLU A 31 -6.36 6.98 3.78
CA GLU A 31 -6.76 8.09 2.93
C GLU A 31 -6.20 7.90 1.52
N LYS A 32 -6.81 8.54 0.54
CA LYS A 32 -6.35 8.45 -0.83
C LYS A 32 -5.23 9.47 -1.04
N ASN A 33 -5.48 10.71 -0.61
CA ASN A 33 -4.51 11.80 -0.73
C ASN A 33 -4.12 12.04 -2.18
N ASP A 34 -2.84 11.84 -2.50
CA ASP A 34 -2.36 12.04 -3.85
C ASP A 34 -2.58 10.77 -4.66
N LEU A 35 -2.51 10.88 -5.98
CA LEU A 35 -2.71 9.72 -6.85
C LEU A 35 -1.51 8.78 -6.75
N HIS A 36 -0.35 9.35 -6.49
CA HIS A 36 0.89 8.57 -6.37
C HIS A 36 1.30 8.40 -4.91
N TRP A 37 0.63 9.10 -4.01
CA TRP A 37 0.94 9.03 -2.59
C TRP A 37 -0.31 8.80 -1.76
N TRP A 38 -0.57 7.55 -1.43
CA TRP A 38 -1.73 7.22 -0.61
C TRP A 38 -1.29 7.06 0.84
N ARG A 39 -2.24 6.92 1.74
CA ARG A 39 -1.93 6.70 3.13
C ARG A 39 -2.53 5.38 3.54
N ALA A 40 -1.71 4.47 4.04
CA ALA A 40 -2.21 3.16 4.42
C ALA A 40 -1.65 2.70 5.76
N ARG A 41 -2.33 1.72 6.34
CA ARG A 41 -1.94 1.16 7.62
C ARG A 41 -1.24 -0.18 7.43
N ASP A 42 -0.10 -0.32 8.08
CA ASP A 42 0.67 -1.55 8.03
C ASP A 42 0.63 -2.26 9.37
N LYS A 43 1.15 -1.59 10.39
CA LYS A 43 1.21 -2.16 11.72
C LYS A 43 -0.01 -1.81 12.57
N TYR A 44 0.09 -0.73 13.35
CA TYR A 44 -0.99 -0.34 14.26
C TYR A 44 -0.99 1.15 14.61
N GLY A 45 -0.73 2.02 13.65
CA GLY A 45 -0.76 3.45 13.95
C GLY A 45 0.43 4.21 13.42
N SER A 46 1.58 3.56 13.37
CA SER A 46 2.80 4.19 12.86
C SER A 46 2.81 4.09 11.34
N GLU A 47 1.74 4.59 10.73
CA GLU A 47 1.57 4.51 9.29
C GLU A 47 1.65 5.89 8.63
N GLY A 48 1.57 5.93 7.30
CA GLY A 48 1.64 7.21 6.60
C GLY A 48 1.59 7.08 5.09
N TYR A 49 2.30 7.98 4.40
CA TYR A 49 2.35 8.01 2.93
C TYR A 49 2.98 6.76 2.35
N ILE A 50 2.55 6.42 1.14
CA ILE A 50 3.07 5.26 0.42
C ILE A 50 3.11 5.53 -1.07
N PRO A 51 4.26 5.34 -1.71
CA PRO A 51 4.37 5.50 -3.14
C PRO A 51 3.67 4.35 -3.82
N SER A 52 2.43 4.55 -4.22
CA SER A 52 1.63 3.51 -4.88
C SER A 52 2.37 2.94 -6.10
N ASN A 53 3.45 3.58 -6.51
CA ASN A 53 4.26 3.10 -7.62
C ASN A 53 4.92 1.78 -7.28
N TYR A 54 5.02 1.49 -5.98
CA TYR A 54 5.61 0.25 -5.51
C TYR A 54 4.55 -0.63 -4.86
N VAL A 55 3.32 -0.11 -4.75
CA VAL A 55 2.23 -0.83 -4.14
C VAL A 55 0.96 -0.84 -4.99
N THR A 56 0.52 -2.02 -5.39
CA THR A 56 -0.70 -2.16 -6.17
C THR A 56 -1.89 -2.19 -5.21
N GLY A 57 -3.11 -2.15 -5.74
CA GLY A 57 -4.28 -2.21 -4.88
C GLY A 57 -4.49 -3.61 -4.38
N LYS A 58 -5.56 -4.27 -4.78
CA LYS A 58 -5.74 -5.65 -4.35
C LYS A 58 -5.29 -6.63 -5.43
N LYS A 59 -4.04 -6.41 -5.89
CA LYS A 59 -3.39 -7.25 -6.91
C LYS A 59 -4.34 -7.86 -7.94
N SER A 60 -4.89 -7.01 -8.80
CA SER A 60 -5.79 -7.48 -9.85
C SER A 60 -4.97 -7.89 -11.07
N ASN A 61 -5.61 -8.50 -12.07
CA ASN A 61 -4.90 -8.94 -13.26
C ASN A 61 -4.87 -7.83 -14.31
N ASN A 62 -3.82 -7.84 -15.15
CA ASN A 62 -3.64 -6.84 -16.20
C ASN A 62 -3.45 -5.45 -15.60
N LEU A 63 -4.57 -4.80 -15.27
CA LEU A 63 -4.58 -3.47 -14.65
C LEU A 63 -4.11 -2.36 -15.57
N ASP A 64 -5.05 -1.52 -15.96
CA ASP A 64 -4.79 -0.37 -16.81
C ASP A 64 -5.43 0.84 -16.18
N GLN A 65 -4.69 1.96 -16.14
CA GLN A 65 -5.17 3.21 -15.55
C GLN A 65 -5.16 3.18 -14.02
N TYR A 66 -5.79 2.16 -13.44
CA TYR A 66 -5.85 2.04 -11.98
C TYR A 66 -6.09 0.59 -11.56
N ASP A 67 -6.22 0.40 -10.25
CA ASP A 67 -6.48 -0.92 -9.68
C ASP A 67 -7.83 -0.88 -8.95
N GLY A 1 -15.15 -1.89 1.63
CA GLY A 1 -14.55 -1.76 2.98
C GLY A 1 -13.09 -1.38 2.92
N SER A 2 -12.32 -1.90 3.86
CA SER A 2 -10.89 -1.60 3.94
C SER A 2 -10.16 -2.15 2.71
N GLU A 3 -9.60 -1.25 1.91
CA GLU A 3 -8.87 -1.65 0.72
C GLU A 3 -7.46 -2.08 1.11
N ILE A 4 -7.02 -3.21 0.58
CA ILE A 4 -5.70 -3.73 0.86
C ILE A 4 -4.68 -3.24 -0.16
N VAL A 5 -3.75 -2.43 0.31
CA VAL A 5 -2.70 -1.92 -0.55
C VAL A 5 -1.54 -2.90 -0.55
N VAL A 6 -1.52 -3.78 -1.54
CA VAL A 6 -0.49 -4.79 -1.65
C VAL A 6 0.81 -4.20 -2.19
N ALA A 7 1.83 -4.16 -1.35
CA ALA A 7 3.13 -3.63 -1.75
C ALA A 7 3.88 -4.63 -2.61
N MET A 8 4.27 -4.21 -3.80
CA MET A 8 4.99 -5.08 -4.72
C MET A 8 6.49 -4.82 -4.65
N TYR A 9 6.86 -3.60 -4.28
CA TYR A 9 8.27 -3.24 -4.18
C TYR A 9 8.61 -2.78 -2.77
N ASP A 10 9.84 -3.09 -2.37
CA ASP A 10 10.33 -2.71 -1.05
C ASP A 10 10.68 -1.25 -1.03
N PHE A 11 10.20 -0.55 -0.02
CA PHE A 11 10.45 0.87 0.12
C PHE A 11 10.98 1.16 1.52
N GLN A 12 12.21 1.67 1.58
CA GLN A 12 12.87 2.01 2.85
C GLN A 12 12.54 3.44 3.25
N ALA A 13 12.52 3.70 4.56
CA ALA A 13 12.20 5.03 5.04
C ALA A 13 13.38 5.97 4.99
N THR A 14 13.15 7.10 4.33
CA THR A 14 14.16 8.13 4.21
C THR A 14 14.02 9.09 5.39
N GLU A 15 12.83 9.08 6.00
CA GLU A 15 12.52 9.89 7.17
C GLU A 15 11.64 9.09 8.13
N ALA A 16 10.35 9.37 8.09
CA ALA A 16 9.35 8.70 8.92
C ALA A 16 7.96 8.99 8.38
N HIS A 17 7.89 10.00 7.52
CA HIS A 17 6.64 10.41 6.90
C HIS A 17 6.15 9.31 5.94
N ASP A 18 7.09 8.49 5.50
CA ASP A 18 6.81 7.40 4.60
C ASP A 18 6.58 6.10 5.37
N LEU A 19 5.65 5.28 4.89
CA LEU A 19 5.38 4.01 5.53
C LEU A 19 6.16 2.91 4.83
N ARG A 20 6.68 1.97 5.60
CA ARG A 20 7.52 0.90 5.06
C ARG A 20 6.75 -0.06 4.17
N LEU A 21 7.36 -0.41 3.05
CA LEU A 21 6.75 -1.33 2.10
C LEU A 21 7.47 -2.66 2.06
N GLU A 22 6.70 -3.73 2.24
CA GLU A 22 7.23 -5.08 2.23
C GLU A 22 6.76 -5.81 0.98
N ARG A 23 7.69 -6.45 0.28
CA ARG A 23 7.38 -7.17 -0.94
C ARG A 23 6.54 -8.41 -0.64
N GLY A 24 5.26 -8.34 -1.00
CA GLY A 24 4.37 -9.46 -0.77
C GLY A 24 3.52 -9.28 0.46
N GLN A 25 3.35 -8.05 0.91
CA GLN A 25 2.54 -7.79 2.10
C GLN A 25 1.44 -6.77 1.79
N GLU A 26 0.26 -7.01 2.34
CA GLU A 26 -0.87 -6.12 2.12
C GLU A 26 -0.97 -5.09 3.24
N TYR A 27 -1.53 -3.94 2.91
CA TYR A 27 -1.69 -2.86 3.86
C TYR A 27 -3.12 -2.33 3.85
N ILE A 28 -3.40 -1.36 4.70
CA ILE A 28 -4.74 -0.77 4.76
C ILE A 28 -4.66 0.70 4.36
N ILE A 29 -5.15 1.02 3.17
CA ILE A 29 -5.12 2.39 2.70
C ILE A 29 -6.16 3.23 3.44
N LEU A 30 -5.74 4.40 3.90
CA LEU A 30 -6.59 5.30 4.66
C LEU A 30 -7.08 6.47 3.81
N GLU A 31 -6.14 7.33 3.42
CA GLU A 31 -6.47 8.50 2.62
C GLU A 31 -6.05 8.35 1.17
N LYS A 32 -7.03 8.35 0.29
CA LYS A 32 -6.80 8.23 -1.13
C LYS A 32 -6.83 9.62 -1.76
N ASN A 33 -5.71 10.33 -1.65
CA ASN A 33 -5.62 11.69 -2.16
C ASN A 33 -4.97 11.73 -3.54
N ASP A 34 -3.66 11.50 -3.57
CA ASP A 34 -2.90 11.52 -4.83
C ASP A 34 -3.03 10.18 -5.54
N LEU A 35 -2.54 10.12 -6.77
CA LEU A 35 -2.59 8.90 -7.56
C LEU A 35 -1.37 8.04 -7.26
N HIS A 36 -0.25 8.70 -7.00
CA HIS A 36 1.01 8.01 -6.72
C HIS A 36 1.32 8.05 -5.22
N TRP A 37 0.47 8.69 -4.45
CA TRP A 37 0.68 8.79 -3.01
C TRP A 37 -0.57 8.51 -2.21
N TRP A 38 -0.63 7.33 -1.60
CA TRP A 38 -1.77 6.95 -0.78
C TRP A 38 -1.32 6.78 0.67
N ARG A 39 -2.09 7.35 1.59
CA ARG A 39 -1.77 7.21 3.00
C ARG A 39 -2.29 5.86 3.49
N ALA A 40 -1.38 4.95 3.84
CA ALA A 40 -1.78 3.62 4.29
C ALA A 40 -1.24 3.32 5.69
N ARG A 41 -1.87 2.38 6.35
CA ARG A 41 -1.49 1.96 7.70
C ARG A 41 -1.00 0.52 7.71
N ASP A 42 -0.15 0.19 8.67
CA ASP A 42 0.37 -1.16 8.80
C ASP A 42 -0.16 -1.83 10.06
N LYS A 43 0.36 -1.42 11.21
CA LYS A 43 -0.05 -2.01 12.48
C LYS A 43 -1.29 -1.35 13.08
N TYR A 44 -1.29 -1.22 14.41
CA TYR A 44 -2.42 -0.65 15.16
C TYR A 44 -2.51 0.87 15.13
N GLY A 45 -2.18 1.48 14.01
CA GLY A 45 -2.27 2.93 13.94
C GLY A 45 -1.01 3.57 13.41
N SER A 46 -0.01 2.77 13.10
CA SER A 46 1.22 3.28 12.55
C SER A 46 1.07 3.34 11.05
N GLU A 47 0.88 4.54 10.53
CA GLU A 47 0.66 4.72 9.11
C GLU A 47 1.69 5.65 8.48
N GLY A 48 1.39 6.12 7.27
CA GLY A 48 2.30 7.00 6.57
C GLY A 48 2.07 6.97 5.07
N TYR A 49 2.51 8.02 4.40
CA TYR A 49 2.35 8.11 2.95
C TYR A 49 3.14 7.03 2.23
N ILE A 50 2.51 6.42 1.24
CA ILE A 50 3.11 5.35 0.47
C ILE A 50 3.03 5.60 -1.02
N PRO A 51 4.14 5.41 -1.76
CA PRO A 51 4.13 5.57 -3.20
C PRO A 51 3.34 4.45 -3.83
N SER A 52 2.09 4.73 -4.17
CA SER A 52 1.20 3.76 -4.78
C SER A 52 1.80 3.15 -6.04
N ASN A 53 2.85 3.78 -6.57
CA ASN A 53 3.52 3.26 -7.76
C ASN A 53 4.30 1.99 -7.42
N TYR A 54 4.42 1.71 -6.13
CA TYR A 54 5.11 0.52 -5.63
C TYR A 54 4.11 -0.49 -5.09
N VAL A 55 2.85 -0.08 -4.97
CA VAL A 55 1.81 -0.95 -4.45
C VAL A 55 0.64 -1.10 -5.43
N THR A 56 -0.38 -1.82 -5.01
CA THR A 56 -1.57 -2.06 -5.83
C THR A 56 -2.74 -2.38 -4.91
N GLY A 57 -3.91 -2.57 -5.50
CA GLY A 57 -5.08 -2.89 -4.71
C GLY A 57 -5.18 -4.37 -4.45
N LYS A 58 -6.28 -4.98 -4.87
CA LYS A 58 -6.45 -6.41 -4.68
C LYS A 58 -5.82 -7.21 -5.82
N LYS A 59 -4.66 -6.76 -6.31
CA LYS A 59 -3.98 -7.47 -7.38
C LYS A 59 -3.21 -8.65 -6.82
N SER A 60 -3.31 -9.80 -7.51
CA SER A 60 -2.63 -11.03 -7.10
C SER A 60 -3.29 -11.63 -5.86
N ASN A 61 -4.62 -11.57 -5.81
CA ASN A 61 -5.39 -12.11 -4.69
C ASN A 61 -5.88 -13.51 -5.03
N ASN A 62 -6.76 -14.07 -4.22
CA ASN A 62 -7.28 -15.41 -4.48
C ASN A 62 -8.34 -15.36 -5.58
N LEU A 63 -7.88 -15.54 -6.82
CA LEU A 63 -8.76 -15.50 -7.97
C LEU A 63 -9.60 -16.79 -8.06
N ASP A 64 -10.91 -16.62 -8.22
CA ASP A 64 -11.81 -17.76 -8.31
C ASP A 64 -12.23 -18.00 -9.76
N GLN A 65 -12.18 -16.95 -10.57
CA GLN A 65 -12.53 -17.05 -11.98
C GLN A 65 -11.29 -17.27 -12.82
N TYR A 66 -11.35 -18.22 -13.73
CA TYR A 66 -10.23 -18.51 -14.62
C TYR A 66 -10.72 -18.64 -16.05
N ASP A 67 -11.31 -19.80 -16.35
CA ASP A 67 -11.85 -20.08 -17.67
C ASP A 67 -12.90 -21.16 -17.54
N GLY A 1 -10.27 6.85 3.54
CA GLY A 1 -9.81 5.79 2.63
C GLY A 1 -10.07 4.40 3.17
N SER A 2 -9.90 3.40 2.33
CA SER A 2 -10.13 2.02 2.74
C SER A 2 -9.54 1.06 1.72
N GLU A 3 -9.96 -0.20 1.80
CA GLU A 3 -9.51 -1.27 0.91
C GLU A 3 -8.07 -1.70 1.20
N ILE A 4 -7.71 -2.89 0.76
CA ILE A 4 -6.39 -3.45 0.99
C ILE A 4 -5.49 -3.28 -0.23
N VAL A 5 -4.27 -2.81 0.01
CA VAL A 5 -3.31 -2.62 -1.06
C VAL A 5 -2.09 -3.51 -0.81
N VAL A 6 -1.81 -4.41 -1.75
CA VAL A 6 -0.68 -5.31 -1.64
C VAL A 6 0.59 -4.65 -2.18
N ALA A 7 1.59 -4.47 -1.32
CA ALA A 7 2.85 -3.85 -1.72
C ALA A 7 3.65 -4.81 -2.60
N MET A 8 4.21 -4.30 -3.68
CA MET A 8 5.00 -5.12 -4.60
C MET A 8 6.47 -4.74 -4.57
N TYR A 9 6.75 -3.46 -4.44
CA TYR A 9 8.14 -2.98 -4.42
C TYR A 9 8.57 -2.65 -3.00
N ASP A 10 9.88 -2.57 -2.78
CA ASP A 10 10.43 -2.24 -1.48
C ASP A 10 10.57 -0.72 -1.33
N PHE A 11 10.33 -0.23 -0.14
CA PHE A 11 10.44 1.20 0.13
C PHE A 11 10.82 1.41 1.59
N GLN A 12 11.69 2.38 1.85
CA GLN A 12 12.15 2.65 3.20
C GLN A 12 11.60 3.95 3.74
N ALA A 13 11.50 4.02 5.07
CA ALA A 13 11.03 5.22 5.74
C ALA A 13 12.23 5.97 6.30
N THR A 14 12.78 6.86 5.49
CA THR A 14 13.95 7.63 5.88
C THR A 14 13.56 8.80 6.79
N GLU A 15 12.27 9.05 6.90
CA GLU A 15 11.78 10.14 7.73
C GLU A 15 10.73 9.62 8.73
N ALA A 16 9.47 9.76 8.36
CA ALA A 16 8.34 9.32 9.17
C ALA A 16 7.07 9.50 8.36
N HIS A 17 7.14 10.47 7.46
CA HIS A 17 6.05 10.81 6.55
C HIS A 17 5.78 9.61 5.64
N ASP A 18 6.85 8.87 5.35
CA ASP A 18 6.76 7.70 4.50
C ASP A 18 6.63 6.43 5.33
N LEU A 19 6.20 5.36 4.70
CA LEU A 19 6.04 4.07 5.36
C LEU A 19 6.86 3.03 4.58
N ARG A 20 7.30 1.98 5.25
CA ARG A 20 8.10 0.96 4.59
C ARG A 20 7.25 -0.02 3.80
N LEU A 21 7.80 -0.46 2.66
CA LEU A 21 7.13 -1.40 1.79
C LEU A 21 8.05 -2.59 1.53
N GLU A 22 7.46 -3.77 1.43
CA GLU A 22 8.22 -4.99 1.15
C GLU A 22 7.41 -5.87 0.20
N ARG A 23 8.03 -6.92 -0.31
CA ARG A 23 7.35 -7.81 -1.25
C ARG A 23 6.59 -8.92 -0.51
N GLY A 24 5.38 -8.63 -0.01
CA GLY A 24 4.64 -9.67 0.67
C GLY A 24 3.46 -9.18 1.51
N GLN A 25 3.61 -8.10 2.23
CA GLN A 25 2.53 -7.61 3.08
C GLN A 25 1.50 -6.76 2.34
N GLU A 26 0.31 -6.69 2.91
CA GLU A 26 -0.80 -5.92 2.38
C GLU A 26 -1.20 -4.84 3.38
N TYR A 27 -1.63 -3.69 2.91
CA TYR A 27 -2.00 -2.59 3.79
C TYR A 27 -3.45 -2.14 3.57
N ILE A 28 -3.91 -1.26 4.45
CA ILE A 28 -5.24 -0.69 4.36
C ILE A 28 -5.10 0.83 4.32
N ILE A 29 -5.23 1.43 3.14
CA ILE A 29 -5.02 2.87 3.02
C ILE A 29 -5.97 3.70 3.89
N LEU A 30 -5.46 4.84 4.34
CA LEU A 30 -6.22 5.77 5.16
C LEU A 30 -6.56 6.98 4.32
N GLU A 31 -5.57 7.45 3.57
CA GLU A 31 -5.74 8.63 2.73
C GLU A 31 -5.33 8.32 1.29
N LYS A 32 -5.90 9.06 0.36
CA LYS A 32 -5.57 8.89 -1.06
C LYS A 32 -5.28 10.24 -1.70
N ASN A 33 -4.01 10.59 -1.82
CA ASN A 33 -3.61 11.85 -2.45
C ASN A 33 -3.23 11.59 -3.89
N ASP A 34 -4.23 11.61 -4.76
CA ASP A 34 -4.03 11.36 -6.19
C ASP A 34 -3.57 9.92 -6.41
N LEU A 35 -3.13 9.62 -7.61
CA LEU A 35 -2.64 8.28 -7.94
C LEU A 35 -1.14 8.20 -7.70
N HIS A 36 -0.65 9.02 -6.78
CA HIS A 36 0.77 9.07 -6.48
C HIS A 36 1.07 8.72 -5.03
N TRP A 37 0.51 9.49 -4.10
CA TRP A 37 0.75 9.27 -2.68
C TRP A 37 -0.48 8.67 -1.99
N TRP A 38 -0.33 7.45 -1.53
CA TRP A 38 -1.40 6.75 -0.83
C TRP A 38 -0.98 6.40 0.59
N ARG A 39 -1.58 7.02 1.59
CA ARG A 39 -1.22 6.70 2.96
C ARG A 39 -1.92 5.40 3.34
N ALA A 40 -1.15 4.37 3.64
CA ALA A 40 -1.75 3.08 3.98
C ALA A 40 -1.35 2.62 5.38
N ARG A 41 -2.24 1.85 5.99
CA ARG A 41 -2.06 1.37 7.36
C ARG A 41 -1.72 -0.11 7.43
N ASP A 42 -0.99 -0.48 8.46
CA ASP A 42 -0.57 -1.85 8.71
C ASP A 42 -0.85 -2.22 10.16
N LYS A 43 -0.34 -1.40 11.06
CA LYS A 43 -0.50 -1.63 12.48
C LYS A 43 -1.79 -1.01 13.02
N TYR A 44 -1.65 0.13 13.69
CA TYR A 44 -2.79 0.82 14.28
C TYR A 44 -2.54 2.32 14.45
N GLY A 45 -1.78 2.91 13.54
CA GLY A 45 -1.52 4.33 13.65
C GLY A 45 -0.05 4.68 13.49
N SER A 46 0.77 3.68 13.19
CA SER A 46 2.21 3.89 13.00
C SER A 46 2.51 3.86 11.51
N GLU A 47 1.53 4.30 10.74
CA GLU A 47 1.62 4.28 9.29
C GLU A 47 1.80 5.66 8.67
N GLY A 48 1.86 5.71 7.35
CA GLY A 48 2.03 6.98 6.65
C GLY A 48 1.93 6.85 5.14
N TYR A 49 2.27 7.93 4.45
CA TYR A 49 2.22 7.98 2.98
C TYR A 49 3.05 6.88 2.33
N ILE A 50 2.50 6.34 1.25
CA ILE A 50 3.13 5.27 0.51
C ILE A 50 3.00 5.53 -0.99
N PRO A 51 4.08 5.37 -1.76
CA PRO A 51 3.99 5.55 -3.20
C PRO A 51 3.24 4.40 -3.83
N SER A 52 1.96 4.62 -4.10
CA SER A 52 1.09 3.60 -4.69
C SER A 52 1.69 3.04 -5.98
N ASN A 53 2.69 3.73 -6.53
CA ASN A 53 3.37 3.28 -7.73
C ASN A 53 4.14 1.99 -7.45
N TYR A 54 4.33 1.70 -6.17
CA TYR A 54 5.05 0.51 -5.74
C TYR A 54 4.10 -0.56 -5.20
N VAL A 55 2.79 -0.29 -5.24
CA VAL A 55 1.83 -1.25 -4.73
C VAL A 55 0.80 -1.63 -5.80
N THR A 56 -0.11 -2.49 -5.38
CA THR A 56 -1.18 -3.02 -6.20
C THR A 56 -2.37 -3.30 -5.29
N GLY A 57 -3.50 -3.74 -5.83
CA GLY A 57 -4.62 -4.07 -4.98
C GLY A 57 -4.38 -5.42 -4.36
N LYS A 58 -5.34 -6.31 -4.37
CA LYS A 58 -5.07 -7.62 -3.81
C LYS A 58 -4.49 -8.53 -4.88
N LYS A 59 -3.42 -8.08 -5.53
CA LYS A 59 -2.75 -8.85 -6.57
C LYS A 59 -3.70 -9.03 -7.76
N SER A 60 -4.09 -10.28 -8.01
CA SER A 60 -5.00 -10.59 -9.12
C SER A 60 -6.44 -10.61 -8.64
N ASN A 61 -7.35 -10.96 -9.54
CA ASN A 61 -8.78 -11.02 -9.23
C ASN A 61 -9.34 -9.65 -8.86
N ASN A 62 -9.89 -9.53 -7.65
CA ASN A 62 -10.48 -8.28 -7.17
C ASN A 62 -11.52 -7.80 -8.18
N LEU A 63 -12.56 -8.60 -8.35
CA LEU A 63 -13.61 -8.29 -9.31
C LEU A 63 -14.68 -7.38 -8.72
N ASP A 64 -15.41 -6.71 -9.61
CA ASP A 64 -16.48 -5.80 -9.21
C ASP A 64 -17.73 -6.13 -10.01
N GLN A 65 -17.58 -6.18 -11.32
CA GLN A 65 -18.69 -6.48 -12.21
C GLN A 65 -18.53 -7.87 -12.83
N TYR A 66 -19.24 -8.85 -12.31
CA TYR A 66 -19.16 -10.20 -12.82
C TYR A 66 -20.52 -10.69 -13.28
N ASP A 67 -20.57 -11.22 -14.49
CA ASP A 67 -21.80 -11.72 -15.07
C ASP A 67 -21.62 -13.17 -15.53
N GLY A 1 -15.33 -0.80 3.95
CA GLY A 1 -14.74 -0.25 2.70
C GLY A 1 -13.45 0.50 2.96
N SER A 2 -12.48 -0.19 3.55
CA SER A 2 -11.20 0.41 3.86
C SER A 2 -10.22 0.22 2.72
N GLU A 3 -10.40 -0.89 1.98
CA GLU A 3 -9.58 -1.26 0.83
C GLU A 3 -8.19 -1.74 1.26
N ILE A 4 -7.84 -2.94 0.81
CA ILE A 4 -6.56 -3.53 1.13
C ILE A 4 -5.60 -3.38 -0.04
N VAL A 5 -4.40 -2.86 0.22
CA VAL A 5 -3.43 -2.68 -0.83
C VAL A 5 -2.17 -3.50 -0.56
N VAL A 6 -1.69 -4.19 -1.57
CA VAL A 6 -0.50 -5.00 -1.42
C VAL A 6 0.73 -4.28 -1.98
N ALA A 7 1.84 -4.34 -1.25
CA ALA A 7 3.06 -3.69 -1.68
C ALA A 7 3.89 -4.64 -2.52
N MET A 8 4.09 -4.32 -3.80
CA MET A 8 4.87 -5.17 -4.68
C MET A 8 6.36 -4.92 -4.51
N TYR A 9 6.75 -3.65 -4.46
CA TYR A 9 8.15 -3.29 -4.31
C TYR A 9 8.46 -2.82 -2.89
N ASP A 10 9.72 -2.90 -2.51
CA ASP A 10 10.17 -2.48 -1.19
C ASP A 10 10.47 -1.00 -1.20
N PHE A 11 10.10 -0.32 -0.12
CA PHE A 11 10.34 1.11 0.00
C PHE A 11 10.83 1.43 1.40
N GLN A 12 11.57 2.52 1.52
CA GLN A 12 12.12 2.92 2.81
C GLN A 12 11.65 4.30 3.23
N ALA A 13 11.38 4.47 4.52
CA ALA A 13 10.96 5.75 5.06
C ALA A 13 12.17 6.67 5.13
N THR A 14 12.17 7.70 4.31
CA THR A 14 13.31 8.60 4.26
C THR A 14 13.32 9.60 5.41
N GLU A 15 12.16 9.85 6.03
CA GLU A 15 12.12 10.80 7.13
C GLU A 15 11.05 10.47 8.17
N ALA A 16 9.76 10.60 7.84
CA ALA A 16 8.71 10.33 8.82
C ALA A 16 7.37 9.97 8.18
N HIS A 17 6.79 10.90 7.41
CA HIS A 17 5.50 10.65 6.78
C HIS A 17 5.56 9.50 5.77
N ASP A 18 6.77 9.14 5.34
CA ASP A 18 6.94 8.04 4.41
C ASP A 18 6.92 6.72 5.19
N LEU A 19 6.35 5.68 4.62
CA LEU A 19 6.29 4.40 5.30
C LEU A 19 7.03 3.34 4.50
N ARG A 20 7.54 2.33 5.18
CA ARG A 20 8.28 1.28 4.53
C ARG A 20 7.36 0.25 3.89
N LEU A 21 7.69 -0.14 2.66
CA LEU A 21 6.92 -1.11 1.93
C LEU A 21 7.64 -2.45 1.95
N GLU A 22 6.89 -3.53 2.10
CA GLU A 22 7.48 -4.85 2.12
C GLU A 22 6.90 -5.69 0.99
N ARG A 23 7.73 -6.57 0.44
CA ARG A 23 7.33 -7.41 -0.68
C ARG A 23 6.23 -8.40 -0.30
N GLY A 24 5.02 -8.16 -0.80
CA GLY A 24 3.90 -9.04 -0.53
C GLY A 24 3.24 -8.79 0.81
N GLN A 25 3.15 -7.54 1.20
CA GLN A 25 2.53 -7.18 2.47
C GLN A 25 1.25 -6.38 2.23
N GLU A 26 0.18 -6.78 2.90
CA GLU A 26 -1.11 -6.12 2.76
C GLU A 26 -1.25 -4.96 3.74
N TYR A 27 -1.57 -3.81 3.19
CA TYR A 27 -1.76 -2.60 3.98
C TYR A 27 -3.17 -2.07 3.79
N ILE A 28 -3.73 -1.47 4.82
CA ILE A 28 -5.06 -0.90 4.73
C ILE A 28 -4.91 0.57 4.35
N ILE A 29 -5.06 0.88 3.07
CA ILE A 29 -4.90 2.23 2.58
C ILE A 29 -5.89 3.21 3.23
N LEU A 30 -5.31 4.27 3.77
CA LEU A 30 -6.06 5.31 4.49
C LEU A 30 -6.35 6.51 3.58
N GLU A 31 -5.29 7.19 3.14
CA GLU A 31 -5.42 8.37 2.30
C GLU A 31 -5.01 8.05 0.86
N LYS A 32 -5.69 8.67 -0.09
CA LYS A 32 -5.42 8.45 -1.51
C LYS A 32 -4.33 9.39 -2.03
N ASN A 33 -4.70 10.66 -2.27
CA ASN A 33 -3.77 11.67 -2.76
C ASN A 33 -3.10 11.24 -4.07
N ASP A 34 -3.90 11.11 -5.13
CA ASP A 34 -3.44 10.70 -6.45
C ASP A 34 -2.80 9.32 -6.38
N LEU A 35 -2.10 8.93 -7.42
CA LEU A 35 -1.46 7.62 -7.46
C LEU A 35 -0.02 7.71 -6.94
N HIS A 36 0.21 8.62 -6.00
CA HIS A 36 1.55 8.80 -5.44
C HIS A 36 1.59 8.63 -3.93
N TRP A 37 0.88 9.48 -3.21
CA TRP A 37 0.91 9.44 -1.76
C TRP A 37 -0.24 8.64 -1.13
N TRP A 38 -0.29 7.35 -1.43
CA TRP A 38 -1.29 6.48 -0.85
C TRP A 38 -0.89 6.12 0.56
N ARG A 39 -1.40 6.85 1.54
CA ARG A 39 -1.07 6.57 2.92
C ARG A 39 -1.83 5.34 3.35
N ALA A 40 -1.11 4.25 3.57
CA ALA A 40 -1.75 3.01 3.98
C ALA A 40 -1.47 2.71 5.45
N ARG A 41 -1.93 1.58 5.94
CA ARG A 41 -1.76 1.22 7.35
C ARG A 41 -1.48 -0.26 7.56
N ASP A 42 -0.70 -0.55 8.59
CA ASP A 42 -0.37 -1.92 8.95
C ASP A 42 -0.88 -2.20 10.35
N LYS A 43 -0.46 -1.39 11.32
CA LYS A 43 -0.87 -1.56 12.71
C LYS A 43 -2.21 -0.87 12.99
N TYR A 44 -2.24 0.09 13.91
CA TYR A 44 -3.49 0.76 14.25
C TYR A 44 -3.40 2.28 14.25
N GLY A 45 -3.23 2.87 13.09
CA GLY A 45 -3.17 4.32 12.99
C GLY A 45 -1.80 4.91 13.26
N SER A 46 -0.76 4.19 12.90
CA SER A 46 0.60 4.65 13.11
C SER A 46 1.42 4.41 11.84
N GLU A 47 0.80 4.66 10.70
CA GLU A 47 1.46 4.42 9.42
C GLU A 47 1.74 5.71 8.66
N GLY A 48 2.01 5.58 7.37
CA GLY A 48 2.32 6.74 6.57
C GLY A 48 2.02 6.57 5.08
N TYR A 49 2.51 7.51 4.30
CA TYR A 49 2.32 7.52 2.85
C TYR A 49 3.09 6.39 2.18
N ILE A 50 2.49 5.90 1.10
CA ILE A 50 3.07 4.82 0.33
C ILE A 50 2.93 5.10 -1.16
N PRO A 51 4.03 5.12 -1.90
CA PRO A 51 3.98 5.36 -3.35
C PRO A 51 3.18 4.27 -4.04
N SER A 52 1.92 4.55 -4.33
CA SER A 52 1.04 3.59 -4.98
C SER A 52 1.65 2.99 -6.24
N ASN A 53 2.68 3.62 -6.82
CA ASN A 53 3.32 3.07 -8.00
C ASN A 53 4.15 1.84 -7.64
N TYR A 54 4.37 1.64 -6.34
CA TYR A 54 5.10 0.49 -5.85
C TYR A 54 4.11 -0.57 -5.33
N VAL A 55 2.84 -0.17 -5.19
CA VAL A 55 1.80 -1.05 -4.68
C VAL A 55 0.63 -1.20 -5.66
N THR A 56 -0.46 -1.72 -5.14
CA THR A 56 -1.70 -1.94 -5.87
C THR A 56 -2.72 -2.44 -4.85
N GLY A 57 -3.94 -2.72 -5.26
CA GLY A 57 -4.91 -3.24 -4.32
C GLY A 57 -4.72 -4.73 -4.16
N LYS A 58 -5.73 -5.51 -4.49
CA LYS A 58 -5.59 -6.95 -4.44
C LYS A 58 -5.22 -7.44 -5.83
N LYS A 59 -4.51 -6.57 -6.55
CA LYS A 59 -4.05 -6.81 -7.92
C LYS A 59 -5.23 -6.92 -8.89
N SER A 60 -5.65 -8.16 -9.18
CA SER A 60 -6.76 -8.43 -10.10
C SER A 60 -6.63 -7.65 -11.41
N ASN A 61 -5.48 -7.83 -12.06
CA ASN A 61 -5.22 -7.17 -13.33
C ASN A 61 -6.17 -7.67 -14.40
N ASN A 62 -6.38 -8.98 -14.41
CA ASN A 62 -7.29 -9.62 -15.36
C ASN A 62 -7.80 -10.92 -14.74
N LEU A 63 -7.52 -12.04 -15.39
CA LEU A 63 -7.91 -13.37 -14.90
C LEU A 63 -9.42 -13.55 -14.79
N ASP A 64 -10.01 -13.05 -13.70
CA ASP A 64 -11.45 -13.16 -13.45
C ASP A 64 -11.87 -14.62 -13.40
N GLN A 65 -12.97 -14.95 -14.05
CA GLN A 65 -13.45 -16.32 -14.07
C GLN A 65 -12.92 -17.04 -15.30
N TYR A 66 -11.65 -17.44 -15.24
CA TYR A 66 -11.01 -18.14 -16.35
C TYR A 66 -11.13 -19.65 -16.20
N ASP A 67 -12.34 -20.10 -15.85
CA ASP A 67 -12.61 -21.52 -15.66
C ASP A 67 -13.43 -22.05 -16.84
N GLY A 1 -16.20 -2.29 4.55
CA GLY A 1 -15.84 -1.88 3.17
C GLY A 1 -14.56 -1.07 3.11
N SER A 2 -13.44 -1.75 3.29
CA SER A 2 -12.14 -1.08 3.25
C SER A 2 -11.26 -1.67 2.17
N GLU A 3 -10.65 -0.80 1.37
CA GLU A 3 -9.78 -1.24 0.28
C GLU A 3 -8.41 -1.61 0.81
N ILE A 4 -7.94 -2.78 0.41
CA ILE A 4 -6.63 -3.26 0.82
C ILE A 4 -5.64 -3.10 -0.33
N VAL A 5 -4.41 -2.75 -0.01
CA VAL A 5 -3.38 -2.57 -1.02
C VAL A 5 -2.18 -3.48 -0.76
N VAL A 6 -1.89 -4.33 -1.72
CA VAL A 6 -0.79 -5.27 -1.62
C VAL A 6 0.50 -4.65 -2.14
N ALA A 7 1.49 -4.53 -1.28
CA ALA A 7 2.79 -3.97 -1.64
C ALA A 7 3.56 -4.95 -2.51
N MET A 8 3.94 -4.52 -3.72
CA MET A 8 4.69 -5.38 -4.63
C MET A 8 6.19 -5.30 -4.36
N TYR A 9 6.70 -4.07 -4.32
CA TYR A 9 8.12 -3.86 -4.10
C TYR A 9 8.39 -3.18 -2.76
N ASP A 10 9.60 -3.33 -2.27
CA ASP A 10 10.00 -2.73 -1.00
C ASP A 10 10.39 -1.26 -1.17
N PHE A 11 10.11 -0.48 -0.14
CA PHE A 11 10.42 0.94 -0.15
C PHE A 11 11.07 1.32 1.19
N GLN A 12 11.88 2.36 1.19
CA GLN A 12 12.54 2.77 2.43
C GLN A 12 12.35 4.26 2.74
N ALA A 13 11.81 4.53 3.91
CA ALA A 13 11.61 5.90 4.37
C ALA A 13 12.73 6.25 5.33
N THR A 14 12.91 7.53 5.61
CA THR A 14 13.97 7.93 6.53
C THR A 14 13.39 8.70 7.73
N GLU A 15 12.15 9.17 7.60
CA GLU A 15 11.51 9.88 8.70
C GLU A 15 10.46 9.00 9.40
N ALA A 16 9.20 9.36 9.21
CA ALA A 16 8.09 8.62 9.81
C ALA A 16 6.79 8.97 9.10
N HIS A 17 6.77 10.14 8.47
CA HIS A 17 5.61 10.59 7.72
C HIS A 17 5.36 9.58 6.61
N ASP A 18 6.47 9.15 6.01
CA ASP A 18 6.46 8.12 4.99
C ASP A 18 6.90 6.84 5.67
N LEU A 19 6.46 5.69 5.18
CA LEU A 19 6.88 4.45 5.83
C LEU A 19 7.45 3.46 4.82
N ARG A 20 8.16 2.46 5.33
CA ARG A 20 8.76 1.44 4.50
C ARG A 20 7.72 0.47 3.97
N LEU A 21 8.05 -0.14 2.85
CA LEU A 21 7.19 -1.13 2.21
C LEU A 21 7.94 -2.45 2.12
N GLU A 22 7.21 -3.55 2.02
CA GLU A 22 7.85 -4.84 1.89
C GLU A 22 7.29 -5.57 0.69
N ARG A 23 8.13 -6.31 -0.01
CA ARG A 23 7.71 -7.04 -1.20
C ARG A 23 6.81 -8.22 -0.83
N GLY A 24 5.51 -7.96 -0.75
CA GLY A 24 4.56 -8.99 -0.41
C GLY A 24 3.80 -8.68 0.88
N GLN A 25 3.20 -7.49 0.94
CA GLN A 25 2.45 -7.09 2.13
C GLN A 25 1.03 -6.69 1.78
N GLU A 26 0.16 -6.71 2.79
CA GLU A 26 -1.22 -6.31 2.61
C GLU A 26 -1.51 -5.14 3.53
N TYR A 27 -1.58 -3.96 2.95
CA TYR A 27 -1.84 -2.75 3.72
C TYR A 27 -3.25 -2.25 3.50
N ILE A 28 -3.67 -1.29 4.32
CA ILE A 28 -5.00 -0.71 4.19
C ILE A 28 -4.86 0.77 3.89
N ILE A 29 -5.33 1.21 2.73
CA ILE A 29 -5.22 2.62 2.37
C ILE A 29 -6.13 3.46 3.27
N LEU A 30 -5.52 4.41 3.95
CA LEU A 30 -6.23 5.28 4.87
C LEU A 30 -6.60 6.59 4.19
N GLU A 31 -5.68 7.09 3.39
CA GLU A 31 -5.88 8.35 2.66
C GLU A 31 -5.40 8.24 1.23
N LYS A 32 -6.09 8.91 0.32
CA LYS A 32 -5.72 8.88 -1.09
C LYS A 32 -5.33 10.26 -1.59
N ASN A 33 -4.12 10.38 -2.13
CA ASN A 33 -3.62 11.61 -2.69
C ASN A 33 -3.22 11.36 -4.14
N ASP A 34 -4.22 11.40 -5.03
CA ASP A 34 -4.03 11.14 -6.45
C ASP A 34 -3.60 9.68 -6.66
N LEU A 35 -3.10 9.36 -7.85
CA LEU A 35 -2.66 8.01 -8.15
C LEU A 35 -1.19 7.82 -7.84
N HIS A 36 -0.63 8.66 -6.97
CA HIS A 36 0.79 8.58 -6.65
C HIS A 36 1.03 8.21 -5.18
N TRP A 37 0.80 9.17 -4.28
CA TRP A 37 1.04 8.94 -2.86
C TRP A 37 -0.24 8.52 -2.13
N TRP A 38 -0.19 7.37 -1.48
CA TRP A 38 -1.33 6.85 -0.73
C TRP A 38 -0.92 6.57 0.71
N ARG A 39 -1.63 7.15 1.65
CA ARG A 39 -1.36 6.90 3.05
C ARG A 39 -1.98 5.56 3.41
N ALA A 40 -1.16 4.55 3.65
CA ALA A 40 -1.69 3.22 3.96
C ALA A 40 -1.04 2.64 5.21
N ARG A 41 -1.57 1.54 5.72
CA ARG A 41 -1.03 0.96 6.94
C ARG A 41 -1.24 -0.54 7.05
N ASP A 42 -0.84 -1.04 8.20
CA ASP A 42 -0.94 -2.44 8.55
C ASP A 42 -1.60 -2.57 9.92
N LYS A 43 -1.17 -1.69 10.81
CA LYS A 43 -1.71 -1.64 12.16
C LYS A 43 -2.88 -0.68 12.26
N TYR A 44 -3.25 -0.38 13.49
CA TYR A 44 -4.33 0.54 13.79
C TYR A 44 -3.83 1.99 13.70
N GLY A 45 -2.55 2.18 14.00
CA GLY A 45 -1.97 3.48 13.94
C GLY A 45 -0.69 3.46 13.13
N SER A 46 0.27 4.26 13.56
CA SER A 46 1.59 4.38 12.91
C SER A 46 1.43 4.48 11.40
N GLU A 47 0.49 5.32 10.97
CA GLU A 47 0.20 5.49 9.55
C GLU A 47 1.21 6.37 8.85
N GLY A 48 1.47 6.06 7.58
CA GLY A 48 2.43 6.82 6.81
C GLY A 48 2.16 6.81 5.32
N TYR A 49 2.75 7.78 4.63
CA TYR A 49 2.62 7.92 3.18
C TYR A 49 3.29 6.75 2.48
N ILE A 50 2.67 6.25 1.43
CA ILE A 50 3.20 5.12 0.68
C ILE A 50 3.07 5.34 -0.81
N PRO A 51 4.17 5.16 -1.56
CA PRO A 51 4.12 5.31 -3.00
C PRO A 51 3.32 4.18 -3.63
N SER A 52 2.06 4.46 -3.93
CA SER A 52 1.17 3.47 -4.54
C SER A 52 1.76 2.88 -5.82
N ASN A 53 2.82 3.49 -6.32
CA ASN A 53 3.49 2.99 -7.53
C ASN A 53 4.18 1.65 -7.22
N TYR A 54 4.42 1.40 -5.94
CA TYR A 54 5.04 0.16 -5.48
C TYR A 54 3.99 -0.83 -4.98
N VAL A 55 2.73 -0.38 -4.87
CA VAL A 55 1.66 -1.25 -4.39
C VAL A 55 0.55 -1.40 -5.43
N THR A 56 -0.44 -2.20 -5.07
CA THR A 56 -1.60 -2.45 -5.91
C THR A 56 -2.77 -2.67 -4.99
N GLY A 57 -3.94 -3.02 -5.51
CA GLY A 57 -5.07 -3.29 -4.64
C GLY A 57 -4.92 -4.65 -4.03
N LYS A 58 -5.80 -5.57 -4.34
CA LYS A 58 -5.63 -6.91 -3.83
C LYS A 58 -4.96 -7.77 -4.90
N LYS A 59 -3.84 -7.26 -5.42
CA LYS A 59 -3.04 -7.90 -6.47
C LYS A 59 -3.90 -8.52 -7.56
N SER A 60 -4.91 -7.77 -8.02
CA SER A 60 -5.83 -8.21 -9.06
C SER A 60 -6.37 -9.62 -8.77
N ASN A 61 -7.14 -9.74 -7.69
CA ASN A 61 -7.72 -11.02 -7.31
C ASN A 61 -8.71 -11.49 -8.37
N ASN A 62 -8.45 -12.64 -8.96
CA ASN A 62 -9.32 -13.20 -9.97
C ASN A 62 -10.13 -14.34 -9.37
N LEU A 63 -11.25 -14.00 -8.76
CA LEU A 63 -12.10 -15.01 -8.14
C LEU A 63 -13.09 -15.55 -9.17
N ASP A 64 -13.71 -16.68 -8.85
CA ASP A 64 -14.68 -17.29 -9.76
C ASP A 64 -15.77 -18.00 -8.97
N GLN A 65 -16.96 -17.40 -8.97
CA GLN A 65 -18.12 -17.95 -8.27
C GLN A 65 -19.40 -17.43 -8.90
N TYR A 66 -19.31 -17.03 -10.16
CA TYR A 66 -20.44 -16.49 -10.89
C TYR A 66 -20.92 -17.45 -11.97
N ASP A 67 -22.02 -18.14 -11.70
CA ASP A 67 -22.58 -19.08 -12.64
C ASP A 67 -24.06 -18.77 -12.86
N GLY A 1 -12.01 -0.35 8.10
CA GLY A 1 -10.83 -1.23 7.95
C GLY A 1 -10.69 -1.76 6.55
N SER A 2 -10.71 -3.08 6.41
CA SER A 2 -10.60 -3.76 5.10
C SER A 2 -9.23 -3.54 4.47
N GLU A 3 -8.39 -4.58 4.55
CA GLU A 3 -7.05 -4.54 3.97
C GLU A 3 -7.17 -4.49 2.44
N ILE A 4 -6.53 -3.52 1.80
CA ILE A 4 -6.65 -3.41 0.35
C ILE A 4 -5.35 -3.13 -0.40
N VAL A 5 -4.47 -2.30 0.15
CA VAL A 5 -3.24 -1.97 -0.57
C VAL A 5 -2.17 -3.06 -0.47
N VAL A 6 -2.03 -3.85 -1.52
CA VAL A 6 -1.03 -4.90 -1.54
C VAL A 6 0.32 -4.36 -2.07
N ALA A 7 1.29 -4.20 -1.17
CA ALA A 7 2.60 -3.69 -1.56
C ALA A 7 3.28 -4.67 -2.51
N MET A 8 3.85 -4.14 -3.58
CA MET A 8 4.50 -4.97 -4.58
C MET A 8 6.01 -5.06 -4.35
N TYR A 9 6.67 -3.91 -4.30
CA TYR A 9 8.11 -3.87 -4.09
C TYR A 9 8.50 -3.35 -2.72
N ASP A 10 9.74 -3.61 -2.35
CA ASP A 10 10.30 -3.18 -1.08
C ASP A 10 10.56 -1.69 -1.11
N PHE A 11 10.29 -1.01 0.00
CA PHE A 11 10.49 0.43 0.07
C PHE A 11 10.98 0.86 1.45
N GLN A 12 11.90 1.80 1.49
CA GLN A 12 12.44 2.31 2.74
C GLN A 12 12.00 3.75 2.93
N ALA A 13 11.64 4.10 4.17
CA ALA A 13 11.23 5.46 4.48
C ALA A 13 12.43 6.38 4.40
N THR A 14 12.35 7.42 3.58
CA THR A 14 13.46 8.34 3.43
C THR A 14 13.48 9.34 4.59
N GLU A 15 12.30 9.73 5.07
CA GLU A 15 12.22 10.66 6.17
C GLU A 15 11.43 10.08 7.35
N ALA A 16 10.12 10.32 7.36
CA ALA A 16 9.26 9.83 8.43
C ALA A 16 7.81 9.74 7.97
N HIS A 17 7.45 10.58 7.00
CA HIS A 17 6.10 10.58 6.46
C HIS A 17 5.87 9.33 5.62
N ASP A 18 6.97 8.71 5.20
CA ASP A 18 6.93 7.51 4.39
C ASP A 18 6.76 6.28 5.27
N LEU A 19 6.43 5.16 4.64
CA LEU A 19 6.27 3.90 5.35
C LEU A 19 7.10 2.83 4.67
N ARG A 20 7.68 1.94 5.46
CA ARG A 20 8.53 0.87 4.92
C ARG A 20 7.70 -0.26 4.33
N LEU A 21 7.79 -0.44 3.01
CA LEU A 21 7.05 -1.48 2.31
C LEU A 21 7.90 -2.72 2.10
N GLU A 22 7.22 -3.83 1.84
CA GLU A 22 7.90 -5.10 1.58
C GLU A 22 7.22 -5.81 0.43
N ARG A 23 7.95 -6.74 -0.18
CA ARG A 23 7.41 -7.50 -1.30
C ARG A 23 6.34 -8.48 -0.85
N GLY A 24 5.08 -8.12 -1.05
CA GLY A 24 3.99 -8.99 -0.64
C GLY A 24 3.36 -8.57 0.66
N GLN A 25 3.74 -7.41 1.16
CA GLN A 25 3.20 -6.90 2.41
C GLN A 25 1.89 -6.16 2.16
N GLU A 26 0.79 -6.75 2.58
CA GLU A 26 -0.52 -6.14 2.39
C GLU A 26 -0.78 -5.05 3.42
N TYR A 27 -1.43 -3.97 2.98
CA TYR A 27 -1.74 -2.83 3.83
C TYR A 27 -3.22 -2.49 3.80
N ILE A 28 -3.62 -1.64 4.72
CA ILE A 28 -4.99 -1.16 4.79
C ILE A 28 -4.99 0.31 4.39
N ILE A 29 -5.41 0.61 3.17
CA ILE A 29 -5.42 1.98 2.65
C ILE A 29 -6.32 2.92 3.47
N LEU A 30 -5.75 4.04 3.90
CA LEU A 30 -6.46 5.02 4.71
C LEU A 30 -7.04 6.13 3.84
N GLU A 31 -6.16 6.96 3.29
CA GLU A 31 -6.58 8.09 2.48
C GLU A 31 -5.91 8.08 1.11
N LYS A 32 -6.70 8.37 0.08
CA LYS A 32 -6.17 8.44 -1.28
C LYS A 32 -6.26 9.88 -1.76
N ASN A 33 -5.74 10.78 -0.93
CA ASN A 33 -5.74 12.21 -1.24
C ASN A 33 -4.98 12.46 -2.53
N ASP A 34 -3.83 11.81 -2.65
CA ASP A 34 -3.00 11.90 -3.83
C ASP A 34 -2.90 10.52 -4.44
N LEU A 35 -3.06 10.43 -5.76
CA LEU A 35 -3.00 9.14 -6.44
C LEU A 35 -1.57 8.60 -6.43
N HIS A 36 -0.61 9.49 -6.21
CA HIS A 36 0.79 9.10 -6.16
C HIS A 36 1.22 8.82 -4.72
N TRP A 37 0.51 9.44 -3.78
CA TRP A 37 0.80 9.27 -2.36
C TRP A 37 -0.41 8.73 -1.61
N TRP A 38 -0.48 7.42 -1.53
CA TRP A 38 -1.58 6.75 -0.84
C TRP A 38 -1.26 6.52 0.63
N ARG A 39 -2.02 7.12 1.52
CA ARG A 39 -1.81 6.92 2.95
C ARG A 39 -2.41 5.59 3.36
N ALA A 40 -1.60 4.70 3.90
CA ALA A 40 -2.09 3.40 4.33
C ALA A 40 -1.63 3.06 5.74
N ARG A 41 -2.31 2.11 6.36
CA ARG A 41 -2.00 1.68 7.72
C ARG A 41 -1.46 0.26 7.70
N ASP A 42 -0.42 0.01 8.49
CA ASP A 42 0.18 -1.32 8.57
C ASP A 42 0.40 -1.71 10.02
N LYS A 43 0.92 -0.78 10.79
CA LYS A 43 1.20 -1.03 12.19
C LYS A 43 0.00 -0.69 13.06
N TYR A 44 0.19 0.25 14.00
CA TYR A 44 -0.87 0.66 14.91
C TYR A 44 -0.91 2.18 15.06
N GLY A 45 -1.03 2.89 13.95
CA GLY A 45 -1.06 4.35 14.00
C GLY A 45 0.24 4.97 13.53
N SER A 46 1.29 4.16 13.48
CA SER A 46 2.60 4.61 13.03
C SER A 46 2.69 4.46 11.52
N GLU A 47 1.73 5.06 10.83
CA GLU A 47 1.65 4.94 9.38
C GLU A 47 1.98 6.24 8.66
N GLY A 48 1.71 6.28 7.36
CA GLY A 48 2.01 7.46 6.58
C GLY A 48 1.61 7.28 5.13
N TYR A 49 2.21 8.10 4.26
CA TYR A 49 1.92 8.02 2.85
C TYR A 49 2.83 6.99 2.18
N ILE A 50 2.30 6.30 1.19
CA ILE A 50 3.04 5.30 0.46
C ILE A 50 2.98 5.59 -1.02
N PRO A 51 4.11 5.55 -1.71
CA PRO A 51 4.12 5.76 -3.14
C PRO A 51 3.50 4.57 -3.84
N SER A 52 2.25 4.72 -4.28
CA SER A 52 1.51 3.65 -4.97
C SER A 52 2.34 2.99 -6.09
N ASN A 53 3.43 3.63 -6.47
CA ASN A 53 4.32 3.10 -7.49
C ASN A 53 4.89 1.75 -7.02
N TYR A 54 4.92 1.56 -5.70
CA TYR A 54 5.43 0.34 -5.10
C TYR A 54 4.30 -0.50 -4.48
N VAL A 55 3.06 0.00 -4.52
CA VAL A 55 1.94 -0.73 -3.93
C VAL A 55 0.74 -0.75 -4.88
N THR A 56 0.20 -1.93 -5.14
CA THR A 56 -0.96 -2.07 -5.99
C THR A 56 -2.21 -2.12 -5.13
N GLY A 57 -3.38 -2.14 -5.76
CA GLY A 57 -4.61 -2.22 -5.00
C GLY A 57 -4.82 -3.62 -4.51
N LYS A 58 -6.02 -4.15 -4.67
CA LYS A 58 -6.27 -5.52 -4.25
C LYS A 58 -5.88 -6.49 -5.36
N LYS A 59 -4.71 -6.25 -5.96
CA LYS A 59 -4.22 -7.10 -7.03
C LYS A 59 -3.43 -8.28 -6.47
N SER A 60 -4.02 -9.45 -6.53
CA SER A 60 -3.39 -10.67 -6.07
C SER A 60 -3.80 -11.82 -6.97
N ASN A 61 -3.77 -11.55 -8.27
CA ASN A 61 -4.16 -12.54 -9.27
C ASN A 61 -3.06 -13.58 -9.47
N ASN A 62 -2.94 -14.47 -8.50
CA ASN A 62 -1.97 -15.55 -8.53
C ASN A 62 -2.72 -16.86 -8.38
N LEU A 63 -3.97 -16.84 -8.82
CA LEU A 63 -4.86 -17.98 -8.73
C LEU A 63 -4.61 -18.98 -9.86
N ASP A 64 -4.11 -18.50 -10.97
CA ASP A 64 -3.84 -19.37 -12.11
C ASP A 64 -2.84 -20.46 -11.73
N GLN A 65 -3.29 -21.70 -11.85
CA GLN A 65 -2.48 -22.87 -11.52
C GLN A 65 -2.05 -22.88 -10.06
N TYR A 66 -3.01 -23.07 -9.15
CA TYR A 66 -2.68 -23.09 -7.72
C TYR A 66 -2.87 -24.47 -7.12
N ASP A 67 -2.25 -24.69 -5.96
CA ASP A 67 -2.36 -25.96 -5.26
C ASP A 67 -2.74 -25.71 -3.81
N GLY A 1 -14.83 -4.62 3.84
CA GLY A 1 -14.40 -3.57 2.88
C GLY A 1 -13.55 -2.49 3.55
N SER A 2 -12.34 -2.85 3.98
CA SER A 2 -11.44 -1.90 4.61
C SER A 2 -10.39 -1.40 3.62
N GLU A 3 -10.45 -1.96 2.40
CA GLU A 3 -9.54 -1.62 1.31
C GLU A 3 -8.08 -1.90 1.67
N ILE A 4 -7.63 -3.09 1.33
CA ILE A 4 -6.25 -3.49 1.59
C ILE A 4 -5.39 -3.24 0.36
N VAL A 5 -4.15 -2.81 0.58
CA VAL A 5 -3.24 -2.57 -0.53
C VAL A 5 -1.99 -3.45 -0.40
N VAL A 6 -1.83 -4.37 -1.34
CA VAL A 6 -0.69 -5.26 -1.35
C VAL A 6 0.50 -4.56 -1.98
N ALA A 7 1.54 -4.33 -1.19
CA ALA A 7 2.75 -3.69 -1.69
C ALA A 7 3.41 -4.54 -2.76
N MET A 8 4.07 -3.90 -3.69
CA MET A 8 4.74 -4.62 -4.77
C MET A 8 6.24 -4.56 -4.59
N TYR A 9 6.74 -3.34 -4.44
CA TYR A 9 8.16 -3.11 -4.26
C TYR A 9 8.46 -2.68 -2.83
N ASP A 10 9.69 -2.92 -2.38
CA ASP A 10 10.10 -2.56 -1.03
C ASP A 10 10.31 -1.05 -0.91
N PHE A 11 10.28 -0.56 0.33
CA PHE A 11 10.45 0.86 0.61
C PHE A 11 10.86 1.06 2.07
N GLN A 12 11.99 1.73 2.29
CA GLN A 12 12.49 1.97 3.64
C GLN A 12 11.95 3.28 4.22
N ALA A 13 11.15 3.15 5.26
CA ALA A 13 10.55 4.31 5.93
C ALA A 13 11.59 5.04 6.77
N THR A 14 11.44 6.35 6.85
CA THR A 14 12.35 7.15 7.64
C THR A 14 11.87 7.18 9.09
N GLU A 15 10.90 8.05 9.39
CA GLU A 15 10.32 8.15 10.74
C GLU A 15 9.03 8.96 10.79
N ALA A 16 7.91 8.23 10.94
CA ALA A 16 6.58 8.84 11.07
C ALA A 16 6.21 9.78 9.93
N HIS A 17 6.12 9.21 8.74
CA HIS A 17 5.72 9.95 7.53
C HIS A 17 5.81 9.00 6.37
N ASP A 18 6.95 8.32 6.32
CA ASP A 18 7.23 7.34 5.30
C ASP A 18 6.81 5.98 5.84
N LEU A 19 6.43 5.05 4.99
CA LEU A 19 6.01 3.74 5.48
C LEU A 19 6.88 2.63 4.89
N ARG A 20 7.20 1.65 5.74
CA ARG A 20 8.02 0.53 5.35
C ARG A 20 7.25 -0.43 4.44
N LEU A 21 7.70 -0.56 3.21
CA LEU A 21 7.08 -1.47 2.26
C LEU A 21 7.98 -2.66 2.00
N GLU A 22 7.38 -3.73 1.55
CA GLU A 22 8.11 -4.94 1.21
C GLU A 22 7.64 -5.45 -0.14
N ARG A 23 8.20 -6.56 -0.58
CA ARG A 23 7.78 -7.16 -1.84
C ARG A 23 6.55 -8.03 -1.59
N GLY A 24 5.49 -7.35 -1.17
CA GLY A 24 4.25 -8.01 -0.83
C GLY A 24 3.67 -7.39 0.43
N GLN A 25 2.91 -8.18 1.19
CA GLN A 25 2.30 -7.73 2.44
C GLN A 25 1.14 -6.76 2.18
N GLU A 26 -0.03 -7.14 2.67
CA GLU A 26 -1.23 -6.34 2.50
C GLU A 26 -1.35 -5.27 3.59
N TYR A 27 -1.50 -4.02 3.17
CA TYR A 27 -1.64 -2.91 4.11
C TYR A 27 -3.07 -2.38 4.08
N ILE A 28 -3.36 -1.43 4.95
CA ILE A 28 -4.70 -0.85 5.02
C ILE A 28 -4.64 0.65 4.74
N ILE A 29 -4.90 1.04 3.50
CA ILE A 29 -4.85 2.43 3.10
C ILE A 29 -5.90 3.28 3.84
N LEU A 30 -5.45 4.44 4.33
CA LEU A 30 -6.32 5.37 5.06
C LEU A 30 -6.87 6.42 4.11
N GLU A 31 -5.97 7.07 3.37
CA GLU A 31 -6.36 8.13 2.45
C GLU A 31 -5.90 7.89 1.03
N LYS A 32 -6.70 8.36 0.09
CA LYS A 32 -6.38 8.27 -1.34
C LYS A 32 -6.31 9.70 -1.89
N ASN A 33 -5.48 10.52 -1.25
CA ASN A 33 -5.31 11.93 -1.64
C ASN A 33 -4.89 12.06 -3.09
N ASP A 34 -3.66 11.66 -3.39
CA ASP A 34 -3.17 11.76 -4.76
C ASP A 34 -3.37 10.42 -5.46
N LEU A 35 -3.15 10.40 -6.76
CA LEU A 35 -3.31 9.17 -7.52
C LEU A 35 -2.03 8.36 -7.49
N HIS A 36 -0.92 9.01 -7.16
CA HIS A 36 0.37 8.35 -7.08
C HIS A 36 0.86 8.29 -5.63
N TRP A 37 0.28 9.14 -4.79
CA TRP A 37 0.66 9.20 -3.39
C TRP A 37 -0.52 8.90 -2.46
N TRP A 38 -0.52 7.73 -1.87
CA TRP A 38 -1.57 7.36 -0.93
C TRP A 38 -1.01 7.34 0.48
N ARG A 39 -1.83 6.94 1.43
CA ARG A 39 -1.40 6.84 2.82
C ARG A 39 -1.98 5.56 3.39
N ALA A 40 -1.13 4.58 3.68
CA ALA A 40 -1.61 3.30 4.19
C ALA A 40 -1.13 3.02 5.61
N ARG A 41 -1.84 2.09 6.26
CA ARG A 41 -1.58 1.70 7.64
C ARG A 41 -0.86 0.36 7.70
N ASP A 42 0.04 0.22 8.67
CA ASP A 42 0.78 -1.02 8.85
C ASP A 42 0.62 -1.54 10.27
N LYS A 43 1.27 -0.88 11.22
CA LYS A 43 1.22 -1.29 12.61
C LYS A 43 0.08 -0.64 13.39
N TYR A 44 0.42 -0.08 14.54
CA TYR A 44 -0.53 0.59 15.43
C TYR A 44 -0.45 2.11 15.26
N GLY A 45 -0.66 2.57 14.04
CA GLY A 45 -0.57 3.99 13.79
C GLY A 45 0.58 4.31 12.88
N SER A 46 1.32 3.26 12.49
CA SER A 46 2.45 3.42 11.60
C SER A 46 1.91 3.55 10.18
N GLU A 47 1.45 4.74 9.84
CA GLU A 47 0.90 5.02 8.54
C GLU A 47 1.71 6.09 7.87
N GLY A 48 1.63 6.19 6.56
CA GLY A 48 2.41 7.19 5.88
C GLY A 48 2.17 7.22 4.39
N TYR A 49 2.68 8.30 3.79
CA TYR A 49 2.58 8.52 2.36
C TYR A 49 3.36 7.45 1.61
N ILE A 50 2.70 6.79 0.68
CA ILE A 50 3.31 5.74 -0.08
C ILE A 50 3.09 5.91 -1.57
N PRO A 51 4.12 5.75 -2.39
CA PRO A 51 3.98 5.85 -3.82
C PRO A 51 3.28 4.60 -4.32
N SER A 52 2.00 4.74 -4.65
CA SER A 52 1.18 3.62 -5.13
C SER A 52 1.83 2.92 -6.32
N ASN A 53 2.87 3.53 -6.89
CA ASN A 53 3.60 2.94 -8.00
C ASN A 53 4.26 1.65 -7.52
N TYR A 54 4.64 1.64 -6.26
CA TYR A 54 5.26 0.49 -5.62
C TYR A 54 4.22 -0.35 -4.90
N VAL A 55 2.94 -0.03 -5.09
CA VAL A 55 1.86 -0.76 -4.42
C VAL A 55 0.82 -1.26 -5.43
N THR A 56 -0.19 -1.92 -4.89
CA THR A 56 -1.30 -2.48 -5.66
C THR A 56 -2.43 -2.76 -4.66
N GLY A 57 -3.64 -2.99 -5.13
CA GLY A 57 -4.71 -3.29 -4.21
C GLY A 57 -4.58 -4.75 -3.81
N LYS A 58 -5.62 -5.53 -3.97
CA LYS A 58 -5.48 -6.95 -3.67
C LYS A 58 -5.30 -7.71 -4.99
N LYS A 59 -5.07 -6.92 -6.06
CA LYS A 59 -4.87 -7.43 -7.41
C LYS A 59 -6.19 -7.97 -7.96
N SER A 60 -6.34 -7.89 -9.28
CA SER A 60 -7.56 -8.36 -9.92
C SER A 60 -7.62 -9.88 -9.94
N ASN A 61 -8.54 -10.45 -9.18
CA ASN A 61 -8.71 -11.90 -9.13
C ASN A 61 -9.60 -12.36 -10.26
N ASN A 62 -10.71 -11.65 -10.44
CA ASN A 62 -11.69 -11.93 -11.47
C ASN A 62 -12.18 -13.37 -11.39
N LEU A 63 -12.99 -13.67 -10.38
CA LEU A 63 -13.52 -15.02 -10.22
C LEU A 63 -14.84 -15.15 -10.99
N ASP A 64 -15.20 -16.37 -11.35
CA ASP A 64 -16.43 -16.61 -12.09
C ASP A 64 -17.25 -17.69 -11.41
N GLN A 65 -18.42 -17.99 -11.98
CA GLN A 65 -19.34 -19.01 -11.47
C GLN A 65 -20.02 -18.55 -10.18
N TYR A 66 -19.21 -18.37 -9.12
CA TYR A 66 -19.68 -17.92 -7.82
C TYR A 66 -20.72 -18.88 -7.24
N ASP A 67 -20.25 -20.04 -6.80
CA ASP A 67 -21.13 -21.04 -6.19
C ASP A 67 -20.81 -21.16 -4.70
N GLY A 1 -15.31 -4.41 4.35
CA GLY A 1 -13.90 -4.85 4.38
C GLY A 1 -13.04 -3.92 5.22
N SER A 2 -11.74 -4.19 5.25
CA SER A 2 -10.80 -3.38 6.01
C SER A 2 -9.57 -3.07 5.16
N GLU A 3 -8.77 -4.09 4.90
CA GLU A 3 -7.57 -3.99 4.09
C GLU A 3 -7.95 -3.60 2.67
N ILE A 4 -7.07 -2.86 2.00
CA ILE A 4 -7.35 -2.43 0.64
C ILE A 4 -6.17 -2.64 -0.27
N VAL A 5 -4.99 -2.24 0.16
CA VAL A 5 -3.85 -2.34 -0.71
C VAL A 5 -2.83 -3.39 -0.29
N VAL A 6 -1.83 -3.60 -1.14
CA VAL A 6 -0.78 -4.57 -0.92
C VAL A 6 0.49 -4.13 -1.68
N ALA A 7 1.65 -4.24 -1.04
CA ALA A 7 2.92 -3.84 -1.67
C ALA A 7 3.53 -4.97 -2.47
N MET A 8 4.39 -4.61 -3.42
CA MET A 8 5.06 -5.60 -4.25
C MET A 8 6.56 -5.32 -4.32
N TYR A 9 6.92 -4.04 -4.34
CA TYR A 9 8.33 -3.66 -4.42
C TYR A 9 8.87 -3.25 -3.06
N ASP A 10 10.20 -3.13 -2.97
CA ASP A 10 10.87 -2.77 -1.73
C ASP A 10 11.16 -1.26 -1.68
N PHE A 11 10.85 -0.65 -0.55
CA PHE A 11 11.09 0.77 -0.32
C PHE A 11 11.20 1.02 1.18
N GLN A 12 11.95 2.04 1.57
CA GLN A 12 12.13 2.33 3.00
C GLN A 12 11.67 3.74 3.35
N ALA A 13 11.08 3.89 4.55
CA ALA A 13 10.64 5.20 5.02
C ALA A 13 11.84 5.98 5.51
N THR A 14 12.00 7.19 4.99
CA THR A 14 13.12 8.03 5.36
C THR A 14 12.89 8.72 6.71
N GLU A 15 11.64 8.80 7.14
CA GLU A 15 11.34 9.44 8.42
C GLU A 15 10.24 8.68 9.17
N ALA A 16 9.02 9.20 9.13
CA ALA A 16 7.88 8.58 9.82
C ALA A 16 6.56 9.06 9.23
N HIS A 17 6.66 9.93 8.24
CA HIS A 17 5.48 10.47 7.55
C HIS A 17 5.08 9.51 6.44
N ASP A 18 6.01 8.62 6.14
CA ASP A 18 5.81 7.60 5.11
C ASP A 18 5.99 6.22 5.73
N LEU A 19 5.69 5.18 4.95
CA LEU A 19 5.86 3.81 5.43
C LEU A 19 6.77 3.04 4.50
N ARG A 20 7.33 1.93 4.97
CA ARG A 20 8.22 1.12 4.14
C ARG A 20 7.40 0.17 3.28
N LEU A 21 8.00 -0.28 2.20
CA LEU A 21 7.35 -1.20 1.28
C LEU A 21 8.02 -2.57 1.35
N GLU A 22 7.24 -3.60 1.64
CA GLU A 22 7.78 -4.94 1.73
C GLU A 22 7.31 -5.80 0.56
N ARG A 23 8.09 -6.81 0.25
CA ARG A 23 7.81 -7.72 -0.85
C ARG A 23 6.61 -8.61 -0.55
N GLY A 24 5.41 -8.13 -0.86
CA GLY A 24 4.20 -8.90 -0.65
C GLY A 24 3.54 -8.65 0.67
N GLN A 25 3.66 -7.44 1.20
CA GLN A 25 3.01 -7.12 2.47
C GLN A 25 1.78 -6.26 2.21
N GLU A 26 0.65 -6.68 2.77
CA GLU A 26 -0.60 -5.98 2.58
C GLU A 26 -0.69 -4.75 3.47
N TYR A 27 -1.53 -3.81 3.08
CA TYR A 27 -1.72 -2.58 3.85
C TYR A 27 -3.17 -2.10 3.80
N ILE A 28 -3.60 -1.50 4.88
CA ILE A 28 -4.94 -0.95 4.96
C ILE A 28 -4.81 0.55 4.70
N ILE A 29 -4.90 0.94 3.44
CA ILE A 29 -4.74 2.32 3.04
C ILE A 29 -5.82 3.21 3.67
N LEU A 30 -5.40 4.38 4.14
CA LEU A 30 -6.28 5.34 4.80
C LEU A 30 -6.82 6.37 3.82
N GLU A 31 -5.94 7.27 3.41
CA GLU A 31 -6.31 8.36 2.51
C GLU A 31 -5.53 8.25 1.21
N LYS A 32 -6.23 8.39 0.09
CA LYS A 32 -5.57 8.33 -1.20
C LYS A 32 -4.94 9.67 -1.50
N ASN A 33 -5.73 10.74 -1.40
CA ASN A 33 -5.26 12.11 -1.69
C ASN A 33 -4.90 12.24 -3.16
N ASP A 34 -3.72 11.77 -3.51
CA ASP A 34 -3.26 11.78 -4.88
C ASP A 34 -3.12 10.33 -5.34
N LEU A 35 -3.24 10.10 -6.64
CA LEU A 35 -3.14 8.74 -7.16
C LEU A 35 -1.75 8.13 -6.96
N HIS A 36 -0.78 8.93 -6.53
CA HIS A 36 0.57 8.44 -6.32
C HIS A 36 0.92 8.32 -4.82
N TRP A 37 0.52 9.30 -4.03
CA TRP A 37 0.82 9.30 -2.59
C TRP A 37 -0.35 8.79 -1.75
N TRP A 38 -0.40 7.48 -1.55
CA TRP A 38 -1.46 6.86 -0.75
C TRP A 38 -1.03 6.67 0.70
N ARG A 39 -1.70 7.33 1.62
CA ARG A 39 -1.38 7.14 3.04
C ARG A 39 -2.03 5.85 3.51
N ALA A 40 -1.22 4.84 3.76
CA ALA A 40 -1.72 3.54 4.19
C ALA A 40 -1.27 3.20 5.60
N ARG A 41 -1.86 2.16 6.16
CA ARG A 41 -1.54 1.71 7.51
C ARG A 41 -1.28 0.21 7.51
N ASP A 42 -0.16 -0.21 8.08
CA ASP A 42 0.18 -1.63 8.10
C ASP A 42 -0.44 -2.37 9.29
N LYS A 43 0.08 -2.10 10.49
CA LYS A 43 -0.40 -2.75 11.70
C LYS A 43 -1.77 -2.26 12.14
N TYR A 44 -1.79 -1.47 13.21
CA TYR A 44 -3.03 -0.94 13.77
C TYR A 44 -2.79 0.42 14.41
N GLY A 45 -1.90 1.19 13.79
CA GLY A 45 -1.56 2.50 14.29
C GLY A 45 -0.45 3.14 13.49
N SER A 46 0.49 2.32 13.07
CA SER A 46 1.61 2.78 12.27
C SER A 46 1.16 3.01 10.82
N GLU A 47 1.19 4.26 10.40
CA GLU A 47 0.77 4.61 9.04
C GLU A 47 1.65 5.70 8.43
N GLY A 48 1.53 5.87 7.12
CA GLY A 48 2.31 6.86 6.42
C GLY A 48 2.09 6.81 4.93
N TYR A 49 2.41 7.89 4.24
CA TYR A 49 2.24 7.96 2.79
C TYR A 49 3.06 6.89 2.10
N ILE A 50 2.48 6.29 1.08
CA ILE A 50 3.12 5.23 0.33
C ILE A 50 2.97 5.46 -1.15
N PRO A 51 4.09 5.46 -1.89
CA PRO A 51 4.04 5.60 -3.33
C PRO A 51 3.36 4.37 -3.93
N SER A 52 2.12 4.53 -4.36
CA SER A 52 1.33 3.43 -4.94
C SER A 52 2.09 2.75 -6.09
N ASN A 53 3.19 3.36 -6.53
CA ASN A 53 4.03 2.81 -7.58
C ASN A 53 4.59 1.46 -7.13
N TYR A 54 4.86 1.35 -5.83
CA TYR A 54 5.40 0.12 -5.25
C TYR A 54 4.31 -0.79 -4.70
N VAL A 55 3.06 -0.34 -4.77
CA VAL A 55 1.94 -1.14 -4.28
C VAL A 55 0.84 -1.29 -5.33
N THR A 56 -0.31 -1.71 -4.85
CA THR A 56 -1.51 -1.90 -5.65
C THR A 56 -2.64 -2.16 -4.69
N GLY A 57 -3.86 -2.11 -5.15
CA GLY A 57 -4.97 -2.38 -4.26
C GLY A 57 -5.22 -3.86 -4.20
N LYS A 58 -6.20 -4.30 -4.94
CA LYS A 58 -6.53 -5.72 -5.04
C LYS A 58 -5.97 -6.24 -6.36
N LYS A 59 -4.80 -5.69 -6.72
CA LYS A 59 -4.08 -6.01 -7.96
C LYS A 59 -4.71 -5.31 -9.16
N SER A 60 -4.24 -5.64 -10.36
CA SER A 60 -4.75 -5.03 -11.58
C SER A 60 -6.07 -5.68 -12.00
N ASN A 61 -6.72 -5.06 -12.99
CA ASN A 61 -7.98 -5.56 -13.52
C ASN A 61 -7.79 -6.93 -14.18
N ASN A 62 -8.73 -7.83 -13.94
CA ASN A 62 -8.67 -9.16 -14.53
C ASN A 62 -9.15 -9.08 -15.98
N LEU A 63 -10.06 -8.16 -16.22
CA LEU A 63 -10.60 -7.92 -17.54
C LEU A 63 -10.40 -6.46 -17.91
N ASP A 64 -9.21 -6.14 -18.40
CA ASP A 64 -8.88 -4.77 -18.77
C ASP A 64 -9.73 -4.29 -19.94
N GLN A 65 -10.69 -3.40 -19.62
CA GLN A 65 -11.61 -2.82 -20.59
C GLN A 65 -12.55 -3.87 -21.18
N TYR A 66 -12.45 -5.12 -20.71
CA TYR A 66 -13.29 -6.22 -21.19
C TYR A 66 -13.16 -6.38 -22.71
N ASP A 67 -14.22 -6.86 -23.35
CA ASP A 67 -14.22 -7.05 -24.80
C ASP A 67 -15.64 -7.10 -25.33
N GLY A 1 -14.00 0.15 7.51
CA GLY A 1 -13.61 -0.63 6.33
C GLY A 1 -12.81 0.19 5.35
N SER A 2 -11.63 -0.29 4.98
CA SER A 2 -10.77 0.41 4.05
C SER A 2 -10.29 -0.54 2.96
N GLU A 3 -9.73 0.02 1.88
CA GLU A 3 -9.25 -0.80 0.77
C GLU A 3 -7.91 -1.46 1.13
N ILE A 4 -7.75 -2.71 0.70
CA ILE A 4 -6.52 -3.43 0.98
C ILE A 4 -5.55 -3.32 -0.19
N VAL A 5 -4.37 -2.76 0.08
CA VAL A 5 -3.36 -2.60 -0.96
C VAL A 5 -2.15 -3.48 -0.66
N VAL A 6 -1.70 -4.25 -1.63
CA VAL A 6 -0.55 -5.11 -1.42
C VAL A 6 0.71 -4.48 -1.99
N ALA A 7 1.75 -4.39 -1.16
CA ALA A 7 3.01 -3.78 -1.57
C ALA A 7 3.64 -4.56 -2.72
N MET A 8 3.89 -3.87 -3.81
CA MET A 8 4.48 -4.46 -5.00
C MET A 8 5.99 -4.58 -4.84
N TYR A 9 6.63 -3.47 -4.51
CA TYR A 9 8.08 -3.43 -4.32
C TYR A 9 8.42 -3.02 -2.90
N ASP A 10 9.70 -3.05 -2.57
CA ASP A 10 10.16 -2.66 -1.23
C ASP A 10 10.35 -1.17 -1.15
N PHE A 11 10.19 -0.62 0.04
CA PHE A 11 10.37 0.81 0.24
C PHE A 11 11.02 1.06 1.59
N GLN A 12 11.98 1.98 1.63
CA GLN A 12 12.68 2.32 2.85
C GLN A 12 12.42 3.77 3.24
N ALA A 13 11.67 3.99 4.31
CA ALA A 13 11.36 5.35 4.75
C ALA A 13 12.53 5.93 5.54
N THR A 14 13.34 6.72 4.87
CA THR A 14 14.50 7.34 5.50
C THR A 14 14.08 8.66 6.15
N GLU A 15 12.96 9.23 5.71
CA GLU A 15 12.47 10.48 6.26
C GLU A 15 11.59 10.23 7.48
N ALA A 16 10.28 10.43 7.35
CA ALA A 16 9.37 10.23 8.47
C ALA A 16 7.91 10.10 8.00
N HIS A 17 7.52 10.93 7.03
CA HIS A 17 6.15 10.90 6.51
C HIS A 17 5.91 9.62 5.72
N ASP A 18 6.99 9.08 5.15
CA ASP A 18 6.92 7.85 4.37
C ASP A 18 6.85 6.63 5.28
N LEU A 19 6.44 5.51 4.71
CA LEU A 19 6.36 4.27 5.45
C LEU A 19 7.07 3.18 4.66
N ARG A 20 7.81 2.31 5.35
CA ARG A 20 8.55 1.25 4.65
C ARG A 20 7.59 0.17 4.12
N LEU A 21 7.93 -0.41 2.98
CA LEU A 21 7.10 -1.45 2.37
C LEU A 21 7.84 -2.76 2.25
N GLU A 22 7.06 -3.84 2.23
CA GLU A 22 7.59 -5.19 2.08
C GLU A 22 6.78 -5.91 1.01
N ARG A 23 7.46 -6.49 0.02
CA ARG A 23 6.78 -7.19 -1.08
C ARG A 23 5.82 -8.26 -0.58
N GLY A 24 4.54 -8.13 -0.96
CA GLY A 24 3.55 -9.12 -0.57
C GLY A 24 2.78 -8.73 0.67
N GLN A 25 3.12 -7.59 1.27
CA GLN A 25 2.43 -7.13 2.47
C GLN A 25 1.12 -6.45 2.11
N GLU A 26 0.04 -6.87 2.77
CA GLU A 26 -1.28 -6.30 2.53
C GLU A 26 -1.58 -5.19 3.52
N TYR A 27 -1.54 -3.96 3.04
CA TYR A 27 -1.81 -2.80 3.86
C TYR A 27 -3.26 -2.37 3.72
N ILE A 28 -3.66 -1.44 4.56
CA ILE A 28 -5.01 -0.92 4.54
C ILE A 28 -4.96 0.60 4.36
N ILE A 29 -5.14 1.04 3.12
CA ILE A 29 -5.07 2.46 2.81
C ILE A 29 -6.10 3.29 3.59
N LEU A 30 -5.62 4.39 4.15
CA LEU A 30 -6.42 5.31 4.93
C LEU A 30 -6.91 6.47 4.07
N GLU A 31 -5.95 7.13 3.43
CA GLU A 31 -6.26 8.28 2.58
C GLU A 31 -5.83 8.05 1.14
N LYS A 32 -6.72 8.32 0.21
CA LYS A 32 -6.44 8.18 -1.21
C LYS A 32 -6.68 9.51 -1.91
N ASN A 33 -6.02 10.54 -1.41
CA ASN A 33 -6.17 11.90 -1.96
C ASN A 33 -5.45 12.05 -3.29
N ASP A 34 -4.29 11.42 -3.39
CA ASP A 34 -3.48 11.49 -4.61
C ASP A 34 -3.57 10.16 -5.35
N LEU A 35 -3.14 10.15 -6.61
CA LEU A 35 -3.17 8.93 -7.41
C LEU A 35 -1.86 8.16 -7.26
N HIS A 36 -0.87 8.82 -6.69
CA HIS A 36 0.44 8.20 -6.49
C HIS A 36 0.77 8.07 -5.01
N TRP A 37 0.37 9.04 -4.21
CA TRP A 37 0.67 9.00 -2.78
C TRP A 37 -0.55 8.61 -1.97
N TRP A 38 -0.50 7.41 -1.38
CA TRP A 38 -1.59 6.91 -0.57
C TRP A 38 -1.12 6.62 0.86
N ARG A 39 -1.83 7.12 1.85
CA ARG A 39 -1.48 6.82 3.23
C ARG A 39 -2.14 5.51 3.59
N ALA A 40 -1.38 4.54 4.05
CA ALA A 40 -1.97 3.25 4.39
C ALA A 40 -1.46 2.70 5.70
N ARG A 41 -2.27 1.82 6.30
CA ARG A 41 -1.94 1.18 7.56
C ARG A 41 -1.14 -0.09 7.31
N ASP A 42 -0.05 -0.25 8.04
CA ASP A 42 0.78 -1.45 7.91
C ASP A 42 0.16 -2.55 8.75
N LYS A 43 0.65 -2.71 9.97
CA LYS A 43 0.12 -3.69 10.88
C LYS A 43 -0.97 -3.08 11.75
N TYR A 44 -0.59 -2.71 12.97
CA TYR A 44 -1.51 -2.12 13.92
C TYR A 44 -0.82 -1.07 14.75
N GLY A 45 -0.26 -0.07 14.07
CA GLY A 45 0.43 1.00 14.77
C GLY A 45 1.39 1.76 13.88
N SER A 46 1.49 1.35 12.62
CA SER A 46 2.37 2.02 11.66
C SER A 46 1.59 2.42 10.42
N GLU A 47 1.64 3.71 10.07
CA GLU A 47 0.93 4.22 8.90
C GLU A 47 1.58 5.50 8.40
N GLY A 48 1.38 5.80 7.13
CA GLY A 48 1.97 6.99 6.55
C GLY A 48 1.91 6.99 5.05
N TYR A 49 2.48 8.04 4.45
CA TYR A 49 2.51 8.21 3.00
C TYR A 49 3.23 7.07 2.31
N ILE A 50 2.61 6.53 1.28
CA ILE A 50 3.18 5.42 0.52
C ILE A 50 3.06 5.67 -0.97
N PRO A 51 4.17 5.56 -1.70
CA PRO A 51 4.15 5.73 -3.14
C PRO A 51 3.55 4.50 -3.80
N SER A 52 2.32 4.63 -4.28
CA SER A 52 1.59 3.54 -4.96
C SER A 52 2.44 2.94 -6.09
N ASN A 53 3.51 3.62 -6.46
CA ASN A 53 4.42 3.13 -7.49
C ASN A 53 5.08 1.83 -7.01
N TYR A 54 5.07 1.64 -5.69
CA TYR A 54 5.64 0.45 -5.06
C TYR A 54 4.56 -0.41 -4.44
N VAL A 55 3.29 -0.07 -4.66
CA VAL A 55 2.19 -0.83 -4.07
C VAL A 55 0.94 -0.80 -4.95
N THR A 56 0.45 -1.99 -5.26
CA THR A 56 -0.76 -2.15 -6.05
C THR A 56 -1.91 -2.49 -5.13
N GLY A 57 -3.10 -2.69 -5.67
CA GLY A 57 -4.23 -3.06 -4.83
C GLY A 57 -4.09 -4.50 -4.43
N LYS A 58 -5.14 -5.26 -4.51
CA LYS A 58 -5.02 -6.67 -4.18
C LYS A 58 -4.77 -7.45 -5.47
N LYS A 59 -3.63 -7.14 -6.13
CA LYS A 59 -3.26 -7.82 -7.39
C LYS A 59 -3.38 -9.33 -7.28
N SER A 60 -3.56 -9.98 -8.42
CA SER A 60 -3.67 -11.43 -8.45
C SER A 60 -2.32 -12.07 -8.11
N ASN A 61 -2.29 -12.84 -7.04
CA ASN A 61 -1.06 -13.49 -6.61
C ASN A 61 -1.20 -15.01 -6.68
N ASN A 62 -0.10 -15.69 -6.96
CA ASN A 62 -0.10 -17.14 -7.05
C ASN A 62 0.78 -17.72 -5.95
N LEU A 63 2.07 -17.88 -6.26
CA LEU A 63 3.06 -18.42 -5.31
C LEU A 63 2.59 -19.75 -4.72
N ASP A 64 2.94 -20.00 -3.47
CA ASP A 64 2.54 -21.24 -2.80
C ASP A 64 1.55 -20.97 -1.68
N GLN A 65 1.23 -22.02 -0.93
CA GLN A 65 0.30 -21.90 0.18
C GLN A 65 0.99 -21.28 1.39
N TYR A 66 0.81 -19.99 1.57
CA TYR A 66 1.42 -19.27 2.69
C TYR A 66 0.37 -18.96 3.74
N ASP A 67 0.78 -18.88 4.99
CA ASP A 67 -0.13 -18.59 6.09
C ASP A 67 0.07 -17.15 6.57
N GLY A 1 -13.74 2.64 2.57
CA GLY A 1 -13.04 1.84 1.53
C GLY A 1 -11.73 1.28 2.03
N SER A 2 -11.81 0.34 2.97
CA SER A 2 -10.63 -0.27 3.55
C SER A 2 -10.16 -1.44 2.68
N GLU A 3 -9.43 -1.12 1.62
CA GLU A 3 -8.94 -2.14 0.70
C GLU A 3 -7.55 -2.58 1.08
N ILE A 4 -7.17 -3.76 0.61
CA ILE A 4 -5.85 -4.31 0.89
C ILE A 4 -4.83 -3.85 -0.14
N VAL A 5 -4.07 -2.84 0.23
CA VAL A 5 -3.03 -2.30 -0.63
C VAL A 5 -1.74 -3.09 -0.42
N VAL A 6 -1.55 -4.13 -1.23
CA VAL A 6 -0.38 -4.98 -1.13
C VAL A 6 0.85 -4.31 -1.74
N ALA A 7 1.89 -4.13 -0.95
CA ALA A 7 3.12 -3.53 -1.45
C ALA A 7 3.78 -4.46 -2.46
N MET A 8 3.95 -3.98 -3.68
CA MET A 8 4.56 -4.76 -4.75
C MET A 8 6.07 -4.68 -4.65
N TYR A 9 6.58 -3.47 -4.60
CA TYR A 9 8.02 -3.26 -4.49
C TYR A 9 8.37 -2.78 -3.09
N ASP A 10 9.63 -2.95 -2.70
CA ASP A 10 10.07 -2.51 -1.37
C ASP A 10 10.27 -1.01 -1.35
N PHE A 11 10.13 -0.41 -0.17
CA PHE A 11 10.30 1.04 -0.02
C PHE A 11 10.95 1.34 1.32
N GLN A 12 11.86 2.30 1.32
CA GLN A 12 12.57 2.69 2.53
C GLN A 12 12.06 4.04 3.05
N ALA A 13 12.05 4.22 4.37
CA ALA A 13 11.61 5.48 4.96
C ALA A 13 12.77 6.46 5.00
N THR A 14 12.54 7.68 4.57
CA THR A 14 13.60 8.68 4.54
C THR A 14 13.53 9.58 5.78
N GLU A 15 12.36 9.66 6.41
CA GLU A 15 12.21 10.50 7.59
C GLU A 15 11.37 9.82 8.68
N ALA A 16 10.05 9.93 8.57
CA ALA A 16 9.13 9.34 9.54
C ALA A 16 7.77 9.11 8.93
N HIS A 17 7.27 10.12 8.20
CA HIS A 17 5.97 10.03 7.55
C HIS A 17 5.98 8.91 6.51
N ASP A 18 7.16 8.64 5.96
CA ASP A 18 7.33 7.58 4.98
C ASP A 18 7.34 6.24 5.71
N LEU A 19 6.60 5.28 5.18
CA LEU A 19 6.54 3.96 5.80
C LEU A 19 7.26 2.94 4.93
N ARG A 20 7.88 1.95 5.57
CA ARG A 20 8.61 0.91 4.84
C ARG A 20 7.66 -0.08 4.18
N LEU A 21 7.96 -0.41 2.93
CA LEU A 21 7.17 -1.35 2.17
C LEU A 21 7.87 -2.68 2.03
N GLU A 22 7.12 -3.75 2.16
CA GLU A 22 7.65 -5.10 2.02
C GLU A 22 6.90 -5.81 0.90
N ARG A 23 7.61 -6.52 0.03
CA ARG A 23 6.97 -7.22 -1.09
C ARG A 23 5.96 -8.26 -0.58
N GLY A 24 4.68 -7.99 -0.76
CA GLY A 24 3.66 -8.92 -0.32
C GLY A 24 2.97 -8.49 0.95
N GLN A 25 3.39 -7.37 1.51
CA GLN A 25 2.78 -6.88 2.73
C GLN A 25 1.43 -6.22 2.43
N GLU A 26 0.38 -6.70 3.09
CA GLU A 26 -0.95 -6.16 2.87
C GLU A 26 -1.19 -4.96 3.77
N TYR A 27 -1.55 -3.85 3.14
CA TYR A 27 -1.79 -2.58 3.84
C TYR A 27 -3.26 -2.21 3.79
N ILE A 28 -3.62 -1.17 4.53
CA ILE A 28 -4.99 -0.66 4.54
C ILE A 28 -4.97 0.78 4.03
N ILE A 29 -5.47 0.99 2.81
CA ILE A 29 -5.46 2.31 2.22
C ILE A 29 -6.34 3.29 3.00
N LEU A 30 -5.75 4.40 3.40
CA LEU A 30 -6.45 5.42 4.18
C LEU A 30 -6.69 6.67 3.34
N GLU A 31 -5.65 7.48 3.16
CA GLU A 31 -5.76 8.71 2.38
C GLU A 31 -5.39 8.50 0.93
N LYS A 32 -6.38 8.56 0.06
CA LYS A 32 -6.13 8.42 -1.37
C LYS A 32 -5.98 9.80 -1.98
N ASN A 33 -4.72 10.24 -2.12
CA ASN A 33 -4.45 11.55 -2.69
C ASN A 33 -4.72 11.53 -4.18
N ASP A 34 -3.73 11.10 -4.95
CA ASP A 34 -3.86 11.00 -6.39
C ASP A 34 -3.46 9.58 -6.79
N LEU A 35 -2.86 9.43 -7.96
CA LEU A 35 -2.43 8.11 -8.41
C LEU A 35 -0.98 7.88 -7.95
N HIS A 36 -0.47 8.85 -7.19
CA HIS A 36 0.90 8.80 -6.71
C HIS A 36 0.97 8.45 -5.23
N TRP A 37 0.73 9.43 -4.37
CA TRP A 37 0.80 9.22 -2.93
C TRP A 37 -0.49 8.62 -2.35
N TRP A 38 -0.32 7.54 -1.61
CA TRP A 38 -1.43 6.86 -0.94
C TRP A 38 -1.04 6.58 0.49
N ARG A 39 -1.73 7.21 1.43
CA ARG A 39 -1.42 7.00 2.84
C ARG A 39 -2.04 5.69 3.28
N ALA A 40 -1.20 4.68 3.52
CA ALA A 40 -1.68 3.37 3.93
C ALA A 40 -1.36 3.09 5.39
N ARG A 41 -1.87 1.98 5.88
CA ARG A 41 -1.67 1.57 7.26
C ARG A 41 -1.22 0.12 7.31
N ASP A 42 -0.29 -0.21 8.18
CA ASP A 42 0.21 -1.58 8.29
C ASP A 42 0.24 -2.08 9.72
N LYS A 43 0.60 -1.20 10.64
CA LYS A 43 0.70 -1.57 12.04
C LYS A 43 -0.63 -1.51 12.77
N TYR A 44 -0.54 -1.58 14.10
CA TYR A 44 -1.70 -1.53 14.98
C TYR A 44 -2.12 -0.08 15.21
N GLY A 45 -2.34 0.64 14.12
CA GLY A 45 -2.73 2.02 14.22
C GLY A 45 -1.73 2.94 13.54
N SER A 46 -0.48 2.47 13.47
CA SER A 46 0.58 3.23 12.85
C SER A 46 0.40 3.25 11.33
N GLU A 47 0.32 4.45 10.77
CA GLU A 47 0.12 4.64 9.34
C GLU A 47 1.30 5.39 8.72
N GLY A 48 1.32 5.46 7.40
CA GLY A 48 2.41 6.15 6.73
C GLY A 48 2.14 6.39 5.26
N TYR A 49 2.67 7.48 4.72
CA TYR A 49 2.50 7.80 3.31
C TYR A 49 3.29 6.83 2.44
N ILE A 50 2.62 6.28 1.44
CA ILE A 50 3.23 5.29 0.57
C ILE A 50 2.99 5.60 -0.90
N PRO A 51 4.03 5.51 -1.74
CA PRO A 51 3.87 5.73 -3.17
C PRO A 51 3.13 4.56 -3.80
N SER A 52 1.84 4.75 -4.04
CA SER A 52 0.98 3.72 -4.63
C SER A 52 1.58 3.14 -5.92
N ASN A 53 2.57 3.83 -6.48
CA ASN A 53 3.25 3.37 -7.67
C ASN A 53 3.98 2.05 -7.39
N TYR A 54 4.17 1.77 -6.10
CA TYR A 54 4.86 0.58 -5.65
C TYR A 54 3.90 -0.42 -5.00
N VAL A 55 2.59 -0.21 -5.13
CA VAL A 55 1.63 -1.11 -4.52
C VAL A 55 0.63 -1.69 -5.52
N THR A 56 -0.11 -2.68 -5.05
CA THR A 56 -1.14 -3.36 -5.83
C THR A 56 -2.31 -3.66 -4.91
N GLY A 57 -3.33 -4.30 -5.43
CA GLY A 57 -4.48 -4.64 -4.61
C GLY A 57 -4.75 -6.12 -4.68
N LYS A 58 -5.50 -6.52 -5.69
CA LYS A 58 -5.80 -7.92 -5.88
C LYS A 58 -4.94 -8.49 -7.00
N LYS A 59 -3.61 -8.30 -6.85
CA LYS A 59 -2.60 -8.77 -7.81
C LYS A 59 -2.90 -10.16 -8.38
N SER A 60 -2.43 -10.40 -9.61
CA SER A 60 -2.63 -11.68 -10.28
C SER A 60 -4.11 -12.02 -10.40
N ASN A 61 -4.87 -11.08 -10.97
CA ASN A 61 -6.30 -11.26 -11.15
C ASN A 61 -6.64 -11.74 -12.55
N ASN A 62 -5.90 -12.74 -13.04
CA ASN A 62 -6.15 -13.28 -14.37
C ASN A 62 -7.36 -14.21 -14.34
N LEU A 63 -7.70 -14.68 -13.13
CA LEU A 63 -8.84 -15.57 -12.90
C LEU A 63 -8.67 -16.92 -13.59
N ASP A 64 -9.76 -17.66 -13.72
CA ASP A 64 -9.73 -18.97 -14.33
C ASP A 64 -10.29 -18.90 -15.75
N GLN A 65 -11.44 -19.54 -15.98
CA GLN A 65 -12.08 -19.53 -17.29
C GLN A 65 -13.18 -18.48 -17.33
N TYR A 66 -12.87 -17.29 -16.86
CA TYR A 66 -13.84 -16.19 -16.83
C TYR A 66 -13.85 -15.47 -18.17
N ASP A 67 -14.06 -16.22 -19.24
CA ASP A 67 -14.09 -15.67 -20.58
C ASP A 67 -15.53 -15.43 -21.03
N GLY A 1 -10.51 4.65 3.48
CA GLY A 1 -11.53 3.60 3.77
C GLY A 1 -10.88 2.31 4.18
N SER A 2 -11.69 1.27 4.38
CA SER A 2 -11.16 -0.02 4.76
C SER A 2 -10.81 -0.83 3.51
N GLU A 3 -9.88 -0.29 2.72
CA GLU A 3 -9.44 -0.93 1.50
C GLU A 3 -7.98 -1.33 1.64
N ILE A 4 -7.64 -2.54 1.21
CA ILE A 4 -6.27 -3.01 1.32
C ILE A 4 -5.48 -2.75 0.04
N VAL A 5 -4.18 -2.62 0.21
CA VAL A 5 -3.26 -2.41 -0.90
C VAL A 5 -2.00 -3.23 -0.63
N VAL A 6 -1.67 -4.14 -1.52
CA VAL A 6 -0.50 -4.96 -1.32
C VAL A 6 0.72 -4.19 -1.81
N ALA A 7 1.90 -4.47 -1.29
CA ALA A 7 3.09 -3.76 -1.74
C ALA A 7 3.74 -4.54 -2.87
N MET A 8 4.35 -3.83 -3.81
CA MET A 8 4.98 -4.48 -4.95
C MET A 8 6.51 -4.36 -4.89
N TYR A 9 7.01 -3.14 -4.79
CA TYR A 9 8.45 -2.90 -4.73
C TYR A 9 8.90 -2.54 -3.32
N ASP A 10 10.20 -2.57 -3.11
CA ASP A 10 10.80 -2.26 -1.81
C ASP A 10 10.96 -0.77 -1.62
N PHE A 11 10.60 -0.30 -0.43
CA PHE A 11 10.75 1.10 -0.08
C PHE A 11 11.08 1.24 1.39
N GLN A 12 12.03 2.12 1.69
CA GLN A 12 12.45 2.34 3.07
C GLN A 12 12.02 3.73 3.53
N ALA A 13 11.54 3.83 4.76
CA ALA A 13 11.12 5.11 5.32
C ALA A 13 12.33 5.93 5.68
N THR A 14 12.41 7.14 5.13
CA THR A 14 13.53 8.01 5.41
C THR A 14 13.32 8.72 6.73
N GLU A 15 12.06 8.93 7.10
CA GLU A 15 11.72 9.59 8.36
C GLU A 15 10.65 8.82 9.12
N ALA A 16 9.42 9.27 8.97
CA ALA A 16 8.27 8.66 9.62
C ALA A 16 6.99 9.01 8.88
N HIS A 17 7.09 10.01 8.02
CA HIS A 17 5.96 10.46 7.22
C HIS A 17 5.63 9.39 6.17
N ASP A 18 6.66 8.65 5.79
CA ASP A 18 6.54 7.60 4.82
C ASP A 18 6.55 6.24 5.52
N LEU A 19 6.10 5.20 4.84
CA LEU A 19 6.06 3.87 5.43
C LEU A 19 6.95 2.90 4.67
N ARG A 20 7.05 1.69 5.20
CA ARG A 20 7.86 0.64 4.60
C ARG A 20 7.07 -0.13 3.55
N LEU A 21 7.74 -0.45 2.45
CA LEU A 21 7.12 -1.22 1.38
C LEU A 21 7.75 -2.60 1.31
N GLU A 22 7.01 -3.62 1.75
CA GLU A 22 7.49 -4.99 1.76
C GLU A 22 6.85 -5.80 0.65
N ARG A 23 7.65 -6.61 -0.04
CA ARG A 23 7.17 -7.45 -1.14
C ARG A 23 6.13 -8.47 -0.66
N GLY A 24 4.85 -8.13 -0.75
CA GLY A 24 3.81 -9.06 -0.33
C GLY A 24 3.06 -8.59 0.90
N GLN A 25 3.38 -7.39 1.40
CA GLN A 25 2.71 -6.86 2.58
C GLN A 25 1.42 -6.14 2.18
N GLU A 26 0.35 -6.41 2.92
CA GLU A 26 -0.93 -5.77 2.64
C GLU A 26 -1.21 -4.65 3.63
N TYR A 27 -1.50 -3.47 3.10
CA TYR A 27 -1.77 -2.31 3.93
C TYR A 27 -3.22 -1.87 3.78
N ILE A 28 -3.63 -0.92 4.60
CA ILE A 28 -4.98 -0.40 4.57
C ILE A 28 -4.93 1.11 4.34
N ILE A 29 -5.16 1.54 3.11
CA ILE A 29 -5.09 2.96 2.79
C ILE A 29 -6.19 3.78 3.47
N LEU A 30 -5.75 4.74 4.28
CA LEU A 30 -6.67 5.63 4.99
C LEU A 30 -7.11 6.75 4.06
N GLU A 31 -6.12 7.44 3.51
CA GLU A 31 -6.37 8.55 2.61
C GLU A 31 -5.65 8.34 1.28
N LYS A 32 -6.34 8.67 0.20
CA LYS A 32 -5.81 8.52 -1.14
C LYS A 32 -4.82 9.64 -1.46
N ASN A 33 -5.35 10.87 -1.56
CA ASN A 33 -4.56 12.06 -1.86
C ASN A 33 -4.01 12.01 -3.28
N ASP A 34 -2.73 11.65 -3.42
CA ASP A 34 -2.09 11.56 -4.73
C ASP A 34 -2.21 10.13 -5.25
N LEU A 35 -1.80 9.89 -6.49
CA LEU A 35 -1.86 8.55 -7.06
C LEU A 35 -0.63 7.77 -6.65
N HIS A 36 0.46 8.50 -6.47
CA HIS A 36 1.73 7.89 -6.11
C HIS A 36 1.95 7.92 -4.60
N TRP A 37 1.13 8.69 -3.88
CA TRP A 37 1.29 8.78 -2.44
C TRP A 37 0.00 8.51 -1.69
N TRP A 38 -0.24 7.25 -1.38
CA TRP A 38 -1.42 6.84 -0.63
C TRP A 38 -1.07 6.61 0.82
N ARG A 39 -1.73 7.30 1.73
CA ARG A 39 -1.45 7.11 3.15
C ARG A 39 -2.15 5.85 3.61
N ALA A 40 -1.39 4.78 3.79
CA ALA A 40 -1.95 3.50 4.20
C ALA A 40 -1.41 3.06 5.56
N ARG A 41 -2.16 2.19 6.23
CA ARG A 41 -1.80 1.69 7.54
C ARG A 41 -1.20 0.30 7.41
N ASP A 42 -0.25 -0.03 8.29
CA ASP A 42 0.39 -1.33 8.23
C ASP A 42 0.07 -2.18 9.47
N LYS A 43 0.90 -2.05 10.49
CA LYS A 43 0.75 -2.82 11.72
C LYS A 43 -0.35 -2.30 12.65
N TYR A 44 -0.06 -2.27 13.96
CA TYR A 44 -1.02 -1.86 14.99
C TYR A 44 -1.16 -0.34 15.13
N GLY A 45 -1.22 0.38 14.02
CA GLY A 45 -1.38 1.83 14.11
C GLY A 45 -0.45 2.59 13.20
N SER A 46 0.79 2.11 13.08
CA SER A 46 1.78 2.76 12.23
C SER A 46 1.27 2.90 10.80
N GLU A 47 1.05 4.14 10.38
CA GLU A 47 0.54 4.43 9.05
C GLU A 47 1.30 5.61 8.45
N GLY A 48 1.26 5.77 7.13
CA GLY A 48 1.95 6.87 6.50
C GLY A 48 1.87 6.84 5.00
N TYR A 49 2.51 7.80 4.37
CA TYR A 49 2.53 7.90 2.91
C TYR A 49 3.24 6.71 2.28
N ILE A 50 2.53 6.04 1.40
CA ILE A 50 3.02 4.86 0.71
C ILE A 50 2.83 4.97 -0.78
N PRO A 51 3.92 4.83 -1.56
CA PRO A 51 3.83 4.90 -3.02
C PRO A 51 2.88 3.89 -3.61
N SER A 52 1.64 4.29 -3.83
CA SER A 52 0.67 3.42 -4.44
C SER A 52 1.18 3.05 -5.84
N ASN A 53 2.13 3.86 -6.31
CA ASN A 53 2.76 3.64 -7.60
C ASN A 53 3.66 2.40 -7.55
N TYR A 54 3.86 1.87 -6.35
CA TYR A 54 4.68 0.68 -6.15
C TYR A 54 3.93 -0.39 -5.39
N VAL A 55 2.60 -0.43 -5.51
CA VAL A 55 1.83 -1.44 -4.77
C VAL A 55 1.08 -2.40 -5.68
N THR A 56 0.91 -3.63 -5.18
CA THR A 56 0.20 -4.69 -5.89
C THR A 56 -1.28 -4.56 -5.67
N GLY A 57 -2.02 -4.55 -6.77
CA GLY A 57 -3.45 -4.45 -6.70
C GLY A 57 -4.10 -5.80 -6.65
N LYS A 58 -3.44 -6.78 -6.02
CA LYS A 58 -4.02 -8.11 -5.86
C LYS A 58 -5.06 -8.00 -4.76
N LYS A 59 -5.08 -6.80 -4.18
CA LYS A 59 -5.99 -6.42 -3.10
C LYS A 59 -7.41 -6.98 -3.27
N SER A 60 -7.69 -8.09 -2.59
CA SER A 60 -8.99 -8.73 -2.66
C SER A 60 -9.07 -9.84 -1.61
N ASN A 61 -9.60 -10.98 -1.99
CA ASN A 61 -9.71 -12.11 -1.07
C ASN A 61 -8.75 -13.22 -1.46
N ASN A 62 -8.36 -13.24 -2.73
CA ASN A 62 -7.46 -14.26 -3.26
C ASN A 62 -8.14 -15.63 -3.20
N LEU A 63 -9.16 -15.81 -4.01
CA LEU A 63 -9.92 -17.06 -4.04
C LEU A 63 -10.08 -17.55 -5.47
N ASP A 64 -10.45 -18.82 -5.60
CA ASP A 64 -10.64 -19.43 -6.91
C ASP A 64 -12.10 -19.30 -7.32
N GLN A 65 -12.88 -20.34 -7.06
CA GLN A 65 -14.29 -20.34 -7.41
C GLN A 65 -15.12 -20.90 -6.25
N TYR A 66 -14.65 -21.99 -5.67
CA TYR A 66 -15.33 -22.67 -4.56
C TYR A 66 -16.74 -23.07 -4.95
N ASP A 67 -16.87 -23.77 -6.07
CA ASP A 67 -18.18 -24.21 -6.53
C ASP A 67 -18.38 -25.69 -6.22
N GLY A 1 -14.67 1.65 6.46
CA GLY A 1 -14.66 2.16 5.06
C GLY A 1 -13.27 2.23 4.47
N SER A 2 -12.43 1.27 4.82
CA SER A 2 -11.07 1.23 4.31
C SER A 2 -10.73 -0.16 3.78
N GLU A 3 -10.03 -0.22 2.66
CA GLU A 3 -9.65 -1.50 2.07
C GLU A 3 -8.16 -1.77 2.28
N ILE A 4 -7.68 -2.87 1.72
CA ILE A 4 -6.28 -3.24 1.86
C ILE A 4 -5.54 -3.11 0.54
N VAL A 5 -4.27 -2.70 0.62
CA VAL A 5 -3.44 -2.53 -0.55
C VAL A 5 -2.22 -3.45 -0.46
N VAL A 6 -1.91 -4.12 -1.55
CA VAL A 6 -0.78 -5.04 -1.58
C VAL A 6 0.48 -4.39 -2.17
N ALA A 7 1.49 -4.20 -1.33
CA ALA A 7 2.75 -3.60 -1.79
C ALA A 7 3.51 -4.62 -2.63
N MET A 8 4.04 -4.18 -3.76
CA MET A 8 4.78 -5.07 -4.64
C MET A 8 6.27 -4.79 -4.61
N TYR A 9 6.64 -3.52 -4.47
CA TYR A 9 8.04 -3.15 -4.43
C TYR A 9 8.47 -2.79 -3.02
N ASP A 10 9.79 -2.75 -2.81
CA ASP A 10 10.35 -2.41 -1.51
C ASP A 10 10.66 -0.92 -1.43
N PHE A 11 10.55 -0.36 -0.23
CA PHE A 11 10.83 1.05 0.00
C PHE A 11 11.10 1.30 1.47
N GLN A 12 11.88 2.32 1.77
CA GLN A 12 12.23 2.64 3.15
C GLN A 12 11.66 3.98 3.57
N ALA A 13 11.19 4.08 4.81
CA ALA A 13 10.70 5.34 5.32
C ALA A 13 11.91 6.24 5.49
N THR A 14 11.95 7.33 4.76
CA THR A 14 13.11 8.21 4.82
C THR A 14 13.11 9.06 6.08
N GLU A 15 11.93 9.28 6.65
CA GLU A 15 11.82 10.06 7.88
C GLU A 15 10.93 9.35 8.89
N ALA A 16 9.65 9.71 8.92
CA ALA A 16 8.70 9.09 9.85
C ALA A 16 7.30 9.07 9.28
N HIS A 17 6.94 10.12 8.56
CA HIS A 17 5.61 10.22 7.94
C HIS A 17 5.47 9.20 6.81
N ASP A 18 6.60 8.64 6.39
CA ASP A 18 6.62 7.63 5.33
C ASP A 18 6.47 6.24 5.94
N LEU A 19 6.17 5.26 5.12
CA LEU A 19 6.06 3.88 5.58
C LEU A 19 6.96 2.97 4.76
N ARG A 20 7.24 1.79 5.30
CA ARG A 20 8.09 0.83 4.61
C ARG A 20 7.29 -0.01 3.63
N LEU A 21 7.95 -0.42 2.56
CA LEU A 21 7.31 -1.25 1.54
C LEU A 21 7.98 -2.61 1.50
N GLU A 22 7.17 -3.67 1.52
CA GLU A 22 7.70 -5.03 1.49
C GLU A 22 7.15 -5.80 0.30
N ARG A 23 7.87 -6.85 -0.10
CA ARG A 23 7.43 -7.69 -1.23
C ARG A 23 6.18 -8.49 -0.87
N GLY A 24 5.02 -8.04 -1.34
CA GLY A 24 3.78 -8.74 -1.07
C GLY A 24 3.24 -8.47 0.31
N GLN A 25 3.32 -7.22 0.75
CA GLN A 25 2.82 -6.85 2.07
C GLN A 25 1.52 -6.06 1.93
N GLU A 26 0.46 -6.52 2.59
CA GLU A 26 -0.83 -5.87 2.52
C GLU A 26 -1.01 -4.84 3.64
N TYR A 27 -1.38 -3.63 3.26
CA TYR A 27 -1.60 -2.56 4.22
C TYR A 27 -3.04 -2.08 4.14
N ILE A 28 -3.44 -1.23 5.06
CA ILE A 28 -4.80 -0.71 5.07
C ILE A 28 -4.78 0.75 4.64
N ILE A 29 -5.14 1.01 3.39
CA ILE A 29 -5.13 2.37 2.86
C ILE A 29 -6.17 3.26 3.55
N LEU A 30 -5.69 4.41 4.02
CA LEU A 30 -6.52 5.39 4.71
C LEU A 30 -6.96 6.49 3.75
N GLU A 31 -5.99 7.03 2.99
CA GLU A 31 -6.28 8.10 2.05
C GLU A 31 -5.80 7.74 0.64
N LYS A 32 -6.58 8.13 -0.35
CA LYS A 32 -6.26 7.88 -1.75
C LYS A 32 -6.39 9.17 -2.56
N ASN A 33 -5.26 9.73 -2.98
CA ASN A 33 -5.28 10.97 -3.76
C ASN A 33 -4.44 10.85 -5.04
N ASP A 34 -3.13 10.71 -4.89
CA ASP A 34 -2.23 10.59 -6.02
C ASP A 34 -1.93 9.12 -6.30
N LEU A 35 -1.75 8.77 -7.56
CA LEU A 35 -1.45 7.39 -7.94
C LEU A 35 -0.03 7.04 -7.56
N HIS A 36 0.69 8.01 -7.04
CA HIS A 36 2.07 7.82 -6.65
C HIS A 36 2.26 8.01 -5.15
N TRP A 37 1.26 8.61 -4.50
CA TRP A 37 1.34 8.84 -3.05
C TRP A 37 0.02 8.59 -2.35
N TRP A 38 -0.04 7.53 -1.56
CA TRP A 38 -1.23 7.22 -0.77
C TRP A 38 -0.81 7.20 0.70
N ARG A 39 -1.75 6.97 1.58
CA ARG A 39 -1.42 6.87 2.99
C ARG A 39 -2.13 5.65 3.56
N ALA A 40 -1.36 4.65 3.93
CA ALA A 40 -1.94 3.42 4.46
C ALA A 40 -1.41 3.11 5.85
N ARG A 41 -2.01 2.12 6.48
CA ARG A 41 -1.63 1.70 7.83
C ARG A 41 -0.93 0.35 7.77
N ASP A 42 0.07 0.17 8.63
CA ASP A 42 0.84 -1.07 8.65
C ASP A 42 0.40 -1.99 9.80
N LYS A 43 1.01 -1.78 10.97
CA LYS A 43 0.71 -2.59 12.15
C LYS A 43 -0.60 -2.18 12.82
N TYR A 44 -0.49 -1.59 14.01
CA TYR A 44 -1.67 -1.17 14.76
C TYR A 44 -1.50 0.27 15.24
N GLY A 45 -0.99 1.11 14.36
CA GLY A 45 -0.78 2.50 14.70
C GLY A 45 0.12 3.20 13.70
N SER A 46 1.05 2.44 13.12
CA SER A 46 1.97 2.99 12.14
C SER A 46 1.28 3.21 10.79
N GLU A 47 1.18 4.47 10.40
CA GLU A 47 0.55 4.84 9.14
C GLU A 47 1.37 5.93 8.47
N GLY A 48 1.37 5.96 7.14
CA GLY A 48 2.14 6.97 6.47
C GLY A 48 2.02 6.91 4.97
N TYR A 49 2.69 7.85 4.31
CA TYR A 49 2.68 7.94 2.86
C TYR A 49 3.40 6.75 2.23
N ILE A 50 2.76 6.18 1.23
CA ILE A 50 3.27 5.02 0.51
C ILE A 50 3.17 5.24 -0.98
N PRO A 51 4.26 4.98 -1.73
CA PRO A 51 4.24 5.12 -3.17
C PRO A 51 3.28 4.14 -3.80
N SER A 52 2.09 4.61 -4.12
CA SER A 52 1.06 3.77 -4.73
C SER A 52 1.57 3.15 -6.03
N ASN A 53 2.62 3.74 -6.59
CA ASN A 53 3.22 3.23 -7.81
C ASN A 53 3.94 1.92 -7.53
N TYR A 54 4.23 1.69 -6.25
CA TYR A 54 4.89 0.46 -5.82
C TYR A 54 3.89 -0.52 -5.21
N VAL A 55 2.62 -0.10 -5.08
CA VAL A 55 1.60 -0.97 -4.50
C VAL A 55 0.47 -1.26 -5.48
N THR A 56 -0.23 -2.35 -5.24
CA THR A 56 -1.34 -2.79 -6.05
C THR A 56 -2.47 -3.19 -5.12
N GLY A 57 -3.68 -2.73 -5.40
CA GLY A 57 -4.80 -3.12 -4.57
C GLY A 57 -5.02 -4.62 -4.70
N LYS A 58 -6.01 -5.17 -4.03
CA LYS A 58 -6.25 -6.61 -4.14
C LYS A 58 -6.97 -6.89 -5.46
N LYS A 59 -6.38 -6.40 -6.54
CA LYS A 59 -6.91 -6.55 -7.89
C LYS A 59 -6.43 -7.85 -8.51
N SER A 60 -7.22 -8.43 -9.40
CA SER A 60 -6.85 -9.66 -10.09
C SER A 60 -5.90 -9.28 -11.22
N ASN A 61 -4.77 -9.98 -11.31
CA ASN A 61 -3.79 -9.67 -12.35
C ASN A 61 -4.11 -10.41 -13.65
N ASN A 62 -5.24 -10.09 -14.24
CA ASN A 62 -5.66 -10.69 -15.50
C ASN A 62 -5.65 -9.63 -16.59
N LEU A 63 -6.15 -8.44 -16.24
CA LEU A 63 -6.22 -7.29 -17.15
C LEU A 63 -6.81 -7.69 -18.50
N ASP A 64 -6.06 -7.45 -19.57
CA ASP A 64 -6.51 -7.79 -20.91
C ASP A 64 -6.21 -9.26 -21.19
N GLN A 65 -5.25 -9.51 -22.08
CA GLN A 65 -4.87 -10.87 -22.43
C GLN A 65 -3.36 -11.01 -22.24
N TYR A 66 -2.93 -11.14 -20.99
CA TYR A 66 -1.51 -11.25 -20.68
C TYR A 66 -1.10 -12.70 -20.46
N ASP A 67 -1.48 -13.25 -19.30
CA ASP A 67 -1.15 -14.63 -18.97
C ASP A 67 -2.40 -15.48 -18.99
N GLY A 1 -11.21 3.13 7.69
CA GLY A 1 -10.21 2.33 6.94
C GLY A 1 -10.78 1.79 5.65
N SER A 2 -10.05 1.98 4.55
CA SER A 2 -10.50 1.50 3.25
C SER A 2 -10.09 0.05 3.04
N GLU A 3 -9.77 -0.29 1.80
CA GLU A 3 -9.37 -1.65 1.45
C GLU A 3 -7.92 -1.92 1.83
N ILE A 4 -7.48 -3.15 1.60
CA ILE A 4 -6.11 -3.53 1.87
C ILE A 4 -5.29 -3.42 0.59
N VAL A 5 -4.29 -2.57 0.60
CA VAL A 5 -3.46 -2.39 -0.58
C VAL A 5 -2.16 -3.17 -0.47
N VAL A 6 -1.93 -4.06 -1.43
CA VAL A 6 -0.77 -4.92 -1.46
C VAL A 6 0.45 -4.23 -2.09
N ALA A 7 1.51 -4.10 -1.31
CA ALA A 7 2.75 -3.51 -1.80
C ALA A 7 3.57 -4.58 -2.52
N MET A 8 4.07 -4.26 -3.70
CA MET A 8 4.85 -5.23 -4.47
C MET A 8 6.34 -4.93 -4.40
N TYR A 9 6.70 -3.67 -4.38
CA TYR A 9 8.10 -3.29 -4.30
C TYR A 9 8.45 -2.79 -2.91
N ASP A 10 9.68 -3.07 -2.50
CA ASP A 10 10.18 -2.66 -1.19
C ASP A 10 10.53 -1.18 -1.17
N PHE A 11 10.42 -0.58 0.01
CA PHE A 11 10.75 0.83 0.18
C PHE A 11 11.17 1.09 1.62
N GLN A 12 12.18 1.92 1.80
CA GLN A 12 12.67 2.24 3.13
C GLN A 12 11.88 3.37 3.76
N ALA A 13 11.63 3.24 5.05
CA ALA A 13 10.91 4.24 5.79
C ALA A 13 11.86 5.11 6.59
N THR A 14 11.53 6.38 6.72
CA THR A 14 12.34 7.28 7.47
C THR A 14 11.71 7.48 8.85
N GLU A 15 10.72 6.64 9.13
CA GLU A 15 9.99 6.64 10.41
C GLU A 15 9.35 7.99 10.67
N ALA A 16 8.53 8.39 9.72
CA ALA A 16 7.81 9.66 9.78
C ALA A 16 6.66 9.64 8.79
N HIS A 17 6.67 10.56 7.83
CA HIS A 17 5.62 10.60 6.82
C HIS A 17 5.84 9.48 5.81
N ASP A 18 7.10 9.09 5.60
CA ASP A 18 7.43 8.03 4.67
C ASP A 18 7.35 6.68 5.37
N LEU A 19 6.56 5.79 4.82
CA LEU A 19 6.43 4.46 5.40
C LEU A 19 7.15 3.45 4.54
N ARG A 20 7.51 2.32 5.13
CA ARG A 20 8.23 1.29 4.42
C ARG A 20 7.27 0.35 3.71
N LEU A 21 7.71 -0.14 2.56
CA LEU A 21 6.90 -1.06 1.78
C LEU A 21 7.52 -2.44 1.84
N GLU A 22 6.68 -3.45 1.92
CA GLU A 22 7.15 -4.82 2.01
C GLU A 22 6.75 -5.58 0.75
N ARG A 23 7.67 -6.32 0.18
CA ARG A 23 7.40 -7.07 -1.03
C ARG A 23 6.47 -8.24 -0.75
N GLY A 24 5.17 -8.02 -0.98
CA GLY A 24 4.19 -9.07 -0.76
C GLY A 24 3.45 -8.91 0.56
N GLN A 25 3.09 -7.69 0.91
CA GLN A 25 2.36 -7.44 2.15
C GLN A 25 1.25 -6.42 1.92
N GLU A 26 0.08 -6.67 2.51
CA GLU A 26 -1.06 -5.79 2.35
C GLU A 26 -1.13 -4.78 3.48
N TYR A 27 -1.48 -3.56 3.14
CA TYR A 27 -1.61 -2.48 4.10
C TYR A 27 -3.02 -1.89 4.02
N ILE A 28 -3.61 -1.57 5.15
CA ILE A 28 -4.95 -0.99 5.17
C ILE A 28 -4.85 0.50 4.86
N ILE A 29 -5.07 0.85 3.59
CA ILE A 29 -4.97 2.23 3.14
C ILE A 29 -6.04 3.12 3.80
N LEU A 30 -5.62 4.31 4.23
CA LEU A 30 -6.52 5.25 4.86
C LEU A 30 -7.07 6.20 3.81
N GLU A 31 -6.15 6.86 3.09
CA GLU A 31 -6.52 7.81 2.05
C GLU A 31 -5.85 7.46 0.72
N LYS A 32 -6.67 7.47 -0.33
CA LYS A 32 -6.18 7.16 -1.67
C LYS A 32 -5.72 8.43 -2.37
N ASN A 33 -6.66 9.35 -2.62
CA ASN A 33 -6.37 10.62 -3.29
C ASN A 33 -5.80 10.37 -4.70
N ASP A 34 -4.48 10.44 -4.83
CA ASP A 34 -3.80 10.19 -6.10
C ASP A 34 -2.80 9.08 -5.90
N LEU A 35 -2.40 8.41 -6.98
CA LEU A 35 -1.44 7.31 -6.86
C LEU A 35 -0.02 7.84 -6.61
N HIS A 36 0.10 9.14 -6.36
CA HIS A 36 1.39 9.74 -6.05
C HIS A 36 1.72 9.45 -4.59
N TRP A 37 0.73 9.63 -3.72
CA TRP A 37 0.90 9.39 -2.30
C TRP A 37 -0.30 8.64 -1.73
N TRP A 38 -0.11 7.35 -1.46
CA TRP A 38 -1.16 6.51 -0.89
C TRP A 38 -0.86 6.28 0.58
N ARG A 39 -1.67 6.85 1.46
CA ARG A 39 -1.44 6.66 2.88
C ARG A 39 -2.11 5.39 3.36
N ALA A 40 -1.29 4.40 3.75
CA ALA A 40 -1.81 3.11 4.23
C ALA A 40 -1.26 2.78 5.61
N ARG A 41 -2.04 2.00 6.37
CA ARG A 41 -1.67 1.60 7.73
C ARG A 41 -1.09 0.20 7.73
N ASP A 42 -0.05 -0.03 8.52
CA ASP A 42 0.59 -1.33 8.60
C ASP A 42 0.03 -2.20 9.75
N LYS A 43 0.58 -2.02 10.94
CA LYS A 43 0.16 -2.81 12.10
C LYS A 43 -0.97 -2.15 12.91
N TYR A 44 -0.60 -1.41 13.96
CA TYR A 44 -1.60 -0.82 14.85
C TYR A 44 -1.49 0.71 14.96
N GLY A 45 -1.15 1.40 13.88
CA GLY A 45 -1.09 2.86 13.97
C GLY A 45 0.20 3.48 13.49
N SER A 46 0.85 2.86 12.52
CA SER A 46 2.09 3.41 11.98
C SER A 46 1.88 3.68 10.50
N GLU A 47 0.78 4.36 10.18
CA GLU A 47 0.43 4.67 8.80
C GLU A 47 1.24 5.84 8.26
N GLY A 48 1.34 5.92 6.94
CA GLY A 48 2.09 6.98 6.32
C GLY A 48 1.94 6.98 4.81
N TYR A 49 2.69 7.86 4.15
CA TYR A 49 2.67 7.97 2.70
C TYR A 49 3.43 6.84 2.02
N ILE A 50 2.79 6.26 1.01
CA ILE A 50 3.37 5.17 0.25
C ILE A 50 3.27 5.48 -1.23
N PRO A 51 4.36 5.30 -1.99
CA PRO A 51 4.32 5.52 -3.42
C PRO A 51 3.52 4.42 -4.10
N SER A 52 2.24 4.67 -4.34
CA SER A 52 1.34 3.71 -4.99
C SER A 52 1.97 3.09 -6.25
N ASN A 53 2.99 3.74 -6.80
CA ASN A 53 3.69 3.22 -7.98
C ASN A 53 4.27 1.83 -7.68
N TYR A 54 4.49 1.57 -6.38
CA TYR A 54 5.03 0.29 -5.92
C TYR A 54 3.97 -0.56 -5.23
N VAL A 55 2.71 -0.10 -5.25
CA VAL A 55 1.63 -0.80 -4.56
C VAL A 55 0.39 -0.98 -5.46
N THR A 56 -0.36 -2.03 -5.19
CA THR A 56 -1.58 -2.32 -5.90
C THR A 56 -2.69 -2.52 -4.86
N GLY A 57 -3.93 -2.68 -5.29
CA GLY A 57 -4.98 -2.91 -4.33
C GLY A 57 -4.89 -4.35 -3.88
N LYS A 58 -5.58 -5.23 -4.59
CA LYS A 58 -5.49 -6.65 -4.29
C LYS A 58 -4.54 -7.27 -5.31
N LYS A 59 -4.43 -6.56 -6.44
CA LYS A 59 -3.59 -6.93 -7.56
C LYS A 59 -3.95 -6.02 -8.74
N SER A 60 -4.32 -6.61 -9.87
CA SER A 60 -4.71 -5.87 -11.06
C SER A 60 -5.22 -6.85 -12.12
N ASN A 61 -6.50 -7.15 -12.06
CA ASN A 61 -7.11 -8.09 -13.00
C ASN A 61 -7.83 -7.35 -14.10
N ASN A 62 -8.28 -6.14 -13.79
CA ASN A 62 -9.01 -5.29 -14.75
C ASN A 62 -10.26 -5.96 -15.27
N LEU A 63 -11.07 -6.50 -14.37
CA LEU A 63 -12.30 -7.18 -14.76
C LEU A 63 -13.51 -6.28 -14.51
N ASP A 64 -13.48 -5.57 -13.38
CA ASP A 64 -14.55 -4.65 -13.00
C ASP A 64 -15.92 -5.34 -13.06
N GLN A 65 -16.02 -6.50 -12.41
CA GLN A 65 -17.26 -7.25 -12.41
C GLN A 65 -17.79 -7.43 -11.00
N TYR A 66 -18.74 -6.59 -10.61
CA TYR A 66 -19.33 -6.67 -9.28
C TYR A 66 -20.82 -6.98 -9.40
N ASP A 67 -21.66 -5.93 -9.36
CA ASP A 67 -23.10 -6.11 -9.48
C ASP A 67 -23.61 -5.46 -10.76
N GLY A 1 -16.26 -3.57 4.07
CA GLY A 1 -14.98 -4.28 4.22
C GLY A 1 -13.81 -3.32 4.22
N SER A 2 -12.68 -3.76 4.72
CA SER A 2 -11.49 -2.93 4.78
C SER A 2 -10.69 -3.06 3.49
N GLU A 3 -10.62 -1.98 2.72
CA GLU A 3 -9.89 -1.97 1.47
C GLU A 3 -8.40 -2.14 1.73
N ILE A 4 -7.81 -3.10 1.04
CA ILE A 4 -6.40 -3.41 1.22
C ILE A 4 -5.52 -2.87 0.09
N VAL A 5 -4.25 -2.70 0.41
CA VAL A 5 -3.26 -2.21 -0.52
C VAL A 5 -2.07 -3.15 -0.53
N VAL A 6 -2.01 -4.03 -1.51
CA VAL A 6 -0.92 -4.99 -1.57
C VAL A 6 0.35 -4.36 -2.13
N ALA A 7 1.46 -4.59 -1.46
CA ALA A 7 2.74 -4.04 -1.89
C ALA A 7 3.46 -5.05 -2.76
N MET A 8 3.95 -4.61 -3.91
CA MET A 8 4.65 -5.49 -4.83
C MET A 8 6.17 -5.31 -4.71
N TYR A 9 6.61 -4.09 -4.44
CA TYR A 9 8.03 -3.81 -4.30
C TYR A 9 8.34 -3.24 -2.93
N ASP A 10 9.59 -3.41 -2.50
CA ASP A 10 10.03 -2.91 -1.20
C ASP A 10 10.60 -1.49 -1.31
N PHE A 11 10.52 -0.75 -0.21
CA PHE A 11 11.02 0.62 -0.14
C PHE A 11 11.23 1.03 1.31
N GLN A 12 12.27 1.81 1.56
CA GLN A 12 12.58 2.27 2.90
C GLN A 12 12.20 3.73 3.10
N ALA A 13 11.48 4.02 4.16
CA ALA A 13 11.06 5.39 4.46
C ALA A 13 12.27 6.23 4.84
N THR A 14 12.66 7.12 3.96
CA THR A 14 13.80 7.99 4.22
C THR A 14 13.41 9.15 5.11
N GLU A 15 12.11 9.40 5.22
CA GLU A 15 11.60 10.48 6.04
C GLU A 15 11.02 9.96 7.36
N ALA A 16 9.75 10.28 7.61
CA ALA A 16 9.06 9.85 8.82
C ALA A 16 7.60 9.60 8.52
N HIS A 17 6.97 10.54 7.83
CA HIS A 17 5.58 10.40 7.42
C HIS A 17 5.51 9.29 6.39
N ASP A 18 6.63 9.13 5.68
CA ASP A 18 6.77 8.08 4.69
C ASP A 18 6.73 6.73 5.41
N LEU A 19 6.12 5.72 4.80
CA LEU A 19 6.02 4.43 5.44
C LEU A 19 6.90 3.38 4.75
N ARG A 20 7.14 2.28 5.44
CA ARG A 20 7.97 1.21 4.93
C ARG A 20 7.22 0.30 3.97
N LEU A 21 7.85 0.01 2.85
CA LEU A 21 7.29 -0.88 1.84
C LEU A 21 8.03 -2.21 1.86
N GLU A 22 7.32 -3.29 1.64
CA GLU A 22 7.93 -4.61 1.61
C GLU A 22 7.30 -5.44 0.50
N ARG A 23 8.08 -6.35 -0.07
CA ARG A 23 7.59 -7.19 -1.15
C ARG A 23 6.68 -8.30 -0.62
N GLY A 24 5.38 -8.10 -0.74
CA GLY A 24 4.43 -9.10 -0.28
C GLY A 24 3.72 -8.70 1.00
N GLN A 25 3.15 -7.50 1.00
CA GLN A 25 2.43 -6.99 2.18
C GLN A 25 0.99 -6.66 1.84
N GLU A 26 0.12 -6.73 2.84
CA GLU A 26 -1.27 -6.39 2.68
C GLU A 26 -1.62 -5.22 3.60
N TYR A 27 -1.43 -4.03 3.06
CA TYR A 27 -1.68 -2.80 3.81
C TYR A 27 -3.15 -2.46 3.88
N ILE A 28 -3.48 -1.52 4.73
CA ILE A 28 -4.84 -1.05 4.90
C ILE A 28 -4.89 0.41 4.50
N ILE A 29 -5.35 0.67 3.29
CA ILE A 29 -5.40 2.03 2.75
C ILE A 29 -6.39 2.91 3.53
N LEU A 30 -5.88 4.02 4.04
CA LEU A 30 -6.68 4.96 4.81
C LEU A 30 -7.24 6.04 3.91
N GLU A 31 -6.36 6.96 3.52
CA GLU A 31 -6.72 8.07 2.65
C GLU A 31 -5.89 8.02 1.37
N LYS A 32 -6.28 8.80 0.39
CA LYS A 32 -5.56 8.84 -0.87
C LYS A 32 -4.71 10.10 -0.95
N ASN A 33 -5.37 11.26 -0.99
CA ASN A 33 -4.71 12.57 -1.09
C ASN A 33 -4.13 12.75 -2.50
N ASP A 34 -3.02 12.08 -2.77
CA ASP A 34 -2.40 12.15 -4.09
C ASP A 34 -2.60 10.81 -4.79
N LEU A 35 -2.54 10.80 -6.11
CA LEU A 35 -2.71 9.56 -6.85
C LEU A 35 -1.42 8.75 -6.82
N HIS A 36 -0.33 9.43 -6.49
CA HIS A 36 0.98 8.79 -6.41
C HIS A 36 1.29 8.45 -4.95
N TRP A 37 1.25 9.47 -4.11
CA TRP A 37 1.52 9.30 -2.69
C TRP A 37 0.22 9.05 -1.93
N TRP A 38 0.03 7.81 -1.51
CA TRP A 38 -1.18 7.43 -0.77
C TRP A 38 -0.92 7.45 0.73
N ARG A 39 -1.95 7.12 1.49
CA ARG A 39 -1.84 7.06 2.95
C ARG A 39 -2.41 5.73 3.42
N ALA A 40 -1.55 4.77 3.68
CA ALA A 40 -2.00 3.46 4.12
C ALA A 40 -1.39 3.08 5.46
N ARG A 41 -2.06 2.15 6.15
CA ARG A 41 -1.60 1.66 7.44
C ARG A 41 -1.06 0.26 7.28
N ASP A 42 0.02 -0.06 7.97
CA ASP A 42 0.62 -1.37 7.87
C ASP A 42 0.29 -2.26 9.07
N LYS A 43 1.06 -2.09 10.12
CA LYS A 43 0.93 -2.89 11.33
C LYS A 43 -0.19 -2.43 12.29
N TYR A 44 0.20 -2.20 13.53
CA TYR A 44 -0.73 -1.81 14.59
C TYR A 44 -0.91 -0.30 14.72
N GLY A 45 -1.19 0.38 13.63
CA GLY A 45 -1.37 1.81 13.70
C GLY A 45 -0.28 2.58 13.02
N SER A 46 0.79 1.90 12.65
CA SER A 46 1.89 2.55 11.96
C SER A 46 1.51 2.79 10.50
N GLU A 47 1.06 4.00 10.23
CA GLU A 47 0.64 4.37 8.88
C GLU A 47 1.51 5.47 8.31
N GLY A 48 1.13 6.01 7.15
CA GLY A 48 1.91 7.07 6.55
C GLY A 48 1.80 7.11 5.04
N TYR A 49 2.66 7.92 4.43
CA TYR A 49 2.69 8.08 2.97
C TYR A 49 3.26 6.85 2.32
N ILE A 50 2.67 6.42 1.24
CA ILE A 50 3.14 5.25 0.53
C ILE A 50 3.08 5.45 -0.96
N PRO A 51 4.21 5.35 -1.66
CA PRO A 51 4.24 5.49 -3.10
C PRO A 51 3.51 4.33 -3.74
N SER A 52 2.27 4.57 -4.17
CA SER A 52 1.45 3.55 -4.81
C SER A 52 2.17 2.89 -5.99
N ASN A 53 3.29 3.49 -6.42
CA ASN A 53 4.09 2.93 -7.50
C ASN A 53 4.66 1.58 -7.09
N TYR A 54 4.69 1.34 -5.78
CA TYR A 54 5.21 0.10 -5.23
C TYR A 54 4.09 -0.80 -4.71
N VAL A 55 2.85 -0.31 -4.73
CA VAL A 55 1.71 -1.10 -4.27
C VAL A 55 0.71 -1.36 -5.39
N THR A 56 -0.36 -2.06 -5.04
CA THR A 56 -1.43 -2.43 -5.94
C THR A 56 -2.70 -2.68 -5.11
N GLY A 57 -3.84 -2.88 -5.76
CA GLY A 57 -5.07 -3.11 -5.03
C GLY A 57 -5.23 -4.56 -4.60
N LYS A 58 -6.02 -5.31 -5.37
CA LYS A 58 -6.27 -6.71 -5.09
C LYS A 58 -5.39 -7.59 -5.98
N LYS A 59 -4.18 -7.09 -6.27
CA LYS A 59 -3.22 -7.81 -7.14
C LYS A 59 -3.79 -7.98 -8.54
N SER A 60 -3.46 -7.04 -9.42
CA SER A 60 -3.94 -7.08 -10.80
C SER A 60 -3.66 -8.43 -11.44
N ASN A 61 -4.72 -9.13 -11.81
CA ASN A 61 -4.60 -10.45 -12.41
C ASN A 61 -4.64 -10.33 -13.93
N ASN A 62 -4.54 -11.46 -14.62
CA ASN A 62 -4.57 -11.52 -16.08
C ASN A 62 -3.43 -10.72 -16.70
N LEU A 63 -2.23 -10.86 -16.13
CA LEU A 63 -1.06 -10.17 -16.64
C LEU A 63 -0.41 -11.02 -17.72
N ASP A 64 -0.11 -12.27 -17.34
CA ASP A 64 0.50 -13.25 -18.24
C ASP A 64 1.86 -12.79 -18.77
N GLN A 65 1.85 -12.07 -19.88
CA GLN A 65 3.07 -11.59 -20.51
C GLN A 65 3.72 -10.47 -19.69
N TYR A 66 4.56 -10.87 -18.75
CA TYR A 66 5.29 -9.94 -17.90
C TYR A 66 6.72 -10.43 -17.77
N ASP A 67 7.58 -9.99 -18.67
CA ASP A 67 8.98 -10.41 -18.68
C ASP A 67 9.75 -9.77 -17.52
N GLY A 1 -13.76 3.28 3.98
CA GLY A 1 -12.40 3.50 3.43
C GLY A 1 -11.35 2.60 4.05
N SER A 2 -11.25 1.38 3.55
CA SER A 2 -10.28 0.43 4.06
C SER A 2 -9.45 -0.11 2.90
N GLU A 3 -10.14 -0.70 1.94
CA GLU A 3 -9.53 -1.27 0.73
C GLU A 3 -8.48 -2.33 1.09
N ILE A 4 -7.66 -2.65 0.09
CA ILE A 4 -6.59 -3.64 0.24
C ILE A 4 -5.37 -3.25 -0.60
N VAL A 5 -4.45 -2.53 0.03
CA VAL A 5 -3.25 -2.09 -0.65
C VAL A 5 -2.12 -3.09 -0.48
N VAL A 6 -2.02 -4.02 -1.42
CA VAL A 6 -0.98 -5.03 -1.37
C VAL A 6 0.33 -4.46 -1.89
N ALA A 7 1.22 -4.09 -0.97
CA ALA A 7 2.51 -3.51 -1.33
C ALA A 7 3.24 -4.41 -2.32
N MET A 8 3.59 -3.83 -3.46
CA MET A 8 4.25 -4.57 -4.53
C MET A 8 5.76 -4.63 -4.30
N TYR A 9 6.40 -3.48 -4.23
CA TYR A 9 7.84 -3.42 -4.03
C TYR A 9 8.18 -2.85 -2.66
N ASP A 10 9.47 -2.87 -2.33
CA ASP A 10 9.94 -2.37 -1.04
C ASP A 10 10.33 -0.90 -1.12
N PHE A 11 10.19 -0.22 0.01
CA PHE A 11 10.53 1.20 0.12
C PHE A 11 10.88 1.52 1.56
N GLN A 12 11.67 2.56 1.75
CA GLN A 12 12.11 2.95 3.09
C GLN A 12 11.58 4.31 3.49
N ALA A 13 11.18 4.44 4.76
CA ALA A 13 10.74 5.74 5.28
C ALA A 13 11.99 6.57 5.47
N THR A 14 12.23 7.48 4.56
CA THR A 14 13.43 8.28 4.61
C THR A 14 13.36 9.39 5.65
N GLU A 15 12.18 9.97 5.84
CA GLU A 15 12.01 11.02 6.82
C GLU A 15 11.18 10.55 8.01
N ALA A 16 9.87 10.66 7.87
CA ALA A 16 8.94 10.26 8.92
C ALA A 16 7.54 10.13 8.34
N HIS A 17 7.20 11.02 7.41
CA HIS A 17 5.89 10.98 6.77
C HIS A 17 5.82 9.81 5.80
N ASP A 18 7.00 9.33 5.40
CA ASP A 18 7.11 8.19 4.50
C ASP A 18 6.78 6.91 5.24
N LEU A 19 6.77 5.80 4.53
CA LEU A 19 6.46 4.52 5.16
C LEU A 19 7.25 3.39 4.48
N ARG A 20 7.56 2.35 5.25
CA ARG A 20 8.30 1.22 4.73
C ARG A 20 7.38 0.23 4.01
N LEU A 21 7.79 -0.18 2.84
CA LEU A 21 7.04 -1.13 2.05
C LEU A 21 7.80 -2.44 1.95
N GLU A 22 7.09 -3.55 1.94
CA GLU A 22 7.71 -4.85 1.81
C GLU A 22 7.20 -5.52 0.53
N ARG A 23 7.96 -6.47 0.00
CA ARG A 23 7.58 -7.16 -1.22
C ARG A 23 6.52 -8.22 -0.94
N GLY A 24 5.27 -7.78 -0.81
CA GLY A 24 4.17 -8.69 -0.54
C GLY A 24 3.56 -8.45 0.82
N GLN A 25 2.84 -7.34 0.96
CA GLN A 25 2.19 -6.98 2.23
C GLN A 25 0.80 -6.42 2.00
N GLU A 26 -0.20 -7.06 2.59
CA GLU A 26 -1.58 -6.60 2.46
C GLU A 26 -1.85 -5.49 3.47
N TYR A 27 -1.63 -4.27 3.02
CA TYR A 27 -1.81 -3.08 3.84
C TYR A 27 -3.25 -2.57 3.79
N ILE A 28 -3.54 -1.61 4.66
CA ILE A 28 -4.85 -0.98 4.73
C ILE A 28 -4.67 0.52 4.47
N ILE A 29 -5.22 1.02 3.38
CA ILE A 29 -5.08 2.42 3.02
C ILE A 29 -6.01 3.32 3.84
N LEU A 30 -5.43 4.40 4.36
CA LEU A 30 -6.15 5.36 5.18
C LEU A 30 -6.45 6.61 4.35
N GLU A 31 -5.43 7.12 3.67
CA GLU A 31 -5.57 8.31 2.84
C GLU A 31 -5.26 8.01 1.38
N LYS A 32 -6.18 8.35 0.49
CA LYS A 32 -6.02 8.11 -0.93
C LYS A 32 -6.11 9.42 -1.71
N ASN A 33 -4.96 10.03 -1.98
CA ASN A 33 -4.93 11.29 -2.71
C ASN A 33 -4.77 11.03 -4.21
N ASP A 34 -3.52 10.99 -4.67
CA ASP A 34 -3.25 10.71 -6.08
C ASP A 34 -2.66 9.31 -6.20
N LEU A 35 -2.71 8.72 -7.38
CA LEU A 35 -2.18 7.36 -7.59
C LEU A 35 -0.65 7.33 -7.57
N HIS A 36 -0.06 8.36 -7.00
CA HIS A 36 1.39 8.43 -6.88
C HIS A 36 1.77 8.42 -5.41
N TRP A 37 0.90 8.97 -4.56
CA TRP A 37 1.14 9.04 -3.12
C TRP A 37 -0.11 8.74 -2.31
N TRP A 38 -0.07 7.64 -1.55
CA TRP A 38 -1.17 7.27 -0.68
C TRP A 38 -0.70 7.21 0.76
N ARG A 39 -1.50 6.61 1.62
CA ARG A 39 -1.18 6.47 3.04
C ARG A 39 -1.77 5.15 3.52
N ALA A 40 -0.92 4.20 3.88
CA ALA A 40 -1.42 2.89 4.31
C ALA A 40 -0.80 2.39 5.61
N ARG A 41 -1.57 1.56 6.32
CA ARG A 41 -1.15 0.97 7.58
C ARG A 41 -1.23 -0.54 7.50
N ASP A 42 -0.88 -1.20 8.59
CA ASP A 42 -0.96 -2.65 8.69
C ASP A 42 -1.90 -2.98 9.85
N LYS A 43 -1.66 -2.29 10.96
CA LYS A 43 -2.47 -2.46 12.17
C LYS A 43 -3.64 -1.48 12.19
N TYR A 44 -3.75 -0.69 13.26
CA TYR A 44 -4.84 0.27 13.40
C TYR A 44 -4.36 1.73 13.42
N GLY A 45 -3.06 1.97 13.60
CA GLY A 45 -2.59 3.34 13.64
C GLY A 45 -1.10 3.48 13.85
N SER A 46 -0.42 3.96 12.80
CA SER A 46 1.03 4.20 12.75
C SER A 46 1.46 4.11 11.30
N GLU A 47 0.57 4.58 10.43
CA GLU A 47 0.77 4.53 8.99
C GLU A 47 1.68 5.64 8.48
N GLY A 48 1.79 5.71 7.16
CA GLY A 48 2.61 6.72 6.52
C GLY A 48 2.34 6.78 5.03
N TYR A 49 2.86 7.80 4.39
CA TYR A 49 2.69 8.01 2.96
C TYR A 49 3.46 6.95 2.18
N ILE A 50 2.75 6.32 1.25
CA ILE A 50 3.29 5.26 0.44
C ILE A 50 3.17 5.54 -1.05
N PRO A 51 4.24 5.36 -1.81
CA PRO A 51 4.21 5.55 -3.24
C PRO A 51 3.42 4.44 -3.90
N SER A 52 2.18 4.73 -4.23
CA SER A 52 1.26 3.77 -4.86
C SER A 52 1.90 3.06 -6.06
N ASN A 53 2.97 3.65 -6.63
CA ASN A 53 3.65 3.04 -7.76
C ASN A 53 4.29 1.72 -7.36
N TYR A 54 4.54 1.55 -6.06
CA TYR A 54 5.11 0.32 -5.53
C TYR A 54 4.01 -0.50 -4.84
N VAL A 55 2.76 -0.30 -5.24
CA VAL A 55 1.66 -1.02 -4.62
C VAL A 55 0.74 -1.66 -5.65
N THR A 56 0.05 -2.71 -5.24
CA THR A 56 -0.88 -3.44 -6.10
C THR A 56 -2.23 -3.59 -5.38
N GLY A 57 -3.30 -3.78 -6.15
CA GLY A 57 -4.60 -3.95 -5.56
C GLY A 57 -4.92 -5.42 -5.39
N LYS A 58 -6.11 -5.83 -5.82
CA LYS A 58 -6.48 -7.23 -5.74
C LYS A 58 -6.02 -7.96 -7.00
N LYS A 59 -4.76 -7.71 -7.38
CA LYS A 59 -4.19 -8.32 -8.57
C LYS A 59 -3.28 -9.47 -8.13
N SER A 60 -3.90 -10.47 -7.49
CA SER A 60 -3.17 -11.62 -6.97
C SER A 60 -2.53 -12.46 -8.09
N ASN A 61 -1.62 -13.33 -7.71
CA ASN A 61 -0.94 -14.20 -8.66
C ASN A 61 -1.54 -15.61 -8.62
N ASN A 62 -2.67 -15.74 -7.93
CA ASN A 62 -3.36 -17.03 -7.80
C ASN A 62 -3.63 -17.64 -9.16
N LEU A 63 -4.47 -16.96 -9.96
CA LEU A 63 -4.83 -17.40 -11.32
C LEU A 63 -5.78 -18.60 -11.29
N ASP A 64 -5.37 -19.66 -10.59
CA ASP A 64 -6.15 -20.90 -10.43
C ASP A 64 -6.15 -21.75 -11.71
N GLN A 65 -6.34 -21.12 -12.85
CA GLN A 65 -6.38 -21.84 -14.12
C GLN A 65 -4.97 -22.00 -14.70
N TYR A 66 -4.33 -23.13 -14.40
CA TYR A 66 -2.99 -23.42 -14.91
C TYR A 66 -2.65 -24.90 -14.71
N ASP A 67 -1.84 -25.43 -15.61
CA ASP A 67 -1.43 -26.83 -15.53
C ASP A 67 0.07 -26.95 -15.72
N GLY A 1 -10.13 -0.93 7.28
CA GLY A 1 -11.56 -0.96 6.88
C GLY A 1 -11.75 -1.00 5.38
N SER A 2 -10.98 -0.20 4.66
CA SER A 2 -11.07 -0.16 3.20
C SER A 2 -10.24 -1.26 2.53
N GLU A 3 -10.00 -1.10 1.23
CA GLU A 3 -9.23 -2.05 0.45
C GLU A 3 -7.81 -2.19 0.97
N ILE A 4 -7.28 -3.39 0.88
CA ILE A 4 -5.91 -3.62 1.32
C ILE A 4 -4.97 -3.54 0.12
N VAL A 5 -4.08 -2.56 0.15
CA VAL A 5 -3.14 -2.36 -0.93
C VAL A 5 -1.88 -3.20 -0.72
N VAL A 6 -1.72 -4.21 -1.56
CA VAL A 6 -0.59 -5.11 -1.45
C VAL A 6 0.65 -4.50 -2.12
N ALA A 7 1.67 -4.24 -1.32
CA ALA A 7 2.92 -3.67 -1.84
C ALA A 7 3.69 -4.70 -2.63
N MET A 8 4.19 -4.31 -3.80
CA MET A 8 4.96 -5.20 -4.65
C MET A 8 6.45 -5.01 -4.39
N TYR A 9 6.90 -3.78 -4.56
CA TYR A 9 8.30 -3.43 -4.34
C TYR A 9 8.45 -2.85 -2.94
N ASP A 10 9.63 -3.01 -2.36
CA ASP A 10 9.90 -2.50 -1.01
C ASP A 10 10.27 -1.03 -1.03
N PHE A 11 10.19 -0.40 0.14
CA PHE A 11 10.52 1.02 0.29
C PHE A 11 10.91 1.28 1.74
N GLN A 12 11.93 2.10 1.93
CA GLN A 12 12.42 2.41 3.27
C GLN A 12 11.90 3.76 3.75
N ALA A 13 11.51 3.82 5.02
CA ALA A 13 11.05 5.06 5.62
C ALA A 13 12.17 5.68 6.44
N THR A 14 13.13 6.28 5.76
CA THR A 14 14.27 6.89 6.43
C THR A 14 13.91 8.27 6.98
N GLU A 15 12.71 8.76 6.65
CA GLU A 15 12.28 10.06 7.14
C GLU A 15 11.29 9.91 8.29
N ALA A 16 9.99 10.00 8.00
CA ALA A 16 8.97 9.87 9.06
C ALA A 16 7.56 9.74 8.52
N HIS A 17 7.18 10.61 7.59
CA HIS A 17 5.83 10.57 7.02
C HIS A 17 5.61 9.36 6.12
N ASP A 18 6.70 8.79 5.61
CA ASP A 18 6.60 7.62 4.73
C ASP A 18 6.53 6.34 5.56
N LEU A 19 5.99 5.30 4.96
CA LEU A 19 5.89 4.02 5.64
C LEU A 19 6.69 2.99 4.87
N ARG A 20 7.21 1.99 5.57
CA ARG A 20 8.01 0.95 4.94
C ARG A 20 7.16 -0.03 4.13
N LEU A 21 7.58 -0.26 2.89
CA LEU A 21 6.90 -1.21 2.02
C LEU A 21 7.68 -2.52 1.99
N GLU A 22 6.96 -3.62 1.88
CA GLU A 22 7.58 -4.94 1.81
C GLU A 22 7.03 -5.71 0.63
N ARG A 23 7.76 -6.70 0.17
CA ARG A 23 7.32 -7.50 -0.97
C ARG A 23 6.19 -8.45 -0.56
N GLY A 24 5.00 -8.18 -1.08
CA GLY A 24 3.86 -9.02 -0.78
C GLY A 24 3.18 -8.66 0.53
N GLN A 25 3.42 -7.45 1.00
CA GLN A 25 2.82 -7.00 2.25
C GLN A 25 1.59 -6.13 1.96
N GLU A 26 0.45 -6.52 2.51
CA GLU A 26 -0.78 -5.77 2.31
C GLU A 26 -0.93 -4.67 3.36
N TYR A 27 -1.32 -3.49 2.89
CA TYR A 27 -1.51 -2.33 3.75
C TYR A 27 -2.93 -1.82 3.64
N ILE A 28 -3.36 -1.04 4.62
CA ILE A 28 -4.71 -0.52 4.60
C ILE A 28 -4.69 0.97 4.28
N ILE A 29 -5.06 1.31 3.04
CA ILE A 29 -5.07 2.70 2.60
C ILE A 29 -6.07 3.53 3.41
N LEU A 30 -5.53 4.52 4.10
CA LEU A 30 -6.32 5.42 4.95
C LEU A 30 -6.70 6.67 4.18
N GLU A 31 -5.71 7.54 3.98
CA GLU A 31 -5.93 8.80 3.29
C GLU A 31 -5.60 8.66 1.81
N LYS A 32 -6.62 8.75 0.97
CA LYS A 32 -6.44 8.65 -0.47
C LYS A 32 -6.52 10.05 -1.08
N ASN A 33 -5.63 10.94 -0.62
CA ASN A 33 -5.60 12.32 -1.09
C ASN A 33 -5.00 12.45 -2.48
N ASP A 34 -4.10 11.54 -2.81
CA ASP A 34 -3.46 11.56 -4.12
C ASP A 34 -3.52 10.16 -4.74
N LEU A 35 -3.32 10.09 -6.05
CA LEU A 35 -3.32 8.82 -6.75
C LEU A 35 -1.91 8.26 -6.79
N HIS A 36 -0.94 9.12 -6.53
CA HIS A 36 0.47 8.71 -6.54
C HIS A 36 0.93 8.38 -5.13
N TRP A 37 0.34 9.04 -4.14
CA TRP A 37 0.71 8.83 -2.75
C TRP A 37 -0.47 8.38 -1.92
N TRP A 38 -0.45 7.13 -1.49
CA TRP A 38 -1.50 6.59 -0.66
C TRP A 38 -1.03 6.41 0.78
N ARG A 39 -1.63 7.15 1.70
CA ARG A 39 -1.25 7.03 3.10
C ARG A 39 -1.96 5.82 3.69
N ALA A 40 -1.24 4.71 3.76
CA ALA A 40 -1.82 3.47 4.27
C ALA A 40 -1.26 3.11 5.64
N ARG A 41 -1.92 2.17 6.30
CA ARG A 41 -1.54 1.72 7.62
C ARG A 41 -1.08 0.26 7.58
N ASP A 42 -0.05 -0.06 8.36
CA ASP A 42 0.48 -1.42 8.41
C ASP A 42 -0.18 -2.23 9.53
N LYS A 43 0.49 -2.31 10.68
CA LYS A 43 -0.04 -3.09 11.81
C LYS A 43 -0.95 -2.28 12.74
N TYR A 44 -0.39 -1.78 13.85
CA TYR A 44 -1.18 -1.03 14.82
C TYR A 44 -0.66 0.39 15.01
N GLY A 45 -0.81 1.22 13.98
CA GLY A 45 -0.36 2.59 14.09
C GLY A 45 0.67 2.99 13.06
N SER A 46 1.18 2.01 12.32
CA SER A 46 2.18 2.28 11.29
C SER A 46 1.52 2.81 10.02
N GLU A 47 1.14 4.08 10.05
CA GLU A 47 0.49 4.71 8.91
C GLU A 47 1.37 5.78 8.29
N GLY A 48 1.41 5.83 6.97
CA GLY A 48 2.23 6.81 6.30
C GLY A 48 2.10 6.72 4.80
N TYR A 49 2.67 7.73 4.14
CA TYR A 49 2.66 7.83 2.68
C TYR A 49 3.32 6.62 2.04
N ILE A 50 2.70 6.13 0.99
CA ILE A 50 3.18 4.98 0.25
C ILE A 50 3.10 5.24 -1.24
N PRO A 51 4.21 5.06 -1.97
CA PRO A 51 4.22 5.24 -3.41
C PRO A 51 3.40 4.16 -4.09
N SER A 52 2.17 4.49 -4.42
CA SER A 52 1.25 3.57 -5.09
C SER A 52 1.88 2.94 -6.34
N ASN A 53 2.96 3.55 -6.84
CA ASN A 53 3.65 3.03 -8.00
C ASN A 53 4.27 1.67 -7.69
N TYR A 54 4.55 1.44 -6.42
CA TYR A 54 5.16 0.19 -5.96
C TYR A 54 4.12 -0.77 -5.39
N VAL A 55 2.86 -0.35 -5.30
CA VAL A 55 1.82 -1.22 -4.74
C VAL A 55 0.79 -1.62 -5.80
N THR A 56 -0.04 -2.57 -5.42
CA THR A 56 -1.11 -3.09 -6.26
C THR A 56 -2.28 -3.45 -5.38
N GLY A 57 -3.46 -3.55 -5.95
CA GLY A 57 -4.59 -3.95 -5.17
C GLY A 57 -4.54 -5.44 -4.96
N LYS A 58 -5.62 -6.05 -4.57
CA LYS A 58 -5.59 -7.49 -4.41
C LYS A 58 -5.85 -8.14 -5.76
N LYS A 59 -5.16 -7.63 -6.79
CA LYS A 59 -5.33 -8.17 -8.14
C LYS A 59 -4.65 -9.52 -8.26
N SER A 60 -3.49 -9.65 -7.59
CA SER A 60 -2.72 -10.89 -7.58
C SER A 60 -2.45 -11.41 -8.99
N ASN A 61 -1.42 -10.88 -9.62
CA ASN A 61 -1.08 -11.31 -10.97
C ASN A 61 -0.62 -12.76 -10.99
N ASN A 62 -1.42 -13.60 -11.62
CA ASN A 62 -1.13 -15.03 -11.72
C ASN A 62 -1.16 -15.44 -13.18
N LEU A 63 -2.05 -14.82 -13.92
CA LEU A 63 -2.20 -15.07 -15.34
C LEU A 63 -1.34 -14.10 -16.16
N ASP A 64 -0.04 -14.13 -15.91
CA ASP A 64 0.89 -13.24 -16.60
C ASP A 64 1.07 -13.64 -18.05
N GLN A 65 1.40 -14.90 -18.28
CA GLN A 65 1.63 -15.40 -19.63
C GLN A 65 0.34 -15.84 -20.32
N TYR A 66 0.08 -15.29 -21.50
CA TYR A 66 -1.10 -15.63 -22.28
C TYR A 66 -0.72 -16.19 -23.64
N ASP A 67 0.18 -17.16 -23.66
CA ASP A 67 0.62 -17.76 -24.90
C ASP A 67 -0.29 -18.91 -25.28
N GLY A 1 -15.40 -0.34 1.66
CA GLY A 1 -14.86 0.42 2.83
C GLY A 1 -13.37 0.61 2.74
N SER A 2 -12.65 0.26 3.80
CA SER A 2 -11.20 0.39 3.82
C SER A 2 -10.55 -0.70 2.97
N GLU A 3 -10.02 -0.32 1.82
CA GLU A 3 -9.36 -1.26 0.93
C GLU A 3 -7.99 -1.65 1.44
N ILE A 4 -7.45 -2.71 0.90
CA ILE A 4 -6.14 -3.18 1.28
C ILE A 4 -5.20 -3.15 0.07
N VAL A 5 -4.07 -2.49 0.23
CA VAL A 5 -3.10 -2.40 -0.85
C VAL A 5 -1.91 -3.31 -0.59
N VAL A 6 -1.64 -4.18 -1.53
CA VAL A 6 -0.54 -5.11 -1.41
C VAL A 6 0.74 -4.50 -2.00
N ALA A 7 1.77 -4.38 -1.17
CA ALA A 7 3.03 -3.80 -1.61
C ALA A 7 3.69 -4.72 -2.65
N MET A 8 4.03 -4.15 -3.79
CA MET A 8 4.65 -4.90 -4.88
C MET A 8 6.17 -4.85 -4.79
N TYR A 9 6.70 -3.67 -4.48
CA TYR A 9 8.14 -3.49 -4.38
C TYR A 9 8.55 -3.05 -2.98
N ASP A 10 9.81 -3.31 -2.63
CA ASP A 10 10.32 -2.92 -1.31
C ASP A 10 10.66 -1.45 -1.29
N PHE A 11 10.37 -0.82 -0.17
CA PHE A 11 10.64 0.61 0.02
C PHE A 11 11.13 0.82 1.45
N GLN A 12 12.21 1.56 1.62
CA GLN A 12 12.73 1.81 2.96
C GLN A 12 12.52 3.26 3.36
N ALA A 13 12.12 3.46 4.61
CA ALA A 13 11.89 4.79 5.13
C ALA A 13 13.07 5.23 5.98
N THR A 14 13.43 6.49 5.87
CA THR A 14 14.55 7.02 6.65
C THR A 14 14.05 8.10 7.60
N GLU A 15 12.75 8.38 7.53
CA GLU A 15 12.13 9.39 8.37
C GLU A 15 10.97 8.81 9.17
N ALA A 16 9.75 9.22 8.86
CA ALA A 16 8.58 8.74 9.57
C ALA A 16 7.31 8.80 8.73
N HIS A 17 7.06 9.95 8.11
CA HIS A 17 5.87 10.12 7.27
C HIS A 17 5.86 9.15 6.10
N ASP A 18 7.05 8.85 5.58
CA ASP A 18 7.18 7.90 4.50
C ASP A 18 7.01 6.49 5.04
N LEU A 19 6.02 5.78 4.55
CA LEU A 19 5.78 4.43 5.02
C LEU A 19 6.55 3.43 4.18
N ARG A 20 7.36 2.62 4.85
CA ARG A 20 8.18 1.63 4.17
C ARG A 20 7.33 0.47 3.64
N LEU A 21 7.83 -0.17 2.59
CA LEU A 21 7.09 -1.25 1.95
C LEU A 21 7.91 -2.53 1.83
N GLU A 22 7.21 -3.65 1.80
CA GLU A 22 7.83 -4.96 1.65
C GLU A 22 6.94 -5.80 0.75
N ARG A 23 7.50 -6.39 -0.31
CA ARG A 23 6.73 -7.21 -1.23
C ARG A 23 6.00 -8.33 -0.51
N GLY A 24 4.68 -8.38 -0.70
CA GLY A 24 3.88 -9.40 -0.05
C GLY A 24 3.13 -8.86 1.15
N GLN A 25 3.42 -7.62 1.54
CA GLN A 25 2.76 -7.01 2.68
C GLN A 25 1.46 -6.35 2.26
N GLU A 26 0.39 -6.69 2.97
CA GLU A 26 -0.92 -6.13 2.69
C GLU A 26 -1.24 -5.03 3.68
N TYR A 27 -1.28 -3.80 3.19
CA TYR A 27 -1.57 -2.64 4.03
C TYR A 27 -3.01 -2.21 3.86
N ILE A 28 -3.51 -1.42 4.79
CA ILE A 28 -4.88 -0.94 4.70
C ILE A 28 -4.87 0.56 4.40
N ILE A 29 -5.22 0.92 3.18
CA ILE A 29 -5.23 2.32 2.79
C ILE A 29 -6.36 3.07 3.49
N LEU A 30 -5.97 4.10 4.23
CA LEU A 30 -6.89 4.93 4.97
C LEU A 30 -7.32 6.12 4.13
N GLU A 31 -6.35 6.70 3.43
CA GLU A 31 -6.60 7.86 2.60
C GLU A 31 -5.85 7.74 1.28
N LYS A 32 -6.27 8.50 0.28
CA LYS A 32 -5.58 8.49 -0.99
C LYS A 32 -4.84 9.80 -1.16
N ASN A 33 -5.53 10.91 -0.93
CA ASN A 33 -4.95 12.24 -1.02
C ASN A 33 -4.46 12.48 -2.46
N ASP A 34 -3.19 12.23 -2.69
CA ASP A 34 -2.61 12.37 -4.02
C ASP A 34 -2.65 11.03 -4.72
N LEU A 35 -2.83 11.03 -6.02
CA LEU A 35 -2.90 9.79 -6.78
C LEU A 35 -1.55 9.08 -6.75
N HIS A 36 -0.50 9.82 -6.40
CA HIS A 36 0.85 9.26 -6.33
C HIS A 36 1.22 8.94 -4.88
N TRP A 37 0.81 9.82 -3.98
CA TRP A 37 1.09 9.68 -2.56
C TRP A 37 -0.15 9.26 -1.78
N TRP A 38 -0.34 7.95 -1.65
CA TRP A 38 -1.49 7.42 -0.90
C TRP A 38 -1.16 7.35 0.58
N ARG A 39 -2.05 6.73 1.35
CA ARG A 39 -1.85 6.59 2.80
C ARG A 39 -2.40 5.24 3.26
N ALA A 40 -1.53 4.38 3.78
CA ALA A 40 -1.94 3.07 4.25
C ALA A 40 -1.40 2.80 5.64
N ARG A 41 -2.01 1.86 6.34
CA ARG A 41 -1.63 1.52 7.72
C ARG A 41 -1.21 0.05 7.84
N ASP A 42 -0.24 -0.20 8.72
CA ASP A 42 0.28 -1.54 8.97
C ASP A 42 -0.57 -2.31 9.98
N LYS A 43 -0.09 -2.32 11.22
CA LYS A 43 -0.74 -3.04 12.31
C LYS A 43 -1.80 -2.23 13.06
N TYR A 44 -1.40 -1.61 14.18
CA TYR A 44 -2.34 -0.87 15.02
C TYR A 44 -2.22 0.65 14.88
N GLY A 45 -1.64 1.13 13.80
CA GLY A 45 -1.52 2.58 13.65
C GLY A 45 -0.32 3.03 12.85
N SER A 46 0.48 2.08 12.36
CA SER A 46 1.65 2.41 11.56
C SER A 46 1.20 2.85 10.17
N GLU A 47 0.74 4.08 10.06
CA GLU A 47 0.24 4.63 8.81
C GLU A 47 1.16 5.72 8.28
N GLY A 48 1.03 6.02 6.99
CA GLY A 48 1.84 7.04 6.38
C GLY A 48 1.66 7.09 4.88
N TYR A 49 2.29 8.07 4.25
CA TYR A 49 2.20 8.22 2.79
C TYR A 49 2.96 7.10 2.09
N ILE A 50 2.37 6.59 1.02
CA ILE A 50 2.97 5.50 0.28
C ILE A 50 2.88 5.75 -1.22
N PRO A 51 4.00 5.60 -1.95
CA PRO A 51 3.98 5.76 -3.38
C PRO A 51 3.35 4.53 -4.01
N SER A 52 2.09 4.65 -4.43
CA SER A 52 1.36 3.55 -5.05
C SER A 52 2.12 2.91 -6.22
N ASN A 53 3.18 3.58 -6.69
CA ASN A 53 4.00 3.02 -7.77
C ASN A 53 4.75 1.79 -7.27
N TYR A 54 4.74 1.60 -5.96
CA TYR A 54 5.41 0.47 -5.34
C TYR A 54 4.40 -0.53 -4.77
N VAL A 55 3.11 -0.23 -4.90
CA VAL A 55 2.08 -1.13 -4.38
C VAL A 55 0.97 -1.37 -5.39
N THR A 56 0.04 -2.22 -5.01
CA THR A 56 -1.11 -2.57 -5.84
C THR A 56 -2.21 -3.14 -4.96
N GLY A 57 -3.37 -2.51 -5.00
CA GLY A 57 -4.47 -3.00 -4.22
C GLY A 57 -4.92 -4.34 -4.74
N LYS A 58 -5.94 -4.91 -4.16
CA LYS A 58 -6.42 -6.19 -4.64
C LYS A 58 -7.25 -6.01 -5.90
N LYS A 59 -6.60 -5.47 -6.94
CA LYS A 59 -7.22 -5.20 -8.24
C LYS A 59 -7.91 -6.46 -8.78
N SER A 60 -7.11 -7.42 -9.24
CA SER A 60 -7.60 -8.69 -9.78
C SER A 60 -8.43 -8.51 -11.06
N ASN A 61 -9.67 -8.04 -10.91
CA ASN A 61 -10.59 -7.86 -12.03
C ASN A 61 -10.04 -6.92 -13.09
N ASN A 62 -9.92 -7.45 -14.30
CA ASN A 62 -9.41 -6.67 -15.44
C ASN A 62 -9.95 -7.23 -16.74
N LEU A 63 -10.02 -8.56 -16.82
CA LEU A 63 -10.51 -9.27 -17.99
C LEU A 63 -9.61 -9.03 -19.20
N ASP A 64 -10.19 -9.04 -20.40
CA ASP A 64 -9.41 -8.83 -21.61
C ASP A 64 -10.06 -7.77 -22.49
N GLN A 65 -9.40 -6.63 -22.62
CA GLN A 65 -9.89 -5.51 -23.43
C GLN A 65 -11.28 -5.05 -23.01
N TYR A 66 -11.39 -4.65 -21.75
CA TYR A 66 -12.64 -4.15 -21.20
C TYR A 66 -12.39 -2.89 -20.39
N ASP A 67 -13.34 -1.96 -20.45
CA ASP A 67 -13.22 -0.69 -19.73
C ASP A 67 -13.89 -0.79 -18.37
N GLY A 1 -9.28 3.18 5.69
CA GLY A 1 -10.67 2.64 5.73
C GLY A 1 -10.69 1.13 5.76
N SER A 2 -11.42 0.53 4.83
CA SER A 2 -11.52 -0.93 4.75
C SER A 2 -10.78 -1.45 3.52
N GLU A 3 -10.30 -0.53 2.70
CA GLU A 3 -9.58 -0.88 1.49
C GLU A 3 -8.16 -1.34 1.85
N ILE A 4 -7.74 -2.45 1.28
CA ILE A 4 -6.41 -2.98 1.55
C ILE A 4 -5.54 -2.96 0.30
N VAL A 5 -4.28 -2.59 0.47
CA VAL A 5 -3.35 -2.51 -0.63
C VAL A 5 -2.15 -3.43 -0.39
N VAL A 6 -1.67 -4.09 -1.44
CA VAL A 6 -0.51 -4.97 -1.29
C VAL A 6 0.73 -4.36 -1.95
N ALA A 7 1.82 -4.29 -1.19
CA ALA A 7 3.07 -3.71 -1.68
C ALA A 7 3.76 -4.68 -2.63
N MET A 8 4.28 -4.16 -3.74
CA MET A 8 4.97 -4.98 -4.72
C MET A 8 6.48 -4.82 -4.60
N TYR A 9 6.93 -3.57 -4.55
CA TYR A 9 8.36 -3.29 -4.44
C TYR A 9 8.73 -2.90 -3.01
N ASP A 10 10.02 -2.73 -2.77
CA ASP A 10 10.51 -2.36 -1.44
C ASP A 10 10.70 -0.85 -1.33
N PHE A 11 10.30 -0.29 -0.21
CA PHE A 11 10.47 1.14 0.04
C PHE A 11 10.75 1.36 1.51
N GLN A 12 11.62 2.31 1.81
CA GLN A 12 11.97 2.61 3.20
C GLN A 12 11.15 3.77 3.75
N ALA A 13 10.97 3.78 5.06
CA ALA A 13 10.23 4.84 5.72
C ALA A 13 11.20 5.82 6.36
N THR A 14 10.73 7.02 6.62
CA THR A 14 11.57 8.02 7.26
C THR A 14 11.54 7.85 8.77
N GLU A 15 10.33 7.86 9.32
CA GLU A 15 10.14 7.70 10.76
C GLU A 15 8.67 7.44 11.08
N ALA A 16 7.79 8.15 10.37
CA ALA A 16 6.35 8.00 10.56
C ALA A 16 5.57 8.56 9.37
N HIS A 17 6.14 9.58 8.72
CA HIS A 17 5.50 10.21 7.55
C HIS A 17 5.34 9.19 6.43
N ASP A 18 6.42 8.44 6.19
CA ASP A 18 6.42 7.44 5.13
C ASP A 18 6.28 6.05 5.75
N LEU A 19 5.88 5.09 4.94
CA LEU A 19 5.73 3.71 5.39
C LEU A 19 6.62 2.79 4.59
N ARG A 20 7.16 1.78 5.25
CA ARG A 20 8.01 0.81 4.58
C ARG A 20 7.16 -0.15 3.76
N LEU A 21 7.52 -0.35 2.52
CA LEU A 21 6.79 -1.26 1.67
C LEU A 21 7.51 -2.59 1.61
N GLU A 22 6.81 -3.61 2.05
CA GLU A 22 7.33 -4.96 2.07
C GLU A 22 6.81 -5.74 0.89
N ARG A 23 7.71 -6.34 0.14
CA ARG A 23 7.33 -7.11 -1.05
C ARG A 23 6.41 -8.27 -0.68
N GLY A 24 5.11 -8.06 -0.88
CA GLY A 24 4.12 -9.08 -0.57
C GLY A 24 3.31 -8.78 0.68
N GLN A 25 3.56 -7.64 1.32
CA GLN A 25 2.83 -7.27 2.54
C GLN A 25 1.58 -6.48 2.18
N GLU A 26 0.52 -6.70 2.94
CA GLU A 26 -0.74 -5.99 2.72
C GLU A 26 -0.97 -4.95 3.81
N TYR A 27 -1.41 -3.77 3.40
CA TYR A 27 -1.67 -2.68 4.32
C TYR A 27 -3.09 -2.15 4.12
N ILE A 28 -3.58 -1.38 5.09
CA ILE A 28 -4.91 -0.81 4.99
C ILE A 28 -4.80 0.68 4.73
N ILE A 29 -5.04 1.08 3.49
CA ILE A 29 -4.94 2.48 3.10
C ILE A 29 -5.97 3.37 3.80
N LEU A 30 -5.49 4.47 4.37
CA LEU A 30 -6.32 5.42 5.08
C LEU A 30 -6.56 6.67 4.25
N GLU A 31 -5.52 7.10 3.54
CA GLU A 31 -5.63 8.31 2.72
C GLU A 31 -5.17 8.08 1.29
N LYS A 32 -5.71 8.90 0.40
CA LYS A 32 -5.36 8.86 -1.01
C LYS A 32 -5.31 10.29 -1.51
N ASN A 33 -4.20 10.96 -1.24
CA ASN A 33 -4.02 12.36 -1.65
C ASN A 33 -4.12 12.45 -3.16
N ASP A 34 -3.53 11.46 -3.82
CA ASP A 34 -3.55 11.35 -5.26
C ASP A 34 -3.47 9.89 -5.62
N LEU A 35 -3.56 9.55 -6.89
CA LEU A 35 -3.47 8.15 -7.29
C LEU A 35 -2.01 7.69 -7.25
N HIS A 36 -1.11 8.66 -7.10
CA HIS A 36 0.32 8.38 -7.05
C HIS A 36 0.78 8.22 -5.60
N TRP A 37 0.35 9.14 -4.75
CA TRP A 37 0.74 9.10 -3.34
C TRP A 37 -0.43 8.72 -2.44
N TRP A 38 -0.34 7.54 -1.84
CA TRP A 38 -1.37 7.07 -0.92
C TRP A 38 -0.83 7.11 0.50
N ARG A 39 -1.57 6.50 1.42
CA ARG A 39 -1.20 6.40 2.81
C ARG A 39 -1.87 5.18 3.41
N ALA A 40 -1.09 4.22 3.89
CA ALA A 40 -1.66 3.01 4.45
C ALA A 40 -1.09 2.69 5.83
N ARG A 41 -1.82 1.87 6.58
CA ARG A 41 -1.43 1.48 7.93
C ARG A 41 -1.08 -0.01 7.96
N ASP A 42 -0.11 -0.37 8.80
CA ASP A 42 0.32 -1.75 8.93
C ASP A 42 0.13 -2.25 10.36
N LYS A 43 1.01 -1.81 11.25
CA LYS A 43 0.98 -2.22 12.65
C LYS A 43 0.07 -1.32 13.48
N TYR A 44 0.64 -0.71 14.52
CA TYR A 44 -0.11 0.18 15.39
C TYR A 44 0.50 1.57 15.34
N GLY A 45 0.33 2.23 14.20
CA GLY A 45 0.89 3.56 14.02
C GLY A 45 1.77 3.63 12.80
N SER A 46 1.95 2.48 12.13
CA SER A 46 2.76 2.42 10.92
C SER A 46 1.91 2.83 9.74
N GLU A 47 1.50 4.08 9.74
CA GLU A 47 0.67 4.62 8.68
C GLU A 47 1.32 5.84 8.07
N GLY A 48 1.60 5.77 6.77
CA GLY A 48 2.24 6.88 6.10
C GLY A 48 2.13 6.82 4.59
N TYR A 49 2.71 7.83 3.94
CA TYR A 49 2.69 7.96 2.49
C TYR A 49 3.33 6.75 1.80
N ILE A 50 2.67 6.31 0.73
CA ILE A 50 3.13 5.17 -0.04
C ILE A 50 3.03 5.45 -1.52
N PRO A 51 4.12 5.25 -2.27
CA PRO A 51 4.10 5.43 -3.71
C PRO A 51 3.37 4.27 -4.36
N SER A 52 2.13 4.50 -4.78
CA SER A 52 1.34 3.46 -5.43
C SER A 52 2.09 2.85 -6.62
N ASN A 53 3.13 3.54 -7.10
CA ASN A 53 3.93 3.03 -8.20
C ASN A 53 4.59 1.71 -7.77
N TYR A 54 4.73 1.55 -6.46
CA TYR A 54 5.29 0.35 -5.86
C TYR A 54 4.21 -0.51 -5.23
N VAL A 55 3.01 0.06 -5.03
CA VAL A 55 1.93 -0.66 -4.38
C VAL A 55 0.58 -0.53 -5.08
N THR A 56 -0.02 -1.68 -5.34
CA THR A 56 -1.34 -1.74 -5.94
C THR A 56 -2.32 -2.14 -4.86
N GLY A 57 -3.59 -2.28 -5.19
CA GLY A 57 -4.56 -2.70 -4.20
C GLY A 57 -4.43 -4.19 -3.98
N LYS A 58 -5.52 -4.90 -4.01
CA LYS A 58 -5.44 -6.34 -3.89
C LYS A 58 -5.57 -6.95 -5.28
N LYS A 59 -5.06 -6.17 -6.27
CA LYS A 59 -5.05 -6.53 -7.70
C LYS A 59 -6.21 -7.44 -8.11
N SER A 60 -7.43 -7.01 -7.82
CA SER A 60 -8.61 -7.80 -8.18
C SER A 60 -9.23 -7.25 -9.46
N ASN A 61 -8.58 -7.55 -10.58
CA ASN A 61 -9.07 -7.10 -11.88
C ASN A 61 -9.72 -8.26 -12.63
N ASN A 62 -10.13 -8.01 -13.87
CA ASN A 62 -10.83 -9.00 -14.70
C ASN A 62 -12.21 -9.26 -14.12
N LEU A 63 -12.28 -10.22 -13.19
CA LEU A 63 -13.52 -10.59 -12.50
C LEU A 63 -14.62 -11.04 -13.46
N ASP A 64 -15.39 -10.08 -14.00
CA ASP A 64 -16.51 -10.38 -14.90
C ASP A 64 -17.52 -11.24 -14.15
N GLN A 65 -18.23 -10.59 -13.22
CA GLN A 65 -19.21 -11.28 -12.38
C GLN A 65 -18.47 -12.28 -11.50
N TYR A 66 -18.82 -13.55 -11.62
CA TYR A 66 -18.17 -14.63 -10.87
C TYR A 66 -18.90 -15.93 -11.17
N ASP A 67 -20.19 -15.81 -11.43
CA ASP A 67 -21.03 -16.97 -11.73
C ASP A 67 -21.62 -16.82 -13.11
#